data_2BA3
#
_entry.id   2BA3
#
_cell.length_a   1.000
_cell.length_b   1.000
_cell.length_c   1.000
_cell.angle_alpha   90.00
_cell.angle_beta   90.00
_cell.angle_gamma   90.00
#
_symmetry.space_group_name_H-M   'P 1'
#
_entity_poly.entity_id   1
_entity_poly.type   'polypeptide(L)'
_entity_poly.pdbx_seq_one_letter_code
;SDSAVRKKSEVRQKTVVRTLRFSPVEDETIRKKAEDSGLTVSAYIRNAALN
;
_entity_poly.pdbx_strand_id   A,B
#
# COMPACT_ATOMS: atom_id res chain seq x y z
N SER A 1 -22.39 -27.05 5.59
CA SER A 1 -22.06 -28.07 6.60
C SER A 1 -21.14 -27.51 7.67
N ASP A 2 -21.66 -27.29 8.88
CA ASP A 2 -20.92 -26.77 10.03
C ASP A 2 -21.65 -27.22 11.30
N SER A 3 -21.11 -26.90 12.47
CA SER A 3 -21.68 -27.22 13.77
C SER A 3 -21.24 -26.11 14.74
N ALA A 4 -21.81 -26.05 15.93
CA ALA A 4 -21.48 -25.05 16.94
C ALA A 4 -19.98 -25.08 17.26
N VAL A 5 -19.52 -26.13 17.93
CA VAL A 5 -18.12 -26.33 18.33
C VAL A 5 -17.21 -26.79 17.16
N ARG A 6 -17.70 -26.81 15.91
CA ARG A 6 -16.90 -27.24 14.75
C ARG A 6 -17.27 -26.34 13.57
N LYS A 7 -16.71 -25.14 13.54
CA LYS A 7 -16.93 -24.14 12.50
C LYS A 7 -15.60 -23.60 11.98
N LYS A 8 -14.51 -24.35 12.09
CA LYS A 8 -13.19 -23.89 11.60
C LYS A 8 -13.11 -23.86 10.07
N SER A 9 -14.23 -24.07 9.36
CA SER A 9 -14.34 -24.07 7.91
C SER A 9 -13.98 -22.69 7.36
N GLU A 10 -14.67 -21.65 7.81
CA GLU A 10 -14.46 -20.27 7.38
C GLU A 10 -15.02 -19.32 8.44
N VAL A 11 -14.63 -18.04 8.37
CA VAL A 11 -15.04 -16.97 9.25
C VAL A 11 -15.42 -15.79 8.35
N ARG A 12 -14.46 -14.92 8.02
CA ARG A 12 -14.56 -13.72 7.20
C ARG A 12 -13.17 -13.41 6.67
N GLN A 13 -13.02 -12.61 5.62
CA GLN A 13 -11.70 -12.26 5.09
C GLN A 13 -11.15 -11.17 6.01
N LYS A 14 -10.41 -11.60 7.03
CA LYS A 14 -9.80 -10.72 8.01
C LYS A 14 -8.88 -9.75 7.28
N THR A 15 -8.06 -10.28 6.38
CA THR A 15 -7.14 -9.49 5.60
C THR A 15 -7.92 -8.84 4.46
N VAL A 16 -7.35 -7.74 4.00
CA VAL A 16 -7.87 -6.97 2.89
C VAL A 16 -6.98 -7.31 1.72
N VAL A 17 -7.54 -7.59 0.55
CA VAL A 17 -6.77 -7.91 -0.63
C VAL A 17 -7.25 -6.97 -1.73
N ARG A 18 -6.37 -6.05 -2.13
CA ARG A 18 -6.66 -5.07 -3.16
C ARG A 18 -5.42 -4.86 -4.01
N THR A 19 -5.64 -4.37 -5.23
CA THR A 19 -4.60 -4.08 -6.18
C THR A 19 -4.33 -2.60 -6.02
N LEU A 20 -3.16 -2.26 -5.47
CA LEU A 20 -2.77 -0.87 -5.25
C LEU A 20 -1.75 -0.53 -6.33
N ARG A 21 -1.74 0.73 -6.79
CA ARG A 21 -0.84 1.21 -7.83
C ARG A 21 -0.12 2.47 -7.36
N PHE A 22 0.99 2.79 -8.02
CA PHE A 22 1.82 3.96 -7.70
C PHE A 22 2.48 4.46 -8.96
N SER A 23 2.93 5.71 -9.01
CA SER A 23 3.60 6.24 -10.20
C SER A 23 5.09 5.86 -10.12
N PRO A 24 5.89 6.06 -11.20
CA PRO A 24 7.30 5.70 -11.20
C PRO A 24 8.08 6.47 -10.14
N VAL A 25 7.67 7.71 -9.87
CA VAL A 25 8.26 8.62 -8.90
C VAL A 25 8.03 8.04 -7.51
N GLU A 26 6.78 7.82 -7.11
CA GLU A 26 6.46 7.27 -5.80
C GLU A 26 7.15 5.95 -5.56
N ASP A 27 7.21 5.10 -6.58
CA ASP A 27 7.84 3.79 -6.53
C ASP A 27 9.33 3.92 -6.32
N GLU A 28 9.97 4.86 -7.02
CA GLU A 28 11.40 5.10 -6.92
C GLU A 28 11.69 5.48 -5.47
N THR A 29 10.98 6.48 -4.93
CA THR A 29 11.18 6.95 -3.58
C THR A 29 11.02 5.80 -2.59
N ILE A 30 9.87 5.13 -2.62
CA ILE A 30 9.57 4.03 -1.72
C ILE A 30 10.59 2.90 -1.84
N ARG A 31 10.98 2.51 -3.05
CA ARG A 31 11.94 1.45 -3.25
C ARG A 31 13.26 1.80 -2.57
N LYS A 32 13.75 3.03 -2.76
CA LYS A 32 15.00 3.47 -2.15
C LYS A 32 14.86 3.55 -0.64
N LYS A 33 13.72 4.03 -0.11
CA LYS A 33 13.51 4.15 1.33
C LYS A 33 13.47 2.78 2.00
N ALA A 34 12.76 1.84 1.38
CA ALA A 34 12.61 0.48 1.87
C ALA A 34 13.96 -0.23 1.96
N GLU A 35 14.71 -0.24 0.85
CA GLU A 35 16.00 -0.93 0.77
C GLU A 35 17.07 -0.34 1.69
N ASP A 36 17.08 0.98 1.87
CA ASP A 36 18.05 1.64 2.74
C ASP A 36 17.77 1.26 4.18
N SER A 37 16.49 1.22 4.54
CA SER A 37 16.07 0.89 5.89
C SER A 37 16.20 -0.60 6.18
N GLY A 38 16.38 -1.43 5.14
CA GLY A 38 16.47 -2.86 5.31
C GLY A 38 15.11 -3.42 5.67
N LEU A 39 14.03 -2.91 5.05
CA LEU A 39 12.65 -3.31 5.23
C LEU A 39 12.18 -3.56 3.81
N THR A 40 11.43 -4.63 3.57
CA THR A 40 10.94 -4.86 2.23
C THR A 40 9.87 -3.79 1.97
N VAL A 41 9.60 -3.47 0.72
CA VAL A 41 8.62 -2.46 0.34
C VAL A 41 7.25 -2.73 0.98
N SER A 42 6.78 -3.97 1.05
CA SER A 42 5.48 -4.26 1.65
C SER A 42 5.46 -3.85 3.13
N ALA A 43 6.50 -4.23 3.88
CA ALA A 43 6.64 -3.88 5.29
C ALA A 43 6.77 -2.38 5.40
N TYR A 44 7.59 -1.74 4.55
CA TYR A 44 7.80 -0.30 4.56
C TYR A 44 6.45 0.43 4.45
N ILE A 45 5.61 0.03 3.48
CA ILE A 45 4.29 0.60 3.23
C ILE A 45 3.41 0.53 4.49
N ARG A 46 3.06 -0.67 4.94
CA ARG A 46 2.22 -0.86 6.12
C ARG A 46 2.84 -0.20 7.34
N ASN A 47 4.16 -0.28 7.52
CA ASN A 47 4.87 0.34 8.63
C ASN A 47 4.61 1.83 8.64
N ALA A 48 4.93 2.52 7.54
CA ALA A 48 4.73 3.96 7.43
C ALA A 48 3.25 4.33 7.60
N ALA A 49 2.35 3.46 7.15
CA ALA A 49 0.92 3.70 7.25
C ALA A 49 0.40 3.66 8.69
N LEU A 50 1.06 2.93 9.61
CA LEU A 50 0.63 2.80 11.00
C LEU A 50 1.43 3.71 11.93
N ASN A 51 2.69 3.95 11.59
CA ASN A 51 3.61 4.80 12.35
C ASN A 51 3.33 6.24 11.99
N SER B 1 5.50 -3.24 -35.21
CA SER B 1 5.13 -2.08 -36.04
C SER B 1 5.31 -0.79 -35.24
N ASP B 2 6.16 0.12 -35.69
CA ASP B 2 6.43 1.39 -35.01
C ASP B 2 7.13 2.35 -35.97
N SER B 3 7.56 3.50 -35.45
CA SER B 3 8.31 4.55 -36.11
C SER B 3 9.01 5.31 -34.99
N ALA B 4 10.13 5.97 -35.29
CA ALA B 4 10.90 6.73 -34.29
C ALA B 4 10.05 7.75 -33.52
N VAL B 5 9.09 8.41 -34.19
CA VAL B 5 8.20 9.40 -33.60
C VAL B 5 6.77 8.85 -33.35
N ARG B 6 6.52 7.56 -33.61
CA ARG B 6 5.20 6.95 -33.40
C ARG B 6 5.38 5.64 -32.64
N LYS B 7 5.78 5.77 -31.37
CA LYS B 7 5.98 4.66 -30.47
C LYS B 7 5.36 5.07 -29.14
N LYS B 8 4.03 4.97 -29.08
CA LYS B 8 3.21 5.29 -27.92
C LYS B 8 2.35 4.08 -27.56
N SER B 9 2.54 2.94 -28.21
CA SER B 9 1.80 1.71 -28.00
C SER B 9 1.99 1.23 -26.56
N GLU B 10 3.21 0.86 -26.16
CA GLU B 10 3.50 0.40 -24.81
C GLU B 10 4.99 0.64 -24.52
N VAL B 11 5.33 1.86 -24.09
CA VAL B 11 6.71 2.24 -23.77
C VAL B 11 7.22 1.38 -22.60
N ARG B 12 6.57 1.51 -21.45
CA ARG B 12 6.87 0.79 -20.21
C ARG B 12 5.75 1.08 -19.23
N GLN B 13 5.43 0.12 -18.37
CA GLN B 13 4.40 0.29 -17.36
C GLN B 13 5.09 1.11 -16.29
N LYS B 14 4.92 2.43 -16.36
CA LYS B 14 5.50 3.31 -15.38
C LYS B 14 4.78 3.10 -14.05
N THR B 15 3.48 2.81 -14.08
CA THR B 15 2.76 2.57 -12.86
C THR B 15 3.16 1.18 -12.40
N VAL B 16 3.04 1.01 -11.10
CA VAL B 16 3.30 -0.25 -10.43
C VAL B 16 1.92 -0.84 -10.21
N VAL B 17 1.83 -2.16 -10.11
CA VAL B 17 0.60 -2.89 -9.88
C VAL B 17 0.97 -4.09 -9.02
N ARG B 18 0.43 -4.12 -7.81
CA ARG B 18 0.71 -5.20 -6.88
C ARG B 18 -0.44 -5.38 -5.90
N THR B 19 -0.48 -6.56 -5.29
CA THR B 19 -1.48 -6.92 -4.31
C THR B 19 -0.84 -6.66 -2.95
N LEU B 20 -1.31 -5.65 -2.23
CA LEU B 20 -0.78 -5.29 -0.92
C LEU B 20 -1.84 -5.69 0.10
N ARG B 21 -1.56 -6.74 0.88
CA ARG B 21 -2.48 -7.23 1.89
C ARG B 21 -2.26 -6.49 3.21
N PHE B 22 -3.31 -6.41 4.03
CA PHE B 22 -3.26 -5.74 5.34
C PHE B 22 -4.09 -6.55 6.32
N SER B 23 -3.67 -6.64 7.58
CA SER B 23 -4.39 -7.40 8.60
C SER B 23 -5.66 -6.63 9.01
N PRO B 24 -6.63 -7.21 9.74
CA PRO B 24 -7.85 -6.49 10.11
C PRO B 24 -7.57 -5.36 11.12
N VAL B 25 -6.59 -5.56 12.00
CA VAL B 25 -6.21 -4.58 13.00
C VAL B 25 -5.67 -3.34 12.27
N GLU B 26 -4.70 -3.56 11.36
CA GLU B 26 -4.08 -2.50 10.57
C GLU B 26 -5.12 -1.84 9.66
N ASP B 27 -5.95 -2.64 9.00
CA ASP B 27 -7.00 -2.20 8.09
C ASP B 27 -7.98 -1.25 8.77
N GLU B 28 -8.41 -1.57 9.98
CA GLU B 28 -9.32 -0.74 10.75
C GLU B 28 -8.62 0.58 11.06
N THR B 29 -7.36 0.56 11.51
CA THR B 29 -6.61 1.78 11.81
C THR B 29 -6.44 2.63 10.56
N ILE B 30 -6.02 2.03 9.45
CA ILE B 30 -5.82 2.73 8.18
C ILE B 30 -7.18 3.29 7.72
N ARG B 31 -8.27 2.54 7.90
CA ARG B 31 -9.59 3.03 7.52
C ARG B 31 -9.95 4.24 8.38
N LYS B 32 -9.60 4.24 9.65
CA LYS B 32 -9.89 5.32 10.59
C LYS B 32 -9.06 6.56 10.32
N LYS B 33 -7.74 6.43 10.15
CA LYS B 33 -6.89 7.58 9.90
C LYS B 33 -7.25 8.16 8.54
N ALA B 34 -7.39 7.34 7.49
CA ALA B 34 -7.75 7.80 6.15
C ALA B 34 -9.03 8.64 6.20
N GLU B 35 -10.11 8.07 6.73
CA GLU B 35 -11.40 8.75 6.81
C GLU B 35 -11.35 10.01 7.68
N ASP B 36 -10.62 9.98 8.80
CA ASP B 36 -10.53 11.14 9.67
C ASP B 36 -9.72 12.25 8.99
N SER B 37 -8.70 11.88 8.23
CA SER B 37 -7.87 12.82 7.49
C SER B 37 -8.65 13.32 6.27
N GLY B 38 -9.77 12.68 5.92
CA GLY B 38 -10.59 13.03 4.78
C GLY B 38 -9.94 12.57 3.48
N LEU B 39 -9.15 11.49 3.51
CA LEU B 39 -8.47 10.92 2.37
C LEU B 39 -8.95 9.48 2.21
N THR B 40 -8.78 8.95 1.01
CA THR B 40 -9.13 7.57 0.74
C THR B 40 -7.93 6.77 1.26
N VAL B 41 -8.16 5.54 1.67
CA VAL B 41 -7.14 4.61 2.17
C VAL B 41 -5.94 4.59 1.20
N SER B 42 -6.16 4.57 -0.12
CA SER B 42 -5.08 4.56 -1.10
C SER B 42 -4.19 5.82 -0.96
N ALA B 43 -4.80 7.01 -0.95
CA ALA B 43 -4.09 8.28 -0.80
C ALA B 43 -3.36 8.29 0.52
N TYR B 44 -4.01 7.82 1.59
CA TYR B 44 -3.40 7.78 2.90
C TYR B 44 -2.13 6.93 2.84
N ILE B 45 -2.20 5.72 2.28
CA ILE B 45 -1.07 4.80 2.16
C ILE B 45 0.07 5.48 1.41
N ARG B 46 -0.17 5.89 0.16
CA ARG B 46 0.84 6.52 -0.66
C ARG B 46 1.46 7.72 0.03
N ASN B 47 0.65 8.62 0.58
CA ASN B 47 1.09 9.83 1.26
C ASN B 47 1.96 9.52 2.47
N ALA B 48 1.49 8.66 3.37
CA ALA B 48 2.22 8.29 4.58
C ALA B 48 3.55 7.62 4.24
N ALA B 49 3.59 6.83 3.17
CA ALA B 49 4.79 6.13 2.78
C ALA B 49 5.83 7.02 2.08
N LEU B 50 5.41 8.13 1.47
CA LEU B 50 6.31 9.05 0.77
C LEU B 50 6.93 10.05 1.73
N ASN B 51 6.12 10.54 2.66
CA ASN B 51 6.54 11.51 3.67
C ASN B 51 7.23 10.78 4.80
N SER A 1 -3.75 -23.58 33.22
CA SER A 1 -4.29 -22.62 32.24
C SER A 1 -3.92 -23.10 30.85
N ASP A 2 -4.86 -22.95 29.92
CA ASP A 2 -4.88 -23.29 28.51
C ASP A 2 -6.10 -22.49 27.99
N SER A 3 -6.43 -22.50 26.71
CA SER A 3 -7.55 -21.76 26.16
C SER A 3 -8.09 -22.59 25.00
N ALA A 4 -9.37 -23.01 25.07
CA ALA A 4 -9.99 -23.84 24.03
C ALA A 4 -9.82 -23.24 22.63
N VAL A 5 -9.73 -21.92 22.52
CA VAL A 5 -9.55 -21.16 21.29
C VAL A 5 -8.17 -21.39 20.63
N ARG A 6 -7.35 -22.30 21.15
CA ARG A 6 -6.02 -22.64 20.64
C ARG A 6 -6.10 -23.21 19.21
N LYS A 7 -7.31 -23.48 18.69
CA LYS A 7 -7.61 -23.97 17.35
C LYS A 7 -8.59 -22.98 16.74
N LYS A 8 -8.75 -22.96 15.42
CA LYS A 8 -9.64 -22.05 14.72
C LYS A 8 -10.32 -22.75 13.56
N SER A 9 -11.62 -22.99 13.66
CA SER A 9 -12.40 -23.64 12.60
C SER A 9 -12.74 -22.60 11.53
N GLU A 10 -13.51 -21.58 11.90
CA GLU A 10 -13.93 -20.49 11.04
C GLU A 10 -12.73 -19.70 10.51
N VAL A 11 -12.86 -19.16 9.31
CA VAL A 11 -11.88 -18.34 8.62
C VAL A 11 -12.67 -17.25 7.88
N ARG A 12 -12.13 -16.03 7.80
CA ARG A 12 -12.79 -14.94 7.10
C ARG A 12 -11.72 -14.08 6.48
N GLN A 13 -12.10 -13.22 5.53
CA GLN A 13 -11.14 -12.33 4.89
C GLN A 13 -10.97 -11.12 5.80
N LYS A 14 -10.32 -11.39 6.93
CA LYS A 14 -9.98 -10.47 8.01
C LYS A 14 -9.03 -9.41 7.47
N THR A 15 -8.12 -9.87 6.62
CA THR A 15 -7.12 -9.09 5.96
C THR A 15 -7.77 -8.35 4.77
N VAL A 16 -7.03 -7.43 4.19
CA VAL A 16 -7.43 -6.65 3.04
C VAL A 16 -6.73 -7.27 1.82
N VAL A 17 -7.27 -7.04 0.63
CA VAL A 17 -6.72 -7.53 -0.63
C VAL A 17 -7.15 -6.51 -1.67
N ARG A 18 -6.21 -5.71 -2.16
CA ARG A 18 -6.54 -4.68 -3.15
C ARG A 18 -5.34 -4.35 -4.03
N THR A 19 -5.59 -4.03 -5.30
CA THR A 19 -4.54 -3.64 -6.22
C THR A 19 -4.21 -2.20 -5.85
N LEU A 20 -2.96 -1.94 -5.46
CA LEU A 20 -2.51 -0.63 -5.09
C LEU A 20 -1.31 -0.23 -5.95
N ARG A 21 -1.49 0.77 -6.80
CA ARG A 21 -0.48 1.30 -7.71
C ARG A 21 0.17 2.54 -7.14
N PHE A 22 1.34 2.88 -7.70
CA PHE A 22 2.16 4.04 -7.33
C PHE A 22 2.79 4.57 -8.63
N SER A 23 3.09 5.86 -8.74
CA SER A 23 3.71 6.44 -9.94
C SER A 23 5.21 6.06 -9.97
N PRO A 24 6.02 6.38 -11.00
CA PRO A 24 7.43 5.98 -11.03
C PRO A 24 8.26 6.68 -9.96
N VAL A 25 8.05 7.99 -9.78
CA VAL A 25 8.78 8.77 -8.79
C VAL A 25 8.43 8.24 -7.39
N GLU A 26 7.15 7.95 -7.18
CA GLU A 26 6.64 7.44 -5.92
C GLU A 26 7.27 6.08 -5.63
N ASP A 27 7.27 5.21 -6.64
CA ASP A 27 7.81 3.85 -6.59
C ASP A 27 9.28 3.85 -6.28
N GLU A 28 10.04 4.66 -7.00
CA GLU A 28 11.48 4.75 -6.82
C GLU A 28 11.75 5.26 -5.40
N THR A 29 11.02 6.28 -4.93
CA THR A 29 11.19 6.81 -3.59
C THR A 29 10.89 5.68 -2.59
N ILE A 30 9.72 5.04 -2.67
CA ILE A 30 9.34 3.96 -1.76
C ILE A 30 10.37 2.83 -1.81
N ARG A 31 10.83 2.43 -2.99
CA ARG A 31 11.81 1.37 -3.15
C ARG A 31 13.13 1.77 -2.49
N LYS A 32 13.64 2.98 -2.74
CA LYS A 32 14.89 3.44 -2.15
C LYS A 32 14.75 3.51 -0.63
N LYS A 33 13.66 4.09 -0.11
CA LYS A 33 13.47 4.20 1.33
C LYS A 33 13.32 2.82 1.96
N ALA A 34 12.53 1.92 1.35
CA ALA A 34 12.32 0.56 1.83
C ALA A 34 13.66 -0.17 1.94
N GLU A 35 14.39 -0.21 0.82
CA GLU A 35 15.66 -0.88 0.72
C GLU A 35 16.70 -0.30 1.69
N ASP A 36 16.74 1.02 1.84
CA ASP A 36 17.66 1.73 2.73
C ASP A 36 17.31 1.44 4.18
N SER A 37 16.03 1.19 4.46
CA SER A 37 15.52 0.86 5.79
C SER A 37 15.73 -0.64 6.05
N GLY A 38 16.18 -1.42 5.06
CA GLY A 38 16.38 -2.85 5.21
C GLY A 38 15.04 -3.56 5.35
N LEU A 39 13.98 -3.02 4.75
CA LEU A 39 12.63 -3.54 4.78
C LEU A 39 12.19 -3.75 3.34
N THR A 40 11.20 -4.60 3.17
CA THR A 40 10.62 -4.87 1.88
C THR A 40 9.58 -3.77 1.70
N VAL A 41 9.35 -3.33 0.46
CA VAL A 41 8.38 -2.31 0.10
C VAL A 41 7.03 -2.58 0.77
N SER A 42 6.57 -3.84 0.85
CA SER A 42 5.31 -4.18 1.49
C SER A 42 5.32 -3.78 2.99
N ALA A 43 6.38 -4.16 3.71
CA ALA A 43 6.58 -3.86 5.13
C ALA A 43 6.74 -2.36 5.33
N TYR A 44 7.48 -1.70 4.45
CA TYR A 44 7.72 -0.26 4.49
C TYR A 44 6.36 0.44 4.42
N ILE A 45 5.54 0.10 3.41
CA ILE A 45 4.21 0.67 3.21
C ILE A 45 3.37 0.56 4.48
N ARG A 46 3.15 -0.66 4.97
CA ARG A 46 2.33 -0.85 6.17
C ARG A 46 2.90 -0.13 7.39
N ASN A 47 4.21 -0.20 7.61
CA ASN A 47 4.86 0.45 8.75
C ASN A 47 4.63 1.95 8.72
N ALA A 48 4.93 2.60 7.60
CA ALA A 48 4.77 4.04 7.42
C ALA A 48 3.29 4.45 7.53
N ALA A 49 2.37 3.54 7.16
CA ALA A 49 0.93 3.79 7.20
C ALA A 49 0.32 3.64 8.60
N LEU A 50 1.00 3.01 9.56
CA LEU A 50 0.46 2.82 10.90
C LEU A 50 1.05 3.80 11.90
N ASN A 51 2.36 4.02 11.82
CA ASN A 51 3.08 4.92 12.71
C ASN A 51 2.77 6.35 12.34
N SER B 1 7.28 29.11 -27.12
CA SER B 1 7.91 28.11 -26.25
C SER B 1 6.80 27.23 -25.68
N ASP B 2 6.89 25.93 -25.87
CA ASP B 2 5.96 24.90 -25.42
C ASP B 2 6.82 23.63 -25.26
N SER B 3 6.34 22.42 -25.57
CA SER B 3 7.10 21.19 -25.49
C SER B 3 6.52 20.23 -26.53
N ALA B 4 7.34 19.77 -27.48
CA ALA B 4 6.89 18.83 -28.51
C ALA B 4 6.32 17.55 -27.87
N VAL B 5 6.86 17.16 -26.73
CA VAL B 5 6.49 16.01 -25.92
C VAL B 5 5.11 16.17 -25.25
N ARG B 6 4.30 17.16 -25.65
CA ARG B 6 2.95 17.47 -25.15
C ARG B 6 1.93 16.37 -25.53
N LYS B 7 2.39 15.30 -26.19
CA LYS B 7 1.66 14.12 -26.63
C LYS B 7 2.66 12.97 -26.43
N LYS B 8 2.21 11.71 -26.45
CA LYS B 8 3.07 10.57 -26.22
C LYS B 8 2.74 9.38 -27.12
N SER B 9 3.66 9.08 -28.03
CA SER B 9 3.58 7.97 -28.97
C SER B 9 3.76 6.63 -28.25
N GLU B 10 4.12 6.65 -26.97
CA GLU B 10 4.35 5.47 -26.16
C GLU B 10 3.94 5.69 -24.72
N VAL B 11 3.68 4.57 -24.05
CA VAL B 11 3.32 4.46 -22.64
C VAL B 11 4.02 3.20 -22.18
N ARG B 12 4.46 3.19 -20.93
CA ARG B 12 5.16 2.08 -20.32
C ARG B 12 4.56 1.84 -18.96
N GLN B 13 4.90 0.73 -18.30
CA GLN B 13 4.38 0.43 -16.98
C GLN B 13 5.25 1.13 -15.93
N LYS B 14 5.28 2.45 -16.04
CA LYS B 14 6.02 3.36 -15.17
C LYS B 14 5.50 3.25 -13.73
N THR B 15 4.25 2.79 -13.59
CA THR B 15 3.58 2.61 -12.32
C THR B 15 4.00 1.28 -11.70
N VAL B 16 3.32 0.89 -10.63
CA VAL B 16 3.52 -0.34 -9.88
C VAL B 16 2.19 -1.04 -9.90
N VAL B 17 2.19 -2.36 -9.98
CA VAL B 17 0.96 -3.11 -9.97
C VAL B 17 1.18 -4.42 -9.21
N ARG B 18 0.76 -4.38 -7.95
CA ARG B 18 0.85 -5.51 -7.03
C ARG B 18 -0.37 -5.48 -6.12
N THR B 19 -0.76 -6.63 -5.59
CA THR B 19 -1.87 -6.78 -4.66
C THR B 19 -1.23 -6.61 -3.29
N LEU B 20 -1.82 -5.83 -2.40
CA LEU B 20 -1.28 -5.64 -1.05
C LEU B 20 -2.24 -6.20 -0.02
N ARG B 21 -1.71 -6.57 1.14
CA ARG B 21 -2.44 -7.16 2.27
C ARG B 21 -2.15 -6.37 3.54
N PHE B 22 -3.12 -6.34 4.45
CA PHE B 22 -3.05 -5.67 5.75
C PHE B 22 -3.85 -6.51 6.74
N SER B 23 -3.43 -6.61 8.00
CA SER B 23 -4.12 -7.38 9.05
C SER B 23 -5.45 -6.70 9.40
N PRO B 24 -6.34 -7.33 10.20
CA PRO B 24 -7.63 -6.72 10.53
C PRO B 24 -7.50 -5.45 11.37
N VAL B 25 -6.65 -5.48 12.39
CA VAL B 25 -6.41 -4.36 13.28
C VAL B 25 -5.74 -3.22 12.49
N GLU B 26 -4.82 -3.57 11.58
CA GLU B 26 -4.10 -2.62 10.74
C GLU B 26 -5.10 -1.96 9.79
N ASP B 27 -6.03 -2.72 9.23
CA ASP B 27 -7.06 -2.22 8.32
C ASP B 27 -7.94 -1.23 9.04
N GLU B 28 -8.45 -1.57 10.22
CA GLU B 28 -9.29 -0.70 11.04
C GLU B 28 -8.54 0.60 11.34
N THR B 29 -7.25 0.49 11.68
CA THR B 29 -6.44 1.65 11.99
C THR B 29 -6.31 2.52 10.74
N ILE B 30 -5.77 1.98 9.66
CA ILE B 30 -5.56 2.69 8.41
C ILE B 30 -6.86 3.25 7.84
N ARG B 31 -7.96 2.52 7.94
CA ARG B 31 -9.25 2.94 7.44
C ARG B 31 -9.73 4.13 8.25
N LYS B 32 -9.68 4.03 9.59
CA LYS B 32 -10.12 5.12 10.46
C LYS B 32 -9.27 6.34 10.18
N LYS B 33 -7.95 6.19 10.12
CA LYS B 33 -7.05 7.30 9.86
C LYS B 33 -7.31 7.89 8.49
N ALA B 34 -7.49 7.08 7.45
CA ALA B 34 -7.76 7.58 6.11
C ALA B 34 -9.04 8.42 6.13
N GLU B 35 -10.10 7.85 6.71
CA GLU B 35 -11.40 8.47 6.82
C GLU B 35 -11.34 9.79 7.61
N ASP B 36 -10.63 9.79 8.75
CA ASP B 36 -10.47 10.93 9.63
C ASP B 36 -9.61 12.01 8.96
N SER B 37 -8.60 11.59 8.20
CA SER B 37 -7.67 12.43 7.45
C SER B 37 -8.38 13.02 6.23
N GLY B 38 -9.58 12.54 5.89
CA GLY B 38 -10.35 12.99 4.76
C GLY B 38 -9.68 12.59 3.45
N LEU B 39 -8.91 11.52 3.43
CA LEU B 39 -8.20 11.01 2.27
C LEU B 39 -8.68 9.59 2.03
N THR B 40 -8.82 9.21 0.78
CA THR B 40 -9.20 7.85 0.44
C THR B 40 -8.04 6.97 0.93
N VAL B 41 -8.34 5.75 1.39
CA VAL B 41 -7.36 4.79 1.87
C VAL B 41 -6.16 4.68 0.92
N SER B 42 -6.41 4.47 -0.37
CA SER B 42 -5.32 4.34 -1.33
C SER B 42 -4.40 5.58 -1.36
N ALA B 43 -4.94 6.78 -1.09
CA ALA B 43 -4.18 8.03 -1.03
C ALA B 43 -3.45 8.10 0.31
N TYR B 44 -4.09 7.71 1.43
CA TYR B 44 -3.49 7.73 2.75
C TYR B 44 -2.22 6.88 2.72
N ILE B 45 -2.30 5.65 2.24
CA ILE B 45 -1.15 4.74 2.14
C ILE B 45 0.01 5.38 1.38
N ARG B 46 -0.21 5.74 0.11
CA ARG B 46 0.83 6.33 -0.74
C ARG B 46 1.42 7.59 -0.09
N ASN B 47 0.56 8.45 0.46
CA ASN B 47 0.96 9.69 1.09
C ASN B 47 1.89 9.45 2.26
N ALA B 48 1.47 8.64 3.24
CA ALA B 48 2.23 8.33 4.43
C ALA B 48 3.57 7.66 4.12
N ALA B 49 3.61 6.85 3.06
CA ALA B 49 4.79 6.13 2.66
C ALA B 49 5.86 7.00 2.01
N LEU B 50 5.49 8.14 1.43
CA LEU B 50 6.42 9.04 0.77
C LEU B 50 6.83 10.21 1.61
N ASN B 51 5.85 10.81 2.29
CA ASN B 51 6.00 11.98 3.11
C ASN B 51 6.19 11.52 4.52
N SER A 1 -2.41 -16.27 29.50
CA SER A 1 -1.78 -16.59 30.80
C SER A 1 -2.60 -17.76 31.33
N ASP A 2 -3.35 -17.56 32.40
CA ASP A 2 -4.26 -18.48 33.07
C ASP A 2 -5.34 -18.95 32.09
N SER A 3 -5.86 -18.02 31.29
CA SER A 3 -6.89 -18.26 30.31
C SER A 3 -6.76 -17.24 29.16
N ALA A 4 -7.70 -17.33 28.22
CA ALA A 4 -7.86 -16.52 27.03
C ALA A 4 -9.29 -16.75 26.51
N VAL A 5 -10.25 -15.90 26.90
CA VAL A 5 -11.64 -16.03 26.46
C VAL A 5 -11.78 -15.75 24.95
N ARG A 6 -10.91 -14.89 24.39
CA ARG A 6 -10.96 -14.55 22.97
C ARG A 6 -10.56 -15.80 22.18
N LYS A 7 -11.10 -15.96 20.97
CA LYS A 7 -10.86 -17.10 20.11
C LYS A 7 -10.64 -16.67 18.66
N LYS A 8 -10.28 -17.63 17.81
CA LYS A 8 -9.98 -17.46 16.38
C LYS A 8 -10.90 -18.34 15.52
N SER A 9 -12.10 -18.63 15.99
CA SER A 9 -13.10 -19.44 15.28
C SER A 9 -13.73 -18.68 14.09
N GLU A 10 -13.58 -17.36 14.04
CA GLU A 10 -14.12 -16.52 12.97
C GLU A 10 -13.29 -16.73 11.70
N VAL A 11 -13.77 -17.63 10.85
CA VAL A 11 -13.17 -18.01 9.59
C VAL A 11 -13.20 -16.92 8.52
N ARG A 12 -14.01 -15.86 8.66
CA ARG A 12 -14.04 -14.82 7.64
C ARG A 12 -12.66 -14.19 7.53
N GLN A 13 -12.16 -14.07 6.30
CA GLN A 13 -10.86 -13.51 5.97
C GLN A 13 -10.73 -12.12 6.59
N LYS A 14 -10.04 -12.05 7.74
CA LYS A 14 -9.82 -10.83 8.51
C LYS A 14 -8.80 -9.91 7.83
N THR A 15 -7.93 -10.47 7.00
CA THR A 15 -6.96 -9.68 6.26
C THR A 15 -7.72 -8.91 5.17
N VAL A 16 -6.98 -8.21 4.32
CA VAL A 16 -7.49 -7.41 3.23
C VAL A 16 -6.66 -7.81 2.01
N VAL A 17 -7.16 -7.58 0.80
CA VAL A 17 -6.45 -7.90 -0.43
C VAL A 17 -6.89 -6.88 -1.47
N ARG A 18 -5.96 -6.05 -1.97
CA ARG A 18 -6.27 -5.04 -2.98
C ARG A 18 -5.04 -4.73 -3.81
N THR A 19 -5.25 -4.14 -4.97
CA THR A 19 -4.19 -3.75 -5.89
C THR A 19 -4.09 -2.23 -5.77
N LEU A 20 -2.91 -1.66 -5.53
CA LEU A 20 -2.70 -0.23 -5.37
C LEU A 20 -1.57 0.23 -6.30
N ARG A 21 -1.87 1.16 -7.20
CA ARG A 21 -0.93 1.72 -8.18
C ARG A 21 -0.12 2.85 -7.55
N PHE A 22 1.06 3.13 -8.11
CA PHE A 22 1.97 4.19 -7.68
C PHE A 22 2.65 4.77 -8.93
N SER A 23 3.11 6.01 -8.86
CA SER A 23 3.80 6.69 -9.97
C SER A 23 5.27 6.22 -10.00
N PRO A 24 6.08 6.54 -11.04
CA PRO A 24 7.46 6.08 -11.12
C PRO A 24 8.32 6.64 -9.99
N VAL A 25 8.34 7.97 -9.85
CA VAL A 25 9.11 8.64 -8.83
C VAL A 25 8.68 8.17 -7.44
N GLU A 26 7.38 8.02 -7.21
CA GLU A 26 6.83 7.59 -5.94
C GLU A 26 7.30 6.17 -5.60
N ASP A 27 7.14 5.24 -6.55
CA ASP A 27 7.55 3.85 -6.39
C ASP A 27 9.03 3.77 -6.13
N GLU A 28 9.83 4.49 -6.91
CA GLU A 28 11.28 4.54 -6.80
C GLU A 28 11.67 5.01 -5.40
N THR A 29 11.00 6.06 -4.89
CA THR A 29 11.25 6.60 -3.56
C THR A 29 10.98 5.50 -2.52
N ILE A 30 9.79 4.87 -2.58
CA ILE A 30 9.40 3.81 -1.65
C ILE A 30 10.40 2.66 -1.74
N ARG A 31 10.77 2.23 -2.94
CA ARG A 31 11.70 1.14 -3.17
C ARG A 31 13.06 1.46 -2.57
N LYS A 32 13.53 2.70 -2.70
CA LYS A 32 14.82 3.12 -2.15
C LYS A 32 14.77 3.14 -0.64
N LYS A 33 13.78 3.81 -0.03
CA LYS A 33 13.69 3.90 1.42
C LYS A 33 13.53 2.52 2.04
N ALA A 34 12.68 1.69 1.46
CA ALA A 34 12.42 0.33 1.92
C ALA A 34 13.74 -0.45 1.97
N GLU A 35 14.45 -0.46 0.83
CA GLU A 35 15.70 -1.18 0.69
C GLU A 35 16.79 -0.66 1.62
N ASP A 36 16.88 0.66 1.75
CA ASP A 36 17.83 1.36 2.59
C ASP A 36 17.58 0.98 4.05
N SER A 37 16.30 0.86 4.42
CA SER A 37 15.88 0.46 5.75
C SER A 37 16.00 -1.07 5.90
N GLY A 38 16.26 -1.78 4.81
CA GLY A 38 16.39 -3.21 4.74
C GLY A 38 15.10 -3.93 5.09
N LEU A 39 13.93 -3.31 4.89
CA LEU A 39 12.63 -3.90 5.17
C LEU A 39 11.95 -3.96 3.82
N THR A 40 11.26 -5.04 3.49
CA THR A 40 10.57 -5.14 2.21
C THR A 40 9.60 -3.96 2.09
N VAL A 41 9.32 -3.53 0.85
CA VAL A 41 8.39 -2.44 0.57
C VAL A 41 7.06 -2.73 1.27
N SER A 42 6.63 -3.99 1.33
CA SER A 42 5.37 -4.35 1.98
C SER A 42 5.37 -4.01 3.49
N ALA A 43 6.54 -4.05 4.15
CA ALA A 43 6.69 -3.71 5.56
C ALA A 43 6.78 -2.20 5.63
N TYR A 44 7.60 -1.58 4.77
CA TYR A 44 7.80 -0.15 4.71
C TYR A 44 6.43 0.56 4.65
N ILE A 45 5.59 0.15 3.68
CA ILE A 45 4.25 0.67 3.44
C ILE A 45 3.41 0.62 4.71
N ARG A 46 3.15 -0.59 5.22
CA ARG A 46 2.32 -0.78 6.40
C ARG A 46 2.85 0.04 7.57
N ASN A 47 4.15 -0.02 7.85
CA ASN A 47 4.77 0.69 8.95
C ASN A 47 4.56 2.20 8.86
N ALA A 48 4.85 2.79 7.69
CA ALA A 48 4.69 4.22 7.46
C ALA A 48 3.21 4.62 7.52
N ALA A 49 2.29 3.73 7.13
CA ALA A 49 0.86 3.97 7.13
C ALA A 49 0.24 3.90 8.54
N LEU A 50 0.73 3.01 9.40
CA LEU A 50 0.21 2.81 10.75
C LEU A 50 0.65 3.88 11.74
N ASN A 51 1.93 4.22 11.70
CA ASN A 51 2.50 5.25 12.58
C ASN A 51 1.90 6.61 12.32
N SER B 1 8.56 25.66 -19.64
CA SER B 1 8.61 27.13 -19.57
C SER B 1 8.67 27.59 -21.02
N ASP B 2 9.58 28.48 -21.36
CA ASP B 2 9.86 29.03 -22.69
C ASP B 2 10.14 27.86 -23.63
N SER B 3 10.81 26.84 -23.09
CA SER B 3 11.19 25.60 -23.69
C SER B 3 11.12 24.55 -22.58
N ALA B 4 11.38 23.29 -22.94
CA ALA B 4 11.38 22.12 -22.08
C ALA B 4 11.86 20.94 -22.92
N VAL B 5 13.17 20.71 -22.97
CA VAL B 5 13.79 19.61 -23.73
C VAL B 5 13.28 18.22 -23.33
N ARG B 6 12.72 18.05 -22.12
CA ARG B 6 12.20 16.78 -21.64
C ARG B 6 11.03 16.34 -22.52
N LYS B 7 10.83 15.02 -22.67
CA LYS B 7 9.76 14.44 -23.47
C LYS B 7 9.20 13.23 -22.72
N LYS B 8 8.29 12.46 -23.34
CA LYS B 8 7.64 11.30 -22.73
C LYS B 8 7.64 10.09 -23.68
N SER B 9 8.73 9.85 -24.41
CA SER B 9 8.85 8.74 -25.35
C SER B 9 8.89 7.35 -24.70
N GLU B 10 8.98 7.28 -23.38
CA GLU B 10 9.07 6.04 -22.61
C GLU B 10 7.67 5.48 -22.37
N VAL B 11 7.12 4.83 -23.39
CA VAL B 11 5.80 4.21 -23.38
C VAL B 11 5.70 3.01 -22.41
N ARG B 12 6.81 2.53 -21.83
CA ARG B 12 6.78 1.40 -20.90
C ARG B 12 5.99 1.81 -19.66
N GLN B 13 5.39 0.84 -18.96
CA GLN B 13 4.61 1.12 -17.76
C GLN B 13 5.51 1.79 -16.71
N LYS B 14 5.26 3.06 -16.46
CA LYS B 14 6.01 3.84 -15.47
C LYS B 14 5.42 3.65 -14.09
N THR B 15 4.12 3.35 -14.02
CA THR B 15 3.41 3.10 -12.79
C THR B 15 3.83 1.70 -12.29
N VAL B 16 3.11 1.20 -11.30
CA VAL B 16 3.33 -0.09 -10.71
C VAL B 16 1.96 -0.68 -10.42
N VAL B 17 1.87 -2.01 -10.38
CA VAL B 17 0.65 -2.74 -10.09
C VAL B 17 1.06 -3.93 -9.23
N ARG B 18 0.60 -3.96 -7.98
CA ARG B 18 0.92 -5.09 -7.08
C ARG B 18 -0.24 -5.26 -6.12
N THR B 19 -0.49 -6.49 -5.69
CA THR B 19 -1.58 -6.82 -4.78
C THR B 19 -0.98 -7.00 -3.39
N LEU B 20 -1.37 -6.15 -2.43
CA LEU B 20 -0.88 -6.18 -1.06
C LEU B 20 -2.02 -6.51 -0.10
N ARG B 21 -1.69 -6.98 1.11
CA ARG B 21 -2.64 -7.31 2.14
C ARG B 21 -2.30 -6.58 3.43
N PHE B 22 -3.27 -6.52 4.34
CA PHE B 22 -3.16 -5.88 5.63
C PHE B 22 -3.87 -6.74 6.66
N SER B 23 -3.38 -6.78 7.89
CA SER B 23 -3.98 -7.53 8.98
C SER B 23 -5.25 -6.76 9.41
N PRO B 24 -6.15 -7.31 10.25
CA PRO B 24 -7.37 -6.62 10.64
C PRO B 24 -7.10 -5.32 11.40
N VAL B 25 -6.18 -5.34 12.36
CA VAL B 25 -5.82 -4.18 13.16
C VAL B 25 -5.18 -3.10 12.28
N GLU B 26 -4.33 -3.52 11.33
CA GLU B 26 -3.65 -2.61 10.43
C GLU B 26 -4.67 -1.86 9.58
N ASP B 27 -5.57 -2.63 8.96
CA ASP B 27 -6.64 -2.15 8.10
C ASP B 27 -7.56 -1.21 8.85
N GLU B 28 -7.97 -1.60 10.05
CA GLU B 28 -8.85 -0.83 10.91
C GLU B 28 -8.20 0.53 11.18
N THR B 29 -6.91 0.55 11.54
CA THR B 29 -6.18 1.78 11.81
C THR B 29 -6.15 2.65 10.54
N ILE B 30 -5.62 2.11 9.45
CA ILE B 30 -5.48 2.83 8.18
C ILE B 30 -6.82 3.39 7.73
N ARG B 31 -7.89 2.59 7.80
CA ARG B 31 -9.22 3.01 7.39
C ARG B 31 -9.69 4.18 8.24
N LYS B 32 -9.56 4.09 9.57
CA LYS B 32 -10.02 5.16 10.44
C LYS B 32 -9.20 6.41 10.20
N LYS B 33 -7.87 6.32 10.13
CA LYS B 33 -6.99 7.46 9.92
C LYS B 33 -7.34 8.15 8.61
N ALA B 34 -7.47 7.37 7.54
CA ALA B 34 -7.81 7.84 6.21
C ALA B 34 -9.12 8.60 6.24
N GLU B 35 -10.18 7.94 6.72
CA GLU B 35 -11.53 8.49 6.77
C GLU B 35 -11.62 9.71 7.68
N ASP B 36 -10.86 9.74 8.77
CA ASP B 36 -10.82 10.84 9.72
C ASP B 36 -10.19 12.04 9.03
N SER B 37 -9.12 11.82 8.26
CA SER B 37 -8.42 12.87 7.53
C SER B 37 -9.28 13.33 6.35
N GLY B 38 -10.15 12.46 5.83
CA GLY B 38 -11.03 12.73 4.70
C GLY B 38 -10.46 12.21 3.39
N LEU B 39 -9.23 11.68 3.41
CA LEU B 39 -8.53 11.15 2.27
C LEU B 39 -8.93 9.69 2.16
N THR B 40 -9.05 9.23 0.93
CA THR B 40 -9.36 7.84 0.66
C THR B 40 -8.14 7.03 1.10
N VAL B 41 -8.33 5.81 1.59
CA VAL B 41 -7.25 4.93 2.03
C VAL B 41 -6.16 4.84 0.95
N SER B 42 -6.50 4.80 -0.34
CA SER B 42 -5.49 4.71 -1.39
C SER B 42 -4.56 5.94 -1.38
N ALA B 43 -5.10 7.13 -1.11
CA ALA B 43 -4.38 8.39 -1.03
C ALA B 43 -3.58 8.41 0.27
N TYR B 44 -4.19 7.96 1.36
CA TYR B 44 -3.56 7.90 2.67
C TYR B 44 -2.28 7.06 2.57
N ILE B 45 -2.36 5.85 1.98
CA ILE B 45 -1.23 4.94 1.81
C ILE B 45 -0.06 5.64 1.13
N ARG B 46 -0.23 6.10 -0.12
CA ARG B 46 0.81 6.78 -0.89
C ARG B 46 1.36 7.99 -0.15
N ASN B 47 0.50 8.85 0.38
CA ASN B 47 0.94 10.05 1.08
C ASN B 47 1.81 9.69 2.28
N ALA B 48 1.31 8.81 3.16
CA ALA B 48 2.02 8.39 4.35
C ALA B 48 3.31 7.64 4.02
N ALA B 49 3.35 6.90 2.91
CA ALA B 49 4.54 6.16 2.51
C ALA B 49 5.66 7.10 2.11
N LEU B 50 5.33 8.21 1.44
CA LEU B 50 6.32 9.18 1.00
C LEU B 50 6.74 10.08 2.14
N ASN B 51 5.78 10.50 2.96
CA ASN B 51 5.98 11.39 4.09
C ASN B 51 6.09 10.62 5.39
N SER A 1 -18.26 -6.89 36.50
CA SER A 1 -17.45 -7.48 35.40
C SER A 1 -18.46 -8.08 34.46
N ASP A 2 -19.12 -7.15 33.77
CA ASP A 2 -20.24 -7.34 32.89
C ASP A 2 -20.00 -6.78 31.47
N SER A 3 -18.95 -5.98 31.29
CA SER A 3 -18.59 -5.39 30.02
C SER A 3 -18.00 -6.49 29.13
N ALA A 4 -18.64 -6.79 27.99
CA ALA A 4 -18.18 -7.83 27.07
C ALA A 4 -17.38 -7.25 25.88
N VAL A 5 -17.41 -5.94 25.66
CA VAL A 5 -16.74 -5.17 24.58
C VAL A 5 -16.71 -5.93 23.24
N ARG A 6 -17.84 -6.52 22.85
CA ARG A 6 -17.94 -7.26 21.59
C ARG A 6 -17.84 -6.25 20.45
N LYS A 7 -17.02 -6.51 19.45
CA LYS A 7 -16.83 -5.61 18.30
C LYS A 7 -16.68 -6.38 16.98
N LYS A 8 -16.34 -7.67 17.03
CA LYS A 8 -16.18 -8.52 15.86
C LYS A 8 -16.36 -9.95 16.34
N SER A 9 -17.61 -10.40 16.39
CA SER A 9 -17.96 -11.75 16.83
C SER A 9 -17.16 -12.78 16.04
N GLU A 10 -17.09 -12.59 14.72
CA GLU A 10 -16.35 -13.42 13.77
C GLU A 10 -16.00 -12.54 12.58
N VAL A 11 -15.00 -12.95 11.78
CA VAL A 11 -14.58 -12.22 10.59
C VAL A 11 -14.17 -13.28 9.58
N ARG A 12 -15.03 -13.53 8.58
CA ARG A 12 -14.80 -14.53 7.53
C ARG A 12 -13.43 -14.27 6.90
N GLN A 13 -13.22 -13.03 6.47
CA GLN A 13 -12.01 -12.54 5.84
C GLN A 13 -11.47 -11.40 6.71
N LYS A 14 -10.68 -11.77 7.72
CA LYS A 14 -10.08 -10.81 8.63
C LYS A 14 -9.06 -9.92 7.91
N THR A 15 -8.33 -10.49 6.95
CA THR A 15 -7.35 -9.77 6.16
C THR A 15 -8.07 -9.02 5.04
N VAL A 16 -7.34 -8.12 4.40
CA VAL A 16 -7.76 -7.30 3.28
C VAL A 16 -6.85 -7.65 2.11
N VAL A 17 -7.31 -7.41 0.88
CA VAL A 17 -6.55 -7.68 -0.33
C VAL A 17 -6.91 -6.57 -1.32
N ARG A 18 -5.92 -5.83 -1.82
CA ARG A 18 -6.14 -4.75 -2.78
C ARG A 18 -4.87 -4.55 -3.61
N THR A 19 -5.03 -3.83 -4.71
CA THR A 19 -3.99 -3.47 -5.65
C THR A 19 -3.75 -1.98 -5.45
N LEU A 20 -2.51 -1.52 -5.37
CA LEU A 20 -2.22 -0.11 -5.19
C LEU A 20 -1.20 0.32 -6.23
N ARG A 21 -1.69 1.11 -7.18
CA ARG A 21 -0.89 1.66 -8.25
C ARG A 21 -0.10 2.84 -7.67
N PHE A 22 1.08 3.11 -8.21
CA PHE A 22 1.96 4.20 -7.82
C PHE A 22 2.63 4.69 -9.11
N SER A 23 3.18 5.90 -9.10
CA SER A 23 3.87 6.50 -10.24
C SER A 23 5.37 6.19 -10.16
N PRO A 24 6.17 6.42 -11.21
CA PRO A 24 7.61 6.12 -11.20
C PRO A 24 8.39 6.93 -10.16
N VAL A 25 7.93 8.14 -9.85
CA VAL A 25 8.56 9.02 -8.86
C VAL A 25 8.34 8.39 -7.48
N GLU A 26 7.09 8.10 -7.15
CA GLU A 26 6.68 7.49 -5.89
C GLU A 26 7.34 6.13 -5.70
N ASP A 27 7.37 5.32 -6.75
CA ASP A 27 7.94 3.99 -6.80
C ASP A 27 9.43 4.05 -6.53
N GLU A 28 10.16 4.93 -7.19
CA GLU A 28 11.59 5.09 -6.99
C GLU A 28 11.83 5.47 -5.53
N THR A 29 11.02 6.36 -4.97
CA THR A 29 11.13 6.81 -3.59
C THR A 29 10.92 5.62 -2.65
N ILE A 30 9.75 4.98 -2.70
CA ILE A 30 9.40 3.85 -1.86
C ILE A 30 10.39 2.71 -2.03
N ARG A 31 10.86 2.43 -3.24
CA ARG A 31 11.81 1.35 -3.48
C ARG A 31 13.17 1.69 -2.88
N LYS A 32 13.59 2.96 -2.93
CA LYS A 32 14.87 3.38 -2.38
C LYS A 32 14.80 3.32 -0.86
N LYS A 33 13.74 3.90 -0.28
CA LYS A 33 13.53 3.96 1.15
C LYS A 33 13.36 2.58 1.74
N ALA A 34 12.55 1.71 1.12
CA ALA A 34 12.35 0.37 1.63
C ALA A 34 13.69 -0.37 1.67
N GLU A 35 14.40 -0.42 0.53
CA GLU A 35 15.67 -1.13 0.45
C GLU A 35 16.73 -0.54 1.39
N ASP A 36 16.77 0.79 1.54
CA ASP A 36 17.72 1.47 2.42
C ASP A 36 17.36 1.19 3.88
N SER A 37 16.07 1.13 4.19
CA SER A 37 15.56 0.83 5.52
C SER A 37 15.77 -0.67 5.80
N GLY A 38 16.21 -1.46 4.80
CA GLY A 38 16.47 -2.88 4.88
C GLY A 38 15.19 -3.71 5.00
N LEU A 39 14.01 -3.08 4.88
CA LEU A 39 12.71 -3.70 4.97
C LEU A 39 12.20 -3.87 3.55
N THR A 40 11.23 -4.74 3.38
CA THR A 40 10.66 -4.94 2.06
C THR A 40 9.65 -3.81 1.81
N VAL A 41 9.39 -3.48 0.54
CA VAL A 41 8.44 -2.46 0.12
C VAL A 41 7.08 -2.69 0.79
N SER A 42 6.64 -3.94 0.92
CA SER A 42 5.38 -4.28 1.55
C SER A 42 5.39 -3.84 3.02
N ALA A 43 6.44 -4.19 3.77
CA ALA A 43 6.65 -3.85 5.18
C ALA A 43 6.70 -2.34 5.33
N TYR A 44 7.49 -1.67 4.50
CA TYR A 44 7.68 -0.23 4.50
C TYR A 44 6.32 0.46 4.46
N ILE A 45 5.44 0.04 3.53
CA ILE A 45 4.11 0.59 3.36
C ILE A 45 3.30 0.44 4.66
N ARG A 46 3.01 -0.79 5.09
CA ARG A 46 2.23 -1.05 6.29
C ARG A 46 2.79 -0.35 7.51
N ASN A 47 4.11 -0.33 7.68
CA ASN A 47 4.78 0.32 8.79
C ASN A 47 4.50 1.82 8.77
N ALA A 48 4.81 2.49 7.65
CA ALA A 48 4.62 3.92 7.49
C ALA A 48 3.16 4.33 7.62
N ALA A 49 2.23 3.44 7.24
CA ALA A 49 0.80 3.70 7.31
C ALA A 49 0.24 3.59 8.73
N LEU A 50 0.85 2.80 9.61
CA LEU A 50 0.34 2.65 10.97
C LEU A 50 0.96 3.72 11.86
N ASN A 51 2.27 3.94 11.69
CA ASN A 51 3.02 4.93 12.44
C ASN A 51 2.44 6.30 12.13
N SER B 1 27.47 23.10 -20.02
CA SER B 1 26.08 22.58 -19.99
C SER B 1 26.12 21.39 -20.92
N ASP B 2 26.71 20.33 -20.38
CA ASP B 2 27.05 19.11 -21.08
C ASP B 2 26.52 17.85 -20.40
N SER B 3 26.05 17.94 -19.16
CA SER B 3 25.50 16.78 -18.46
C SER B 3 24.17 16.45 -19.13
N ALA B 4 24.07 15.24 -19.70
CA ALA B 4 22.86 14.80 -20.37
C ALA B 4 21.70 14.49 -19.41
N VAL B 5 21.97 14.35 -18.10
CA VAL B 5 21.00 14.04 -17.03
C VAL B 5 20.00 12.94 -17.43
N ARG B 6 20.51 11.83 -17.99
CA ARG B 6 19.68 10.69 -18.39
C ARG B 6 19.77 9.66 -17.28
N LYS B 7 18.69 8.89 -17.10
CA LYS B 7 18.61 7.84 -16.06
C LYS B 7 17.63 6.75 -16.45
N LYS B 8 16.54 7.12 -17.14
CA LYS B 8 15.48 6.27 -17.63
C LYS B 8 15.15 6.85 -19.00
N SER B 9 15.74 6.35 -20.08
CA SER B 9 15.48 6.87 -21.43
C SER B 9 13.98 6.76 -21.72
N GLU B 10 13.45 5.54 -21.64
CA GLU B 10 12.06 5.23 -21.86
C GLU B 10 11.63 4.21 -20.80
N VAL B 11 10.33 4.05 -20.57
CA VAL B 11 9.78 3.12 -19.59
C VAL B 11 8.45 2.58 -20.13
N ARG B 12 8.34 1.24 -20.24
CA ARG B 12 7.14 0.57 -20.75
C ARG B 12 5.97 0.75 -19.79
N GLN B 13 6.14 0.32 -18.53
CA GLN B 13 5.14 0.40 -17.47
C GLN B 13 5.74 1.25 -16.35
N LYS B 14 5.51 2.56 -16.41
CA LYS B 14 6.01 3.51 -15.42
C LYS B 14 5.33 3.28 -14.06
N THR B 15 4.07 2.87 -14.06
CA THR B 15 3.34 2.62 -12.85
C THR B 15 3.80 1.32 -12.17
N VAL B 16 3.24 1.06 -11.00
CA VAL B 16 3.47 -0.10 -10.16
C VAL B 16 2.13 -0.82 -10.06
N VAL B 17 2.13 -2.14 -9.97
CA VAL B 17 0.92 -2.94 -9.85
C VAL B 17 1.32 -4.12 -8.97
N ARG B 18 0.84 -4.13 -7.73
CA ARG B 18 1.15 -5.21 -6.80
C ARG B 18 0.01 -5.40 -5.83
N THR B 19 0.04 -6.51 -5.12
CA THR B 19 -0.99 -6.85 -4.14
C THR B 19 -0.40 -6.64 -2.75
N LEU B 20 -1.24 -6.21 -1.82
CA LEU B 20 -0.89 -6.01 -0.44
C LEU B 20 -2.02 -6.59 0.39
N ARG B 21 -1.61 -7.18 1.51
CA ARG B 21 -2.46 -7.81 2.49
C ARG B 21 -2.31 -6.98 3.75
N PHE B 22 -3.40 -6.81 4.49
CA PHE B 22 -3.40 -6.04 5.72
C PHE B 22 -4.21 -6.85 6.72
N SER B 23 -3.78 -6.88 7.97
CA SER B 23 -4.45 -7.61 9.05
C SER B 23 -5.72 -6.84 9.47
N PRO B 24 -6.63 -7.44 10.27
CA PRO B 24 -7.87 -6.77 10.67
C PRO B 24 -7.64 -5.56 11.57
N VAL B 25 -6.58 -5.55 12.35
CA VAL B 25 -6.23 -4.48 13.26
C VAL B 25 -5.70 -3.31 12.42
N GLU B 26 -4.79 -3.61 11.50
CA GLU B 26 -4.18 -2.65 10.60
C GLU B 26 -5.27 -2.00 9.75
N ASP B 27 -6.22 -2.80 9.25
CA ASP B 27 -7.33 -2.33 8.43
C ASP B 27 -8.21 -1.40 9.25
N GLU B 28 -8.61 -1.82 10.46
CA GLU B 28 -9.44 -1.05 11.38
C GLU B 28 -8.75 0.27 11.79
N THR B 29 -7.43 0.38 11.57
CA THR B 29 -6.67 1.58 11.89
C THR B 29 -6.64 2.44 10.63
N ILE B 30 -6.07 1.93 9.55
CA ILE B 30 -5.93 2.63 8.28
C ILE B 30 -7.29 3.08 7.71
N ARG B 31 -8.37 2.36 7.98
CA ARG B 31 -9.68 2.73 7.47
C ARG B 31 -10.21 3.96 8.21
N LYS B 32 -9.88 4.10 9.50
CA LYS B 32 -10.32 5.21 10.33
C LYS B 32 -9.49 6.47 10.11
N LYS B 33 -8.16 6.38 10.17
CA LYS B 33 -7.28 7.54 10.01
C LYS B 33 -7.46 8.17 8.65
N ALA B 34 -7.57 7.36 7.59
CA ALA B 34 -7.76 7.81 6.22
C ALA B 34 -9.05 8.61 6.13
N GLU B 35 -10.16 8.01 6.58
CA GLU B 35 -11.46 8.66 6.53
C GLU B 35 -11.50 9.95 7.36
N ASP B 36 -10.82 9.98 8.50
CA ASP B 36 -10.75 11.14 9.38
C ASP B 36 -9.90 12.24 8.73
N SER B 37 -8.87 11.87 7.98
CA SER B 37 -7.98 12.78 7.29
C SER B 37 -8.59 13.29 5.99
N GLY B 38 -9.75 12.79 5.58
CA GLY B 38 -10.38 13.20 4.33
C GLY B 38 -9.56 12.73 3.13
N LEU B 39 -8.70 11.72 3.30
CA LEU B 39 -7.84 11.14 2.27
C LEU B 39 -8.34 9.72 2.11
N THR B 40 -8.60 9.28 0.89
CA THR B 40 -9.06 7.91 0.72
C THR B 40 -7.92 6.98 1.16
N VAL B 41 -8.24 5.77 1.61
CA VAL B 41 -7.26 4.76 2.04
C VAL B 41 -6.14 4.63 1.00
N SER B 42 -6.43 4.65 -0.29
CA SER B 42 -5.38 4.53 -1.29
C SER B 42 -4.39 5.71 -1.23
N ALA B 43 -4.89 6.92 -0.94
CA ALA B 43 -4.11 8.15 -0.81
C ALA B 43 -3.35 8.17 0.52
N TYR B 44 -3.98 7.81 1.63
CA TYR B 44 -3.31 7.79 2.94
C TYR B 44 -2.07 6.89 2.86
N ILE B 45 -2.15 5.73 2.19
CA ILE B 45 -1.02 4.82 2.05
C ILE B 45 0.15 5.56 1.37
N ARG B 46 -0.02 5.99 0.12
CA ARG B 46 1.02 6.68 -0.64
C ARG B 46 1.51 7.92 0.11
N ASN B 47 0.63 8.75 0.63
CA ASN B 47 0.98 9.96 1.35
C ASN B 47 1.93 9.64 2.49
N ALA B 48 1.54 8.72 3.38
CA ALA B 48 2.33 8.30 4.52
C ALA B 48 3.64 7.62 4.12
N ALA B 49 3.66 6.96 2.95
CA ALA B 49 4.82 6.26 2.42
C ALA B 49 5.86 7.19 1.78
N LEU B 50 5.50 8.44 1.48
CA LEU B 50 6.41 9.39 0.85
C LEU B 50 6.79 10.55 1.77
N ASN B 51 5.85 11.01 2.60
CA ASN B 51 6.04 12.13 3.50
C ASN B 51 6.34 11.70 4.91
N SER A 1 -11.80 -38.29 -2.60
CA SER A 1 -12.02 -37.58 -3.87
C SER A 1 -11.97 -36.07 -3.66
N ASP A 2 -11.70 -35.30 -4.71
CA ASP A 2 -11.62 -33.84 -4.74
C ASP A 2 -12.31 -33.35 -6.04
N SER A 3 -12.26 -32.07 -6.40
CA SER A 3 -12.88 -31.54 -7.62
C SER A 3 -11.89 -30.74 -8.45
N ALA A 4 -12.28 -30.37 -9.68
CA ALA A 4 -11.45 -29.59 -10.59
C ALA A 4 -11.35 -28.11 -10.18
N VAL A 5 -12.22 -27.66 -9.27
CA VAL A 5 -12.28 -26.32 -8.72
C VAL A 5 -12.35 -26.50 -7.21
N ARG A 6 -11.38 -25.93 -6.50
CA ARG A 6 -11.29 -26.02 -5.06
C ARG A 6 -12.14 -24.94 -4.41
N LYS A 7 -11.90 -23.67 -4.77
CA LYS A 7 -12.54 -22.44 -4.29
C LYS A 7 -13.01 -22.58 -2.84
N LYS A 8 -12.06 -22.89 -1.95
CA LYS A 8 -12.28 -23.08 -0.53
C LYS A 8 -11.44 -22.01 0.14
N SER A 9 -12.09 -21.02 0.70
CA SER A 9 -11.49 -19.87 1.36
C SER A 9 -11.94 -19.77 2.81
N GLU A 10 -11.35 -18.85 3.58
CA GLU A 10 -11.71 -18.62 4.97
C GLU A 10 -13.05 -17.86 4.90
N VAL A 11 -14.05 -18.29 5.67
CA VAL A 11 -15.39 -17.70 5.70
C VAL A 11 -15.39 -16.17 5.76
N ARG A 12 -14.51 -15.59 6.58
CA ARG A 12 -14.36 -14.16 6.76
C ARG A 12 -12.97 -13.81 6.26
N GLN A 13 -12.84 -13.03 5.19
CA GLN A 13 -11.51 -12.65 4.71
C GLN A 13 -11.11 -11.48 5.61
N LYS A 14 -10.53 -11.79 6.77
CA LYS A 14 -10.11 -10.81 7.77
C LYS A 14 -9.07 -9.85 7.20
N THR A 15 -8.30 -10.28 6.20
CA THR A 15 -7.29 -9.46 5.58
C THR A 15 -7.93 -8.70 4.41
N VAL A 16 -7.27 -7.63 4.01
CA VAL A 16 -7.67 -6.77 2.90
C VAL A 16 -6.84 -7.27 1.72
N VAL A 17 -7.39 -7.24 0.52
CA VAL A 17 -6.71 -7.65 -0.69
C VAL A 17 -7.19 -6.70 -1.77
N ARG A 18 -6.31 -5.78 -2.18
CA ARG A 18 -6.66 -4.78 -3.18
C ARG A 18 -5.51 -4.52 -4.12
N THR A 19 -5.86 -3.92 -5.26
CA THR A 19 -4.97 -3.54 -6.32
C THR A 19 -4.59 -2.10 -6.03
N LEU A 20 -3.38 -1.89 -5.52
CA LEU A 20 -2.86 -0.58 -5.18
C LEU A 20 -1.75 -0.23 -6.16
N ARG A 21 -2.01 0.76 -7.01
CA ARG A 21 -1.08 1.26 -8.00
C ARG A 21 -0.31 2.44 -7.46
N PHE A 22 0.92 2.62 -7.96
CA PHE A 22 1.84 3.69 -7.61
C PHE A 22 2.32 4.34 -8.91
N SER A 23 3.16 5.36 -8.82
CA SER A 23 3.71 6.08 -9.97
C SER A 23 5.23 5.79 -10.05
N PRO A 24 5.97 6.22 -11.09
CA PRO A 24 7.39 5.92 -11.20
C PRO A 24 8.26 6.61 -10.14
N VAL A 25 8.07 7.91 -9.96
CA VAL A 25 8.84 8.69 -9.00
C VAL A 25 8.49 8.23 -7.56
N GLU A 26 7.21 7.89 -7.31
CA GLU A 26 6.77 7.44 -6.00
C GLU A 26 7.45 6.11 -5.69
N ASP A 27 7.35 5.18 -6.63
CA ASP A 27 7.93 3.86 -6.55
C ASP A 27 9.43 3.93 -6.33
N GLU A 28 10.11 4.80 -7.07
CA GLU A 28 11.55 4.97 -6.94
C GLU A 28 11.89 5.44 -5.53
N THR A 29 11.15 6.42 -5.00
CA THR A 29 11.35 6.95 -3.67
C THR A 29 11.16 5.84 -2.63
N ILE A 30 9.99 5.20 -2.64
CA ILE A 30 9.61 4.14 -1.71
C ILE A 30 10.58 2.98 -1.80
N ARG A 31 10.98 2.57 -2.99
CA ARG A 31 11.91 1.47 -3.19
C ARG A 31 13.24 1.76 -2.56
N LYS A 32 13.81 2.95 -2.81
CA LYS A 32 15.10 3.30 -2.24
C LYS A 32 15.01 3.34 -0.72
N LYS A 33 13.98 4.00 -0.18
CA LYS A 33 13.82 4.12 1.25
C LYS A 33 13.60 2.75 1.91
N ALA A 34 12.76 1.90 1.31
CA ALA A 34 12.47 0.57 1.80
C ALA A 34 13.74 -0.27 1.86
N GLU A 35 14.48 -0.33 0.75
CA GLU A 35 15.71 -1.11 0.66
C GLU A 35 16.78 -0.57 1.61
N ASP A 36 16.85 0.76 1.79
CA ASP A 36 17.80 1.42 2.68
C ASP A 36 17.47 1.08 4.12
N SER A 37 16.19 1.14 4.47
CA SER A 37 15.71 0.82 5.81
C SER A 37 15.77 -0.70 6.04
N GLY A 38 15.94 -1.48 4.97
CA GLY A 38 16.03 -2.91 5.01
C GLY A 38 14.71 -3.64 5.19
N LEU A 39 13.57 -2.95 5.11
CA LEU A 39 12.24 -3.52 5.25
C LEU A 39 11.63 -3.33 3.87
N THR A 40 11.28 -4.42 3.21
CA THR A 40 10.69 -4.43 1.88
C THR A 40 9.54 -3.44 1.76
N VAL A 41 9.21 -3.04 0.52
CA VAL A 41 8.17 -2.08 0.20
C VAL A 41 6.88 -2.38 0.97
N SER A 42 6.41 -3.62 1.06
CA SER A 42 5.18 -3.90 1.79
C SER A 42 5.30 -3.54 3.28
N ALA A 43 6.43 -3.85 3.91
CA ALA A 43 6.70 -3.53 5.30
C ALA A 43 6.82 -2.02 5.43
N TYR A 44 7.62 -1.37 4.59
CA TYR A 44 7.81 0.08 4.59
C TYR A 44 6.43 0.76 4.54
N ILE A 45 5.60 0.36 3.57
CA ILE A 45 4.25 0.86 3.34
C ILE A 45 3.41 0.72 4.61
N ARG A 46 3.17 -0.52 5.06
CA ARG A 46 2.33 -0.74 6.25
C ARG A 46 2.89 -0.03 7.47
N ASN A 47 4.19 -0.12 7.72
CA ASN A 47 4.86 0.48 8.86
C ASN A 47 4.66 1.98 8.87
N ALA A 48 4.96 2.66 7.76
CA ALA A 48 4.83 4.09 7.60
C ALA A 48 3.36 4.54 7.60
N ALA A 49 2.43 3.66 7.21
CA ALA A 49 1.02 3.99 7.18
C ALA A 49 0.39 3.88 8.57
N LEU A 50 0.75 2.84 9.32
CA LEU A 50 0.22 2.60 10.65
C LEU A 50 0.79 3.56 11.67
N ASN A 51 2.10 3.78 11.62
CA ASN A 51 2.79 4.65 12.56
C ASN A 51 2.58 6.09 12.21
N SER B 1 -12.37 -3.35 -37.06
CA SER B 1 -11.78 -4.67 -37.32
C SER B 1 -11.08 -5.16 -36.06
N ASP B 2 -11.80 -5.85 -35.17
CA ASP B 2 -11.25 -6.35 -33.93
C ASP B 2 -11.39 -7.86 -33.85
N SER B 3 -10.57 -8.44 -32.99
CA SER B 3 -10.49 -9.84 -32.69
C SER B 3 -11.40 -10.13 -31.50
N ALA B 4 -11.55 -11.41 -31.14
CA ALA B 4 -12.36 -11.81 -29.99
C ALA B 4 -11.69 -11.40 -28.67
N VAL B 5 -10.50 -10.78 -28.72
CA VAL B 5 -9.70 -10.31 -27.60
C VAL B 5 -9.08 -8.96 -28.00
N ARG B 6 -8.46 -8.24 -27.05
CA ARG B 6 -7.83 -6.94 -27.26
C ARG B 6 -6.45 -6.88 -26.62
N LYS B 7 -6.36 -7.09 -25.30
CA LYS B 7 -5.13 -7.07 -24.49
C LYS B 7 -4.09 -6.05 -24.96
N LYS B 8 -4.33 -4.75 -24.74
CA LYS B 8 -3.43 -3.68 -25.16
C LYS B 8 -2.91 -2.90 -23.94
N SER B 9 -1.75 -3.29 -23.44
CA SER B 9 -1.04 -2.72 -22.30
C SER B 9 -0.16 -1.54 -22.78
N GLU B 10 0.60 -0.92 -21.87
CA GLU B 10 1.51 0.18 -22.19
C GLU B 10 2.91 -0.43 -22.36
N VAL B 11 3.80 0.26 -23.09
CA VAL B 11 5.17 -0.17 -23.37
C VAL B 11 5.98 -0.35 -22.07
N ARG B 12 6.27 0.74 -21.37
CA ARG B 12 7.03 0.72 -20.13
C ARG B 12 6.04 0.99 -19.01
N GLN B 13 5.63 -0.05 -18.30
CA GLN B 13 4.70 0.06 -17.20
C GLN B 13 5.40 0.86 -16.09
N LYS B 14 5.02 2.14 -15.96
CA LYS B 14 5.56 3.11 -15.00
C LYS B 14 5.12 2.89 -13.56
N THR B 15 3.99 2.22 -13.37
CA THR B 15 3.37 1.95 -12.10
C THR B 15 3.99 0.72 -11.44
N VAL B 16 3.32 0.27 -10.40
CA VAL B 16 3.62 -0.87 -9.57
C VAL B 16 2.25 -1.44 -9.23
N VAL B 17 1.74 -2.37 -10.02
CA VAL B 17 0.45 -2.99 -9.75
C VAL B 17 0.80 -4.24 -8.94
N ARG B 18 0.32 -4.32 -7.69
CA ARG B 18 0.61 -5.46 -6.82
C ARG B 18 -0.60 -5.76 -5.95
N THR B 19 -0.48 -6.82 -5.16
CA THR B 19 -1.51 -7.29 -4.25
C THR B 19 -0.92 -7.11 -2.85
N LEU B 20 -1.18 -5.95 -2.27
CA LEU B 20 -0.70 -5.56 -0.95
C LEU B 20 -1.79 -5.87 0.06
N ARG B 21 -1.64 -6.93 0.87
CA ARG B 21 -2.63 -7.27 1.86
C ARG B 21 -2.32 -6.61 3.20
N PHE B 22 -3.35 -6.43 4.01
CA PHE B 22 -3.28 -5.82 5.34
C PHE B 22 -4.13 -6.66 6.28
N SER B 23 -3.71 -6.82 7.54
CA SER B 23 -4.43 -7.59 8.54
C SER B 23 -5.67 -6.79 9.03
N PRO B 24 -6.61 -7.38 9.77
CA PRO B 24 -7.82 -6.69 10.23
C PRO B 24 -7.52 -5.49 11.14
N VAL B 25 -6.56 -5.63 12.04
CA VAL B 25 -6.18 -4.56 12.94
C VAL B 25 -5.43 -3.47 12.16
N GLU B 26 -4.66 -3.84 11.13
CA GLU B 26 -3.94 -2.85 10.33
C GLU B 26 -4.97 -2.01 9.58
N ASP B 27 -5.95 -2.70 8.99
CA ASP B 27 -7.06 -2.16 8.23
C ASP B 27 -7.87 -1.23 9.10
N GLU B 28 -8.25 -1.63 10.32
CA GLU B 28 -9.01 -0.78 11.21
C GLU B 28 -8.28 0.54 11.43
N THR B 29 -7.00 0.49 11.80
CA THR B 29 -6.21 1.68 12.05
C THR B 29 -6.12 2.55 10.81
N ILE B 30 -5.63 1.99 9.70
CA ILE B 30 -5.47 2.71 8.46
C ILE B 30 -6.78 3.31 7.98
N ARG B 31 -7.87 2.54 7.93
CA ARG B 31 -9.18 3.00 7.49
C ARG B 31 -9.68 4.14 8.35
N LYS B 32 -9.56 4.01 9.67
CA LYS B 32 -10.04 5.05 10.58
C LYS B 32 -9.27 6.34 10.38
N LYS B 33 -7.94 6.26 10.29
CA LYS B 33 -7.13 7.45 10.12
C LYS B 33 -7.39 8.05 8.74
N ALA B 34 -7.40 7.24 7.69
CA ALA B 34 -7.63 7.64 6.31
C ALA B 34 -8.96 8.35 6.12
N GLU B 35 -10.07 7.72 6.54
CA GLU B 35 -11.39 8.31 6.35
C GLU B 35 -11.62 9.53 7.23
N ASP B 36 -10.94 9.61 8.38
CA ASP B 36 -11.05 10.75 9.28
C ASP B 36 -10.27 11.93 8.70
N SER B 37 -9.09 11.66 8.16
CA SER B 37 -8.18 12.61 7.55
C SER B 37 -8.74 13.14 6.22
N GLY B 38 -9.63 12.38 5.58
CA GLY B 38 -10.21 12.76 4.31
C GLY B 38 -9.24 12.42 3.16
N LEU B 39 -8.34 11.47 3.40
CA LEU B 39 -7.35 10.96 2.48
C LEU B 39 -7.75 9.51 2.46
N THR B 40 -8.56 9.10 1.47
CA THR B 40 -9.03 7.73 1.36
C THR B 40 -7.86 6.76 1.47
N VAL B 41 -8.15 5.50 1.82
CA VAL B 41 -7.15 4.47 2.05
C VAL B 41 -6.02 4.51 1.01
N SER B 42 -6.31 4.59 -0.28
CA SER B 42 -5.22 4.60 -1.23
C SER B 42 -4.33 5.86 -1.10
N ALA B 43 -4.95 7.04 -1.00
CA ALA B 43 -4.29 8.33 -0.85
C ALA B 43 -3.46 8.36 0.44
N TYR B 44 -4.03 7.90 1.55
CA TYR B 44 -3.37 7.85 2.84
C TYR B 44 -2.11 6.98 2.75
N ILE B 45 -2.17 5.79 2.14
CA ILE B 45 -1.00 4.91 2.01
C ILE B 45 0.13 5.64 1.28
N ARG B 46 -0.11 6.03 0.02
CA ARG B 46 0.91 6.71 -0.77
C ARG B 46 1.46 7.93 -0.05
N ASN B 47 0.61 8.79 0.50
CA ASN B 47 1.05 9.99 1.20
C ASN B 47 1.87 9.73 2.46
N ALA B 48 1.38 8.86 3.34
CA ALA B 48 2.03 8.51 4.60
C ALA B 48 3.32 7.73 4.38
N ALA B 49 3.49 7.08 3.22
CA ALA B 49 4.68 6.31 2.92
C ALA B 49 5.77 7.20 2.31
N LEU B 50 5.40 8.13 1.42
CA LEU B 50 6.37 9.01 0.78
C LEU B 50 7.01 10.00 1.75
N ASN B 51 6.18 10.66 2.53
CA ASN B 51 6.58 11.70 3.48
C ASN B 51 6.74 11.16 4.88
N SER A 1 -6.43 -19.77 34.96
CA SER A 1 -7.31 -19.95 33.79
C SER A 1 -7.28 -18.67 32.98
N ASP A 2 -7.39 -18.74 31.66
CA ASP A 2 -7.37 -17.55 30.79
C ASP A 2 -8.33 -17.80 29.61
N SER A 3 -9.61 -17.63 29.92
CA SER A 3 -10.76 -17.80 29.05
C SER A 3 -10.89 -16.78 27.91
N ALA A 4 -9.89 -15.94 27.62
CA ALA A 4 -9.99 -14.96 26.55
C ALA A 4 -10.05 -15.64 25.18
N VAL A 5 -11.24 -15.71 24.58
CA VAL A 5 -11.47 -16.32 23.28
C VAL A 5 -11.00 -15.34 22.18
N ARG A 6 -9.71 -15.40 21.84
CA ARG A 6 -9.15 -14.56 20.79
C ARG A 6 -9.52 -15.15 19.44
N LYS A 7 -9.37 -16.47 19.28
CA LYS A 7 -9.68 -17.23 18.07
C LYS A 7 -11.17 -17.53 18.04
N LYS A 8 -11.95 -16.75 17.29
CA LYS A 8 -13.40 -16.98 17.17
C LYS A 8 -13.57 -18.11 16.16
N SER A 9 -13.21 -17.84 14.91
CA SER A 9 -13.24 -18.77 13.78
C SER A 9 -12.21 -18.21 12.79
N GLU A 10 -11.75 -19.02 11.83
CA GLU A 10 -10.76 -18.61 10.84
C GLU A 10 -11.24 -18.80 9.40
N VAL A 11 -12.48 -19.24 9.23
CA VAL A 11 -13.10 -19.50 7.94
C VAL A 11 -13.30 -18.19 7.14
N ARG A 12 -13.92 -17.17 7.76
CA ARG A 12 -14.17 -15.90 7.07
C ARG A 12 -12.91 -15.12 6.77
N GLN A 13 -13.01 -14.09 5.92
CA GLN A 13 -11.86 -13.27 5.61
C GLN A 13 -11.82 -12.20 6.71
N LYS A 14 -10.61 -11.88 7.17
CA LYS A 14 -10.31 -10.88 8.19
C LYS A 14 -9.23 -9.95 7.63
N THR A 15 -8.36 -10.47 6.77
CA THR A 15 -7.32 -9.74 6.10
C THR A 15 -7.99 -8.88 5.03
N VAL A 16 -7.17 -8.17 4.26
CA VAL A 16 -7.60 -7.32 3.17
C VAL A 16 -6.72 -7.67 1.99
N VAL A 17 -7.26 -7.64 0.78
CA VAL A 17 -6.53 -7.95 -0.43
C VAL A 17 -6.92 -6.88 -1.44
N ARG A 18 -6.02 -5.93 -1.64
CA ARG A 18 -6.22 -4.82 -2.57
C ARG A 18 -4.93 -4.56 -3.33
N THR A 19 -5.08 -4.05 -4.54
CA THR A 19 -3.99 -3.72 -5.44
C THR A 19 -3.81 -2.20 -5.40
N LEU A 20 -2.58 -1.71 -5.50
CA LEU A 20 -2.32 -0.27 -5.49
C LEU A 20 -1.36 0.07 -6.62
N ARG A 21 -1.62 1.23 -7.21
CA ARG A 21 -0.87 1.83 -8.30
C ARG A 21 0.00 2.92 -7.69
N PHE A 22 1.22 3.07 -8.18
CA PHE A 22 2.18 4.07 -7.72
C PHE A 22 2.88 4.57 -8.99
N SER A 23 3.21 5.85 -9.06
CA SER A 23 3.88 6.43 -10.22
C SER A 23 5.37 6.08 -10.14
N PRO A 24 6.18 6.22 -11.21
CA PRO A 24 7.61 5.89 -11.15
C PRO A 24 8.40 6.83 -10.23
N VAL A 25 7.84 8.01 -9.97
CA VAL A 25 8.42 9.04 -9.14
C VAL A 25 8.13 8.77 -7.66
N GLU A 26 7.10 7.98 -7.37
CA GLU A 26 6.68 7.59 -6.03
C GLU A 26 7.38 6.27 -5.71
N ASP A 27 7.33 5.36 -6.67
CA ASP A 27 7.89 4.02 -6.68
C ASP A 27 9.37 4.01 -6.42
N GLU A 28 10.15 4.80 -7.16
CA GLU A 28 11.59 4.78 -6.95
C GLU A 28 11.92 5.23 -5.53
N THR A 29 11.20 6.22 -4.99
CA THR A 29 11.41 6.70 -3.64
C THR A 29 11.08 5.59 -2.65
N ILE A 30 9.88 5.00 -2.73
CA ILE A 30 9.46 3.93 -1.81
C ILE A 30 10.48 2.79 -1.88
N ARG A 31 10.93 2.41 -3.07
CA ARG A 31 11.91 1.35 -3.26
C ARG A 31 13.23 1.70 -2.58
N LYS A 32 13.78 2.90 -2.83
CA LYS A 32 15.05 3.29 -2.23
C LYS A 32 14.93 3.33 -0.71
N LYS A 33 13.88 3.94 -0.17
CA LYS A 33 13.67 4.03 1.27
C LYS A 33 13.50 2.64 1.87
N ALA A 34 12.68 1.78 1.25
CA ALA A 34 12.42 0.42 1.72
C ALA A 34 13.73 -0.38 1.76
N GLU A 35 14.52 -0.31 0.69
CA GLU A 35 15.77 -1.03 0.60
C GLU A 35 16.78 -0.48 1.62
N ASP A 36 16.84 0.83 1.80
CA ASP A 36 17.77 1.43 2.75
C ASP A 36 17.38 1.06 4.18
N SER A 37 16.10 1.14 4.49
CA SER A 37 15.55 0.85 5.81
C SER A 37 15.63 -0.63 6.14
N GLY A 38 15.84 -1.52 5.15
CA GLY A 38 15.92 -2.94 5.42
C GLY A 38 14.55 -3.53 5.70
N LEU A 39 13.49 -2.90 5.16
CA LEU A 39 12.09 -3.28 5.28
C LEU A 39 11.56 -3.34 3.85
N THR A 40 11.17 -4.52 3.34
CA THR A 40 10.65 -4.68 1.99
C THR A 40 9.51 -3.68 1.75
N VAL A 41 9.24 -3.30 0.49
CA VAL A 41 8.21 -2.36 0.10
C VAL A 41 6.87 -2.64 0.79
N SER A 42 6.44 -3.91 0.90
CA SER A 42 5.17 -4.22 1.56
C SER A 42 5.21 -3.82 3.04
N ALA A 43 6.28 -4.21 3.76
CA ALA A 43 6.50 -3.91 5.17
C ALA A 43 6.62 -2.39 5.34
N TYR A 44 7.39 -1.72 4.48
CA TYR A 44 7.61 -0.29 4.49
C TYR A 44 6.24 0.42 4.43
N ILE A 45 5.39 0.03 3.48
CA ILE A 45 4.06 0.58 3.30
C ILE A 45 3.23 0.44 4.58
N ARG A 46 2.95 -0.79 5.03
CA ARG A 46 2.15 -1.01 6.23
C ARG A 46 2.73 -0.28 7.45
N ASN A 47 4.05 -0.30 7.62
CA ASN A 47 4.74 0.35 8.72
C ASN A 47 4.48 1.85 8.71
N ALA A 48 4.76 2.51 7.58
CA ALA A 48 4.57 3.95 7.42
C ALA A 48 3.10 4.37 7.56
N ALA A 49 2.16 3.51 7.14
CA ALA A 49 0.74 3.80 7.20
C ALA A 49 0.18 3.76 8.62
N LEU A 50 0.76 2.95 9.51
CA LEU A 50 0.30 2.83 10.89
C LEU A 50 1.04 3.80 11.80
N ASN A 51 2.31 4.04 11.50
CA ASN A 51 3.18 4.93 12.24
C ASN A 51 3.37 6.21 11.44
N SER B 1 11.26 30.28 -26.33
CA SER B 1 11.56 28.93 -26.78
C SER B 1 11.82 28.06 -25.56
N ASP B 2 11.47 26.78 -25.65
CA ASP B 2 11.64 25.79 -24.58
C ASP B 2 11.95 24.48 -25.29
N SER B 3 12.67 23.60 -24.62
CA SER B 3 13.10 22.28 -25.08
C SER B 3 12.94 21.24 -23.95
N ALA B 4 12.26 21.58 -22.86
CA ALA B 4 12.01 20.73 -21.71
C ALA B 4 11.03 19.58 -22.01
N VAL B 5 11.48 18.58 -22.78
CA VAL B 5 10.71 17.40 -23.13
C VAL B 5 10.64 16.57 -21.84
N ARG B 6 9.54 15.86 -21.58
CA ARG B 6 9.38 15.05 -20.37
C ARG B 6 8.78 13.68 -20.67
N LYS B 7 7.63 13.63 -21.35
CA LYS B 7 6.94 12.39 -21.70
C LYS B 7 7.65 11.63 -22.81
N LYS B 8 8.67 10.81 -22.48
CA LYS B 8 9.44 10.00 -23.42
C LYS B 8 8.51 9.27 -24.36
N SER B 9 7.71 8.38 -23.78
CA SER B 9 6.74 7.54 -24.44
C SER B 9 5.64 7.21 -23.42
N GLU B 10 4.66 6.41 -23.84
CA GLU B 10 3.56 5.96 -23.00
C GLU B 10 3.29 4.46 -23.14
N VAL B 11 4.13 3.75 -23.89
CA VAL B 11 4.03 2.32 -24.11
C VAL B 11 4.42 1.60 -22.81
N ARG B 12 5.63 1.91 -22.34
CA ARG B 12 6.26 1.36 -21.14
C ARG B 12 5.34 1.53 -19.94
N GLN B 13 5.09 0.47 -19.18
CA GLN B 13 4.25 0.51 -17.98
C GLN B 13 5.13 1.15 -16.91
N LYS B 14 4.99 2.46 -16.72
CA LYS B 14 5.77 3.22 -15.74
C LYS B 14 5.20 3.09 -14.33
N THR B 15 3.89 2.90 -14.22
CA THR B 15 3.19 2.71 -12.97
C THR B 15 3.55 1.33 -12.43
N VAL B 16 3.25 1.10 -11.17
CA VAL B 16 3.47 -0.14 -10.45
C VAL B 16 2.09 -0.75 -10.25
N VAL B 17 2.00 -2.07 -10.12
CA VAL B 17 0.74 -2.75 -9.89
C VAL B 17 1.03 -4.01 -9.07
N ARG B 18 0.72 -3.96 -7.79
CA ARG B 18 0.94 -5.08 -6.88
C ARG B 18 -0.16 -5.11 -5.82
N THR B 19 -0.43 -6.30 -5.31
CA THR B 19 -1.41 -6.56 -4.28
C THR B 19 -0.70 -6.62 -2.93
N LEU B 20 -1.31 -6.06 -1.89
CA LEU B 20 -0.80 -6.04 -0.54
C LEU B 20 -1.86 -6.69 0.36
N ARG B 21 -1.46 -7.03 1.58
CA ARG B 21 -2.25 -7.65 2.61
C ARG B 21 -2.16 -6.79 3.87
N PHE B 22 -3.26 -6.70 4.61
CA PHE B 22 -3.35 -5.93 5.84
C PHE B 22 -4.22 -6.76 6.77
N SER B 23 -3.86 -6.77 8.05
CA SER B 23 -4.59 -7.53 9.06
C SER B 23 -5.85 -6.76 9.47
N PRO B 24 -6.83 -7.38 10.16
CA PRO B 24 -8.06 -6.70 10.57
C PRO B 24 -7.81 -5.61 11.64
N VAL B 25 -6.58 -5.50 12.12
CA VAL B 25 -6.14 -4.52 13.11
C VAL B 25 -5.60 -3.35 12.29
N GLU B 26 -4.55 -3.63 11.50
CA GLU B 26 -3.85 -2.69 10.64
C GLU B 26 -4.82 -1.98 9.70
N ASP B 27 -5.70 -2.74 9.05
CA ASP B 27 -6.70 -2.25 8.11
C ASP B 27 -7.68 -1.31 8.77
N GLU B 28 -8.25 -1.72 9.90
CA GLU B 28 -9.21 -0.93 10.63
C GLU B 28 -8.55 0.39 11.04
N THR B 29 -7.31 0.33 11.54
CA THR B 29 -6.56 1.50 11.95
C THR B 29 -6.41 2.43 10.74
N ILE B 30 -5.87 1.92 9.62
CA ILE B 30 -5.67 2.71 8.41
C ILE B 30 -6.99 3.29 7.92
N ARG B 31 -8.08 2.51 7.91
CA ARG B 31 -9.40 2.94 7.48
C ARG B 31 -9.83 4.16 8.28
N LYS B 32 -9.71 4.08 9.62
CA LYS B 32 -10.11 5.20 10.46
C LYS B 32 -9.18 6.39 10.26
N LYS B 33 -7.87 6.19 10.18
CA LYS B 33 -6.92 7.30 10.00
C LYS B 33 -7.18 8.00 8.67
N ALA B 34 -7.38 7.22 7.60
CA ALA B 34 -7.64 7.70 6.26
C ALA B 34 -8.90 8.56 6.27
N GLU B 35 -10.01 7.98 6.73
CA GLU B 35 -11.30 8.65 6.77
C GLU B 35 -11.28 9.88 7.68
N ASP B 36 -10.55 9.81 8.81
CA ASP B 36 -10.39 10.89 9.77
C ASP B 36 -9.64 12.04 9.09
N SER B 37 -8.63 11.72 8.29
CA SER B 37 -7.84 12.69 7.57
C SER B 37 -8.59 13.18 6.32
N GLY B 38 -9.74 12.58 5.99
CA GLY B 38 -10.53 12.96 4.82
C GLY B 38 -9.81 12.58 3.53
N LEU B 39 -8.91 11.59 3.58
CA LEU B 39 -8.10 11.09 2.50
C LEU B 39 -8.51 9.65 2.26
N THR B 40 -8.84 9.29 1.02
CA THR B 40 -9.20 7.92 0.69
C THR B 40 -8.02 7.04 1.11
N VAL B 41 -8.26 5.81 1.58
CA VAL B 41 -7.21 4.90 2.02
C VAL B 41 -6.08 4.78 1.00
N SER B 42 -6.37 4.69 -0.30
CA SER B 42 -5.30 4.56 -1.28
C SER B 42 -4.36 5.78 -1.26
N ALA B 43 -4.93 6.98 -1.12
CA ALA B 43 -4.20 8.23 -1.03
C ALA B 43 -3.43 8.25 0.29
N TYR B 44 -4.08 7.85 1.40
CA TYR B 44 -3.46 7.81 2.71
C TYR B 44 -2.20 6.96 2.63
N ILE B 45 -2.29 5.73 2.11
CA ILE B 45 -1.18 4.80 1.96
C ILE B 45 -0.01 5.45 1.22
N ARG B 46 -0.21 5.81 -0.06
CA ARG B 46 0.86 6.40 -0.86
C ARG B 46 1.41 7.68 -0.24
N ASN B 47 0.55 8.54 0.29
CA ASN B 47 0.97 9.78 0.91
C ASN B 47 1.87 9.50 2.10
N ALA B 48 1.42 8.68 3.05
CA ALA B 48 2.18 8.33 4.25
C ALA B 48 3.50 7.65 3.90
N ALA B 49 3.53 6.93 2.77
CA ALA B 49 4.71 6.22 2.32
C ALA B 49 5.77 7.15 1.71
N LEU B 50 5.41 8.35 1.27
CA LEU B 50 6.34 9.30 0.66
C LEU B 50 6.63 10.48 1.59
N ASN B 51 5.66 10.80 2.44
CA ASN B 51 5.68 11.88 3.41
C ASN B 51 5.40 11.34 4.78
N SER A 1 8.85 -31.82 15.21
CA SER A 1 7.63 -31.00 15.37
C SER A 1 8.08 -29.56 15.56
N ASP A 2 8.41 -28.90 14.45
CA ASP A 2 8.87 -27.52 14.34
C ASP A 2 7.76 -26.55 13.94
N SER A 3 6.69 -27.05 13.33
CA SER A 3 5.55 -26.28 12.88
C SER A 3 4.31 -27.12 13.19
N ALA A 4 3.20 -26.45 13.52
CA ALA A 4 1.95 -27.11 13.83
C ALA A 4 1.46 -27.87 12.60
N VAL A 5 0.72 -28.96 12.83
CA VAL A 5 0.17 -29.78 11.74
C VAL A 5 -0.94 -29.02 10.99
N ARG A 6 -1.61 -28.07 11.66
CA ARG A 6 -2.68 -27.24 11.09
C ARG A 6 -2.09 -25.85 10.87
N LYS A 7 -2.33 -25.26 9.70
CA LYS A 7 -1.86 -23.93 9.32
C LYS A 7 -2.86 -23.30 8.37
N LYS A 8 -3.24 -24.01 7.30
CA LYS A 8 -4.21 -23.56 6.32
C LYS A 8 -5.59 -23.61 6.98
N SER A 9 -6.13 -22.48 7.43
CA SER A 9 -7.44 -22.38 8.06
C SER A 9 -7.85 -20.91 8.12
N GLU A 10 -9.14 -20.64 7.93
CA GLU A 10 -9.82 -19.35 7.96
C GLU A 10 -11.30 -19.59 7.63
N VAL A 11 -12.18 -18.68 8.04
CA VAL A 11 -13.62 -18.74 7.82
C VAL A 11 -14.16 -17.45 7.21
N ARG A 12 -13.44 -16.34 7.37
CA ARG A 12 -13.80 -15.04 6.84
C ARG A 12 -12.48 -14.34 6.54
N GLN A 13 -12.33 -13.85 5.31
CA GLN A 13 -11.14 -13.16 4.85
C GLN A 13 -10.90 -11.92 5.72
N LYS A 14 -10.00 -12.05 6.71
CA LYS A 14 -9.67 -10.95 7.62
C LYS A 14 -8.73 -9.95 6.95
N THR A 15 -7.85 -10.46 6.08
CA THR A 15 -6.89 -9.66 5.35
C THR A 15 -7.64 -8.74 4.39
N VAL A 16 -6.93 -7.75 3.88
CA VAL A 16 -7.48 -6.73 2.98
C VAL A 16 -6.67 -6.65 1.71
N VAL A 17 -7.19 -7.24 0.65
CA VAL A 17 -6.53 -7.31 -0.65
C VAL A 17 -7.11 -6.28 -1.60
N ARG A 18 -6.24 -5.48 -2.21
CA ARG A 18 -6.65 -4.47 -3.18
C ARG A 18 -5.47 -4.18 -4.12
N THR A 19 -5.77 -3.60 -5.28
CA THR A 19 -4.81 -3.23 -6.29
C THR A 19 -4.36 -1.80 -6.01
N LEU A 20 -3.29 -1.63 -5.24
CA LEU A 20 -2.73 -0.33 -4.89
C LEU A 20 -1.57 -0.06 -5.84
N ARG A 21 -1.82 0.75 -6.86
CA ARG A 21 -0.81 1.11 -7.84
C ARG A 21 -0.03 2.32 -7.34
N PHE A 22 1.18 2.52 -7.87
CA PHE A 22 2.04 3.63 -7.49
C PHE A 22 2.64 4.22 -8.76
N SER A 23 2.97 5.50 -8.74
CA SER A 23 3.57 6.14 -9.92
C SER A 23 5.08 5.83 -9.90
N PRO A 24 5.84 6.16 -10.95
CA PRO A 24 7.26 5.86 -10.98
C PRO A 24 8.05 6.66 -9.95
N VAL A 25 7.70 7.92 -9.71
CA VAL A 25 8.39 8.77 -8.74
C VAL A 25 8.12 8.20 -7.35
N GLU A 26 6.86 7.99 -7.01
CA GLU A 26 6.46 7.44 -5.71
C GLU A 26 7.12 6.08 -5.49
N ASP A 27 7.06 5.19 -6.48
CA ASP A 27 7.65 3.86 -6.40
C ASP A 27 9.13 3.93 -6.15
N GLU A 28 9.87 4.68 -6.96
CA GLU A 28 11.32 4.80 -6.80
C GLU A 28 11.66 5.29 -5.39
N THR A 29 10.86 6.20 -4.85
CA THR A 29 11.05 6.75 -3.52
C THR A 29 10.82 5.66 -2.48
N ILE A 30 9.64 5.03 -2.48
CA ILE A 30 9.27 3.98 -1.53
C ILE A 30 10.24 2.81 -1.66
N ARG A 31 10.66 2.46 -2.87
CA ARG A 31 11.60 1.38 -3.15
C ARG A 31 12.92 1.71 -2.47
N LYS A 32 13.47 2.91 -2.69
CA LYS A 32 14.73 3.33 -2.09
C LYS A 32 14.61 3.31 -0.59
N LYS A 33 13.54 3.89 -0.05
CA LYS A 33 13.32 3.96 1.38
C LYS A 33 13.20 2.58 2.00
N ALA A 34 12.44 1.69 1.38
CA ALA A 34 12.25 0.36 1.89
C ALA A 34 13.57 -0.40 1.90
N GLU A 35 14.23 -0.43 0.75
CA GLU A 35 15.48 -1.15 0.57
C GLU A 35 16.59 -0.59 1.49
N ASP A 36 16.63 0.72 1.72
CA ASP A 36 17.61 1.40 2.59
C ASP A 36 17.27 1.12 4.06
N SER A 37 15.97 1.00 4.36
CA SER A 37 15.44 0.68 5.67
C SER A 37 15.74 -0.80 5.96
N GLY A 38 16.13 -1.59 4.95
CA GLY A 38 16.42 -3.02 5.04
C GLY A 38 15.15 -3.86 4.96
N LEU A 39 13.98 -3.22 5.04
CA LEU A 39 12.68 -3.83 4.98
C LEU A 39 12.31 -3.96 3.51
N THR A 40 11.20 -4.63 3.26
CA THR A 40 10.67 -4.81 1.92
C THR A 40 9.62 -3.70 1.78
N VAL A 41 9.31 -3.32 0.55
CA VAL A 41 8.31 -2.30 0.25
C VAL A 41 7.01 -2.62 1.00
N SER A 42 6.57 -3.89 1.07
CA SER A 42 5.33 -4.23 1.76
C SER A 42 5.38 -3.86 3.25
N ALA A 43 6.49 -4.18 3.94
CA ALA A 43 6.69 -3.87 5.35
C ALA A 43 6.78 -2.36 5.54
N TYR A 44 7.60 -1.69 4.72
CA TYR A 44 7.78 -0.26 4.79
C TYR A 44 6.41 0.43 4.63
N ILE A 45 5.60 0.05 3.65
CA ILE A 45 4.27 0.60 3.39
C ILE A 45 3.39 0.53 4.64
N ARG A 46 3.08 -0.68 5.11
CA ARG A 46 2.23 -0.87 6.29
C ARG A 46 2.80 -0.14 7.49
N ASN A 47 4.10 -0.24 7.73
CA ASN A 47 4.74 0.42 8.86
C ASN A 47 4.55 1.92 8.82
N ALA A 48 4.95 2.56 7.72
CA ALA A 48 4.84 4.00 7.53
C ALA A 48 3.38 4.48 7.58
N ALA A 49 2.44 3.61 7.17
CA ALA A 49 1.02 3.92 7.16
C ALA A 49 0.39 3.89 8.55
N LEU A 50 0.97 3.19 9.54
CA LEU A 50 0.40 3.10 10.89
C LEU A 50 1.09 4.05 11.86
N ASN A 51 2.40 4.18 11.74
CA ASN A 51 3.20 5.04 12.62
C ASN A 51 2.99 6.52 12.37
N SER B 1 -15.43 22.35 -24.85
CA SER B 1 -14.03 21.96 -24.66
C SER B 1 -13.84 21.85 -23.16
N ASP B 2 -13.29 20.75 -22.69
CA ASP B 2 -13.06 20.49 -21.27
C ASP B 2 -11.78 19.69 -21.08
N SER B 3 -11.56 18.64 -21.87
CA SER B 3 -10.40 17.80 -21.78
C SER B 3 -9.88 17.50 -23.18
N ALA B 4 -8.58 17.24 -23.32
CA ALA B 4 -7.96 16.94 -24.60
C ALA B 4 -8.58 15.67 -25.20
N VAL B 5 -8.77 15.67 -26.52
CA VAL B 5 -9.35 14.56 -27.28
C VAL B 5 -8.51 13.26 -27.19
N ARG B 6 -7.26 13.32 -26.75
CA ARG B 6 -6.40 12.15 -26.61
C ARG B 6 -6.10 11.95 -25.13
N LYS B 7 -6.29 10.73 -24.62
CA LYS B 7 -6.00 10.40 -23.23
C LYS B 7 -5.31 9.06 -23.10
N LYS B 8 -5.77 8.01 -23.78
CA LYS B 8 -5.14 6.70 -23.70
C LYS B 8 -3.81 6.72 -24.44
N SER B 9 -2.71 7.00 -23.75
CA SER B 9 -1.36 7.05 -24.29
C SER B 9 -0.43 6.43 -23.25
N GLU B 10 -0.10 5.16 -23.43
CA GLU B 10 0.77 4.40 -22.56
C GLU B 10 1.71 3.63 -23.49
N VAL B 11 3.01 3.80 -23.32
CA VAL B 11 4.05 3.14 -24.13
C VAL B 11 4.86 2.19 -23.26
N ARG B 12 4.99 2.49 -21.96
CA ARG B 12 5.70 1.68 -20.99
C ARG B 12 4.92 1.85 -19.69
N GLN B 13 4.68 0.76 -18.97
CA GLN B 13 3.93 0.74 -17.73
C GLN B 13 4.84 1.26 -16.61
N LYS B 14 4.90 2.58 -16.49
CA LYS B 14 5.71 3.26 -15.48
C LYS B 14 5.13 3.08 -14.08
N THR B 15 3.83 2.75 -13.97
CA THR B 15 3.20 2.52 -12.69
C THR B 15 3.59 1.12 -12.20
N VAL B 16 3.21 0.81 -10.96
CA VAL B 16 3.46 -0.46 -10.30
C VAL B 16 2.10 -1.09 -10.05
N VAL B 17 2.00 -2.41 -10.07
CA VAL B 17 0.76 -3.11 -9.79
C VAL B 17 1.11 -4.35 -8.98
N ARG B 18 0.80 -4.29 -7.69
CA ARG B 18 1.05 -5.38 -6.75
C ARG B 18 -0.17 -5.57 -5.85
N THR B 19 -0.27 -6.74 -5.26
CA THR B 19 -1.35 -7.13 -4.37
C THR B 19 -0.88 -6.90 -2.93
N LEU B 20 -1.08 -5.69 -2.44
CA LEU B 20 -0.68 -5.28 -1.09
C LEU B 20 -1.76 -5.75 -0.10
N ARG B 21 -1.45 -6.80 0.65
CA ARG B 21 -2.30 -7.42 1.65
C ARG B 21 -2.01 -6.85 3.05
N PHE B 22 -3.05 -6.67 3.87
CA PHE B 22 -2.97 -6.11 5.24
C PHE B 22 -3.68 -7.00 6.26
N SER B 23 -3.52 -6.72 7.54
CA SER B 23 -4.17 -7.48 8.62
C SER B 23 -5.41 -6.70 9.08
N PRO B 24 -6.34 -7.29 9.84
CA PRO B 24 -7.53 -6.57 10.28
C PRO B 24 -7.21 -5.47 11.30
N VAL B 25 -6.13 -5.63 12.09
CA VAL B 25 -5.70 -4.66 13.09
C VAL B 25 -5.23 -3.43 12.32
N GLU B 26 -4.26 -3.60 11.42
CA GLU B 26 -3.69 -2.55 10.58
C GLU B 26 -4.76 -1.84 9.77
N ASP B 27 -5.67 -2.60 9.18
CA ASP B 27 -6.75 -2.06 8.37
C ASP B 27 -7.70 -1.17 9.14
N GLU B 28 -7.99 -1.52 10.39
CA GLU B 28 -8.85 -0.75 11.26
C GLU B 28 -8.21 0.63 11.44
N THR B 29 -6.93 0.67 11.80
CA THR B 29 -6.17 1.88 12.03
C THR B 29 -6.14 2.76 10.77
N ILE B 30 -5.62 2.22 9.67
CA ILE B 30 -5.50 2.91 8.40
C ILE B 30 -6.86 3.42 7.93
N ARG B 31 -7.91 2.60 7.99
CA ARG B 31 -9.24 3.02 7.54
C ARG B 31 -9.75 4.18 8.38
N LYS B 32 -9.62 4.10 9.70
CA LYS B 32 -10.10 5.15 10.59
C LYS B 32 -9.41 6.46 10.25
N LYS B 33 -8.08 6.42 10.20
CA LYS B 33 -7.24 7.56 9.92
C LYS B 33 -7.55 8.14 8.55
N ALA B 34 -7.54 7.31 7.52
CA ALA B 34 -7.79 7.71 6.15
C ALA B 34 -9.13 8.40 6.02
N GLU B 35 -10.19 7.73 6.48
CA GLU B 35 -11.53 8.27 6.38
C GLU B 35 -11.72 9.57 7.16
N ASP B 36 -11.18 9.63 8.39
CA ASP B 36 -11.26 10.80 9.25
C ASP B 36 -10.51 11.96 8.64
N SER B 37 -9.37 11.68 8.01
CA SER B 37 -8.53 12.68 7.36
C SER B 37 -9.12 13.08 6.00
N GLY B 38 -10.17 12.42 5.50
CA GLY B 38 -10.77 12.74 4.22
C GLY B 38 -9.89 12.34 3.02
N LEU B 39 -8.81 11.60 3.25
CA LEU B 39 -7.87 11.12 2.25
C LEU B 39 -8.14 9.64 2.16
N THR B 40 -8.75 9.18 1.08
CA THR B 40 -9.07 7.77 0.86
C THR B 40 -7.84 6.90 1.18
N VAL B 41 -8.08 5.65 1.59
CA VAL B 41 -7.06 4.69 1.99
C VAL B 41 -5.88 4.68 1.02
N SER B 42 -6.10 4.73 -0.29
CA SER B 42 -4.98 4.74 -1.23
C SER B 42 -4.15 6.03 -1.13
N ALA B 43 -4.78 7.20 -1.04
CA ALA B 43 -4.08 8.47 -0.91
C ALA B 43 -3.31 8.48 0.39
N TYR B 44 -3.92 7.96 1.46
CA TYR B 44 -3.34 7.88 2.78
C TYR B 44 -2.08 7.02 2.68
N ILE B 45 -2.18 5.80 2.12
CA ILE B 45 -1.05 4.89 1.97
C ILE B 45 0.05 5.59 1.20
N ARG B 46 -0.26 6.13 0.01
CA ARG B 46 0.70 6.85 -0.84
C ARG B 46 1.48 7.85 0.00
N ASN B 47 0.77 8.84 0.52
CA ASN B 47 1.28 9.94 1.32
C ASN B 47 2.11 9.51 2.51
N ALA B 48 1.57 8.60 3.34
CA ALA B 48 2.24 8.11 4.52
C ALA B 48 3.57 7.44 4.20
N ALA B 49 3.68 6.83 3.02
CA ALA B 49 4.88 6.14 2.59
C ALA B 49 5.92 7.05 1.94
N LEU B 50 5.57 8.29 1.60
CA LEU B 50 6.49 9.22 0.94
C LEU B 50 6.98 10.27 1.92
N ASN B 51 6.15 10.60 2.91
CA ASN B 51 6.40 11.60 3.93
C ASN B 51 6.46 10.96 5.32
N SER A 1 -39.97 -11.26 24.06
CA SER A 1 -38.59 -10.93 23.62
C SER A 1 -37.94 -12.21 23.07
N ASP A 2 -38.71 -12.83 22.21
CA ASP A 2 -38.59 -14.07 21.46
C ASP A 2 -37.56 -13.92 20.34
N SER A 3 -37.61 -12.79 19.64
CA SER A 3 -36.72 -12.44 18.55
C SER A 3 -35.76 -11.37 19.07
N ALA A 4 -34.46 -11.62 18.97
CA ALA A 4 -33.41 -10.72 19.41
C ALA A 4 -32.18 -10.98 18.54
N VAL A 5 -31.31 -9.97 18.45
CA VAL A 5 -30.07 -10.01 17.67
C VAL A 5 -29.18 -11.13 18.21
N ARG A 6 -28.32 -11.70 17.36
CA ARG A 6 -27.42 -12.77 17.75
C ARG A 6 -26.27 -12.87 16.76
N LYS A 7 -25.13 -13.36 17.23
CA LYS A 7 -23.94 -13.55 16.38
C LYS A 7 -24.27 -14.71 15.45
N LYS A 8 -23.67 -14.76 14.26
CA LYS A 8 -23.89 -15.83 13.28
C LYS A 8 -22.50 -16.21 12.79
N SER A 9 -21.92 -15.41 11.90
CA SER A 9 -20.60 -15.58 11.33
C SER A 9 -20.01 -14.17 11.19
N GLU A 10 -18.90 -14.02 10.45
CA GLU A 10 -18.28 -12.72 10.27
C GLU A 10 -17.51 -12.71 8.96
N VAL A 11 -16.55 -11.79 8.79
CA VAL A 11 -15.71 -11.67 7.60
C VAL A 11 -15.03 -13.01 7.35
N ARG A 12 -15.36 -13.69 6.24
CA ARG A 12 -14.74 -14.98 5.91
C ARG A 12 -13.24 -14.77 5.62
N GLN A 13 -12.90 -13.58 5.16
CA GLN A 13 -11.58 -13.10 4.80
C GLN A 13 -11.39 -11.84 5.63
N LYS A 14 -10.66 -11.99 6.76
CA LYS A 14 -10.35 -10.92 7.69
C LYS A 14 -9.32 -9.97 7.07
N THR A 15 -8.37 -10.51 6.31
CA THR A 15 -7.35 -9.71 5.65
C THR A 15 -8.03 -8.97 4.50
N VAL A 16 -7.36 -7.95 4.02
CA VAL A 16 -7.82 -7.14 2.92
C VAL A 16 -6.95 -7.49 1.73
N VAL A 17 -7.54 -7.45 0.54
CA VAL A 17 -6.87 -7.72 -0.71
C VAL A 17 -7.44 -6.71 -1.69
N ARG A 18 -6.61 -5.77 -2.09
CA ARG A 18 -7.01 -4.71 -3.02
C ARG A 18 -5.83 -4.36 -3.92
N THR A 19 -5.97 -3.35 -4.79
CA THR A 19 -4.90 -2.96 -5.70
C THR A 19 -4.48 -1.51 -5.45
N LEU A 20 -3.26 -1.32 -4.95
CA LEU A 20 -2.65 -0.03 -4.63
C LEU A 20 -1.62 0.27 -5.72
N ARG A 21 -1.97 1.12 -6.69
CA ARG A 21 -1.03 1.50 -7.73
C ARG A 21 -0.17 2.65 -7.22
N PHE A 22 1.02 2.84 -7.80
CA PHE A 22 1.97 3.89 -7.44
C PHE A 22 2.57 4.41 -8.74
N SER A 23 3.01 5.67 -8.78
CA SER A 23 3.62 6.25 -9.98
C SER A 23 5.11 5.84 -10.01
N PRO A 24 5.90 6.09 -11.08
CA PRO A 24 7.30 5.66 -11.13
C PRO A 24 8.20 6.30 -10.09
N VAL A 25 8.13 7.63 -9.96
CA VAL A 25 8.93 8.41 -9.01
C VAL A 25 8.57 8.03 -7.57
N GLU A 26 7.28 7.80 -7.34
CA GLU A 26 6.70 7.44 -6.05
C GLU A 26 7.27 6.09 -5.63
N ASP A 27 7.14 5.12 -6.54
CA ASP A 27 7.59 3.74 -6.42
C ASP A 27 9.09 3.66 -6.23
N GLU A 28 9.85 4.45 -6.99
CA GLU A 28 11.30 4.50 -6.92
C GLU A 28 11.68 5.00 -5.53
N THR A 29 11.08 6.10 -5.08
CA THR A 29 11.35 6.67 -3.76
C THR A 29 11.03 5.62 -2.69
N ILE A 30 9.86 5.00 -2.74
CA ILE A 30 9.45 3.98 -1.78
C ILE A 30 10.46 2.83 -1.80
N ARG A 31 10.86 2.36 -2.96
CA ARG A 31 11.82 1.25 -3.08
C ARG A 31 13.14 1.63 -2.44
N LYS A 32 13.71 2.79 -2.79
CA LYS A 32 14.99 3.20 -2.23
C LYS A 32 14.86 3.36 -0.72
N LYS A 33 13.80 4.00 -0.23
CA LYS A 33 13.60 4.21 1.19
C LYS A 33 13.40 2.89 1.91
N ALA A 34 12.68 1.93 1.31
CA ALA A 34 12.43 0.61 1.86
C ALA A 34 13.76 -0.14 1.99
N GLU A 35 14.51 -0.22 0.88
CA GLU A 35 15.79 -0.89 0.81
C GLU A 35 16.79 -0.26 1.79
N ASP A 36 16.77 1.07 1.92
CA ASP A 36 17.63 1.84 2.81
C ASP A 36 17.24 1.66 4.27
N SER A 37 15.95 1.55 4.56
CA SER A 37 15.41 1.37 5.90
C SER A 37 15.59 -0.07 6.39
N GLY A 38 15.88 -1.02 5.49
CA GLY A 38 16.04 -2.42 5.89
C GLY A 38 14.68 -3.06 6.10
N LEU A 39 13.66 -2.66 5.34
CA LEU A 39 12.31 -3.17 5.41
C LEU A 39 11.84 -3.40 3.98
N THR A 40 11.25 -4.54 3.68
CA THR A 40 10.77 -4.81 2.32
C THR A 40 9.67 -3.77 2.02
N VAL A 41 9.48 -3.40 0.75
CA VAL A 41 8.49 -2.43 0.30
C VAL A 41 7.11 -2.70 0.92
N SER A 42 6.65 -3.96 0.95
CA SER A 42 5.34 -4.30 1.51
C SER A 42 5.21 -3.84 2.97
N ALA A 43 6.25 -4.10 3.77
CA ALA A 43 6.32 -3.73 5.17
C ALA A 43 6.51 -2.22 5.28
N TYR A 44 7.39 -1.62 4.48
CA TYR A 44 7.66 -0.19 4.48
C TYR A 44 6.35 0.58 4.35
N ILE A 45 5.50 0.19 3.38
CA ILE A 45 4.20 0.82 3.14
C ILE A 45 3.33 0.81 4.39
N ARG A 46 2.92 -0.38 4.85
CA ARG A 46 2.05 -0.46 6.01
C ARG A 46 2.68 0.17 7.25
N ASN A 47 3.96 -0.10 7.53
CA ASN A 47 4.64 0.45 8.69
C ASN A 47 4.57 1.97 8.71
N ALA A 48 4.87 2.63 7.59
CA ALA A 48 4.82 4.09 7.49
C ALA A 48 3.39 4.63 7.60
N ALA A 49 2.41 3.84 7.14
CA ALA A 49 1.00 4.19 7.16
C ALA A 49 0.35 4.03 8.54
N LEU A 50 0.83 3.12 9.38
CA LEU A 50 0.26 2.87 10.70
C LEU A 50 0.87 3.74 11.80
N ASN A 51 2.19 3.96 11.75
CA ASN A 51 2.91 4.74 12.74
C ASN A 51 2.61 6.21 12.66
N SER B 1 34.80 2.45 -32.64
CA SER B 1 33.68 2.85 -31.76
C SER B 1 32.50 3.16 -32.69
N ASP B 2 32.14 2.06 -33.32
CA ASP B 2 31.17 1.72 -34.33
C ASP B 2 29.85 1.44 -33.64
N SER B 3 29.86 0.49 -32.70
CA SER B 3 28.71 0.10 -31.92
C SER B 3 28.83 0.77 -30.55
N ALA B 4 27.80 1.50 -30.14
CA ALA B 4 27.73 2.20 -28.86
C ALA B 4 26.30 2.13 -28.37
N VAL B 5 26.13 1.99 -27.05
CA VAL B 5 24.83 1.89 -26.37
C VAL B 5 23.96 3.09 -26.75
N ARG B 6 22.65 2.87 -26.87
CA ARG B 6 21.66 3.88 -27.22
C ARG B 6 20.30 3.36 -26.76
N LYS B 7 19.34 4.28 -26.58
CA LYS B 7 18.00 3.89 -26.13
C LYS B 7 17.31 2.98 -27.13
N LYS B 8 16.42 2.10 -26.65
CA LYS B 8 15.65 1.18 -27.47
C LYS B 8 14.23 1.12 -26.89
N SER B 9 14.08 0.63 -25.67
CA SER B 9 12.81 0.49 -24.96
C SER B 9 12.96 0.96 -23.52
N GLU B 10 11.85 1.00 -22.77
CA GLU B 10 11.79 1.42 -21.38
C GLU B 10 10.69 0.62 -20.69
N VAL B 11 10.45 0.84 -19.39
CA VAL B 11 9.42 0.17 -18.61
C VAL B 11 8.05 0.51 -19.22
N ARG B 12 7.40 -0.48 -19.83
CA ARG B 12 6.11 -0.31 -20.50
C ARG B 12 5.01 0.20 -19.57
N GLN B 13 5.05 -0.17 -18.31
CA GLN B 13 4.09 0.21 -17.28
C GLN B 13 4.87 0.94 -16.22
N LYS B 14 4.89 2.27 -16.34
CA LYS B 14 5.57 3.16 -15.41
C LYS B 14 4.95 3.04 -14.03
N THR B 15 3.64 2.79 -13.95
CA THR B 15 2.97 2.62 -12.67
C THR B 15 3.21 1.19 -12.19
N VAL B 16 2.98 0.97 -10.90
CA VAL B 16 3.10 -0.32 -10.23
C VAL B 16 1.68 -0.79 -9.96
N VAL B 17 1.51 -2.10 -9.80
CA VAL B 17 0.24 -2.72 -9.50
C VAL B 17 0.61 -3.99 -8.72
N ARG B 18 0.13 -4.13 -7.48
CA ARG B 18 0.46 -5.32 -6.71
C ARG B 18 -0.69 -5.74 -5.81
N THR B 19 -0.55 -6.88 -5.12
CA THR B 19 -1.55 -7.43 -4.22
C THR B 19 -0.95 -7.39 -2.81
N LEU B 20 -0.97 -6.18 -2.28
CA LEU B 20 -0.46 -5.78 -0.98
C LEU B 20 -1.58 -5.93 0.02
N ARG B 21 -1.65 -7.09 0.67
CA ARG B 21 -2.67 -7.40 1.67
C ARG B 21 -2.37 -6.71 3.00
N PHE B 22 -3.36 -6.64 3.89
CA PHE B 22 -3.24 -6.01 5.21
C PHE B 22 -4.04 -6.86 6.20
N SER B 23 -3.63 -6.92 7.46
CA SER B 23 -4.34 -7.69 8.49
C SER B 23 -5.55 -6.85 8.95
N PRO B 24 -6.53 -7.41 9.68
CA PRO B 24 -7.69 -6.63 10.11
C PRO B 24 -7.31 -5.51 11.07
N VAL B 25 -6.32 -5.76 11.94
CA VAL B 25 -5.85 -4.79 12.91
C VAL B 25 -5.33 -3.56 12.15
N GLU B 26 -4.40 -3.80 11.23
CA GLU B 26 -3.74 -2.79 10.41
C GLU B 26 -4.77 -2.04 9.55
N ASP B 27 -5.68 -2.79 8.94
CA ASP B 27 -6.75 -2.29 8.08
C ASP B 27 -7.67 -1.35 8.84
N GLU B 28 -8.08 -1.73 10.04
CA GLU B 28 -8.94 -0.92 10.89
C GLU B 28 -8.24 0.39 11.18
N THR B 29 -6.97 0.34 11.59
CA THR B 29 -6.17 1.52 11.89
C THR B 29 -6.15 2.45 10.67
N ILE B 30 -5.66 1.94 9.54
CA ILE B 30 -5.54 2.67 8.29
C ILE B 30 -6.88 3.22 7.84
N ARG B 31 -7.95 2.44 7.90
CA ARG B 31 -9.27 2.88 7.48
C ARG B 31 -9.74 4.05 8.34
N LYS B 32 -9.64 3.91 9.67
CA LYS B 32 -10.09 4.97 10.55
C LYS B 32 -9.27 6.23 10.32
N LYS B 33 -7.95 6.12 10.20
CA LYS B 33 -7.11 7.28 9.98
C LYS B 33 -7.37 7.89 8.61
N ALA B 34 -7.47 7.09 7.56
CA ALA B 34 -7.72 7.55 6.21
C ALA B 34 -9.01 8.37 6.13
N GLU B 35 -10.11 7.81 6.64
CA GLU B 35 -11.40 8.48 6.62
C GLU B 35 -11.36 9.76 7.45
N ASP B 36 -10.64 9.75 8.58
CA ASP B 36 -10.50 10.89 9.48
C ASP B 36 -9.66 11.98 8.83
N SER B 37 -8.58 11.61 8.16
CA SER B 37 -7.69 12.52 7.46
C SER B 37 -8.40 13.11 6.25
N GLY B 38 -9.38 12.39 5.68
CA GLY B 38 -10.13 12.83 4.51
C GLY B 38 -9.38 12.45 3.23
N LEU B 39 -8.49 11.46 3.32
CA LEU B 39 -7.67 10.93 2.25
C LEU B 39 -8.03 9.46 2.21
N THR B 40 -8.63 9.00 1.11
CA THR B 40 -8.99 7.59 0.97
C THR B 40 -7.77 6.71 1.27
N VAL B 41 -7.98 5.44 1.62
CA VAL B 41 -6.93 4.50 1.95
C VAL B 41 -5.78 4.53 0.93
N SER B 42 -6.05 4.61 -0.38
CA SER B 42 -4.95 4.64 -1.34
C SER B 42 -4.08 5.90 -1.18
N ALA B 43 -4.72 7.07 -1.08
CA ALA B 43 -4.06 8.35 -0.91
C ALA B 43 -3.32 8.35 0.43
N TYR B 44 -3.97 7.89 1.49
CA TYR B 44 -3.41 7.81 2.83
C TYR B 44 -2.11 6.99 2.77
N ILE B 45 -2.19 5.78 2.20
CA ILE B 45 -1.07 4.86 2.06
C ILE B 45 0.10 5.52 1.31
N ARG B 46 -0.11 5.91 0.06
CA ARG B 46 0.91 6.49 -0.78
C ARG B 46 1.51 7.78 -0.18
N ASN B 47 0.70 8.64 0.44
CA ASN B 47 1.16 9.87 1.06
C ASN B 47 2.07 9.55 2.23
N ALA B 48 1.56 8.74 3.17
CA ALA B 48 2.27 8.33 4.37
C ALA B 48 3.59 7.63 4.04
N ALA B 49 3.66 6.97 2.89
CA ALA B 49 4.84 6.25 2.45
C ALA B 49 5.96 7.17 1.94
N LEU B 50 5.63 8.37 1.46
CA LEU B 50 6.60 9.33 0.95
C LEU B 50 7.01 10.30 2.06
N ASN B 51 6.01 10.78 2.82
CA ASN B 51 6.17 11.71 3.93
C ASN B 51 6.50 10.95 5.20
N SER A 1 -43.43 -3.20 -4.95
CA SER A 1 -42.40 -2.94 -5.95
C SER A 1 -41.73 -4.25 -6.28
N ASP A 2 -41.44 -4.48 -7.55
CA ASP A 2 -40.81 -5.68 -8.07
C ASP A 2 -39.32 -5.53 -7.75
N SER A 3 -38.96 -5.85 -6.50
CA SER A 3 -37.61 -5.76 -6.00
C SER A 3 -37.06 -7.14 -5.67
N ALA A 4 -35.93 -7.48 -6.28
CA ALA A 4 -35.28 -8.76 -6.09
C ALA A 4 -33.77 -8.60 -6.11
N VAL A 5 -33.07 -9.35 -5.25
CA VAL A 5 -31.63 -9.34 -5.14
C VAL A 5 -31.14 -10.77 -4.93
N ARG A 6 -29.89 -11.02 -5.29
CA ARG A 6 -29.19 -12.29 -5.13
C ARG A 6 -27.77 -11.99 -4.63
N LYS A 7 -27.58 -10.82 -4.01
CA LYS A 7 -26.30 -10.38 -3.47
C LYS A 7 -25.91 -11.31 -2.32
N LYS A 8 -24.64 -11.25 -1.95
CA LYS A 8 -24.06 -12.02 -0.86
C LYS A 8 -23.19 -11.06 -0.07
N SER A 9 -22.85 -11.39 1.16
CA SER A 9 -22.03 -10.54 2.02
C SER A 9 -21.00 -11.34 2.82
N GLU A 10 -20.98 -12.66 2.68
CA GLU A 10 -20.04 -13.50 3.39
C GLU A 10 -18.80 -13.72 2.53
N VAL A 11 -17.65 -13.86 3.19
CA VAL A 11 -16.35 -14.06 2.56
C VAL A 11 -15.35 -14.73 3.52
N ARG A 12 -15.56 -14.66 4.84
CA ARG A 12 -14.68 -15.23 5.88
C ARG A 12 -13.21 -14.86 5.66
N GLN A 13 -12.93 -13.59 5.31
CA GLN A 13 -11.59 -13.07 5.07
C GLN A 13 -11.31 -12.05 6.16
N LYS A 14 -10.28 -12.31 6.98
CA LYS A 14 -9.88 -11.38 8.04
C LYS A 14 -8.93 -10.33 7.46
N THR A 15 -8.15 -10.72 6.45
CA THR A 15 -7.20 -9.87 5.76
C THR A 15 -7.96 -9.02 4.74
N VAL A 16 -7.22 -8.28 3.93
CA VAL A 16 -7.74 -7.43 2.89
C VAL A 16 -6.91 -7.73 1.67
N VAL A 17 -7.51 -7.62 0.49
CA VAL A 17 -6.83 -7.83 -0.76
C VAL A 17 -7.32 -6.75 -1.70
N ARG A 18 -6.43 -5.84 -2.07
CA ARG A 18 -6.76 -4.73 -2.96
C ARG A 18 -5.57 -4.52 -3.91
N THR A 19 -5.63 -3.58 -4.84
CA THR A 19 -4.57 -3.29 -5.79
C THR A 19 -4.09 -1.86 -5.50
N LEU A 20 -2.90 -1.72 -4.93
CA LEU A 20 -2.33 -0.42 -4.58
C LEU A 20 -1.39 0.01 -5.71
N ARG A 21 -1.88 0.89 -6.58
CA ARG A 21 -1.11 1.41 -7.69
C ARG A 21 -0.23 2.56 -7.21
N PHE A 22 0.87 2.81 -7.92
CA PHE A 22 1.81 3.90 -7.61
C PHE A 22 2.41 4.40 -8.91
N SER A 23 2.82 5.66 -8.92
CA SER A 23 3.45 6.29 -10.08
C SER A 23 4.92 5.85 -10.11
N PRO A 24 5.68 6.06 -11.20
CA PRO A 24 7.07 5.61 -11.26
C PRO A 24 7.95 6.32 -10.23
N VAL A 25 7.77 7.63 -10.07
CA VAL A 25 8.52 8.45 -9.12
C VAL A 25 8.16 8.04 -7.68
N GLU A 26 6.89 7.74 -7.39
CA GLU A 26 6.43 7.33 -6.06
C GLU A 26 7.10 6.01 -5.69
N ASP A 27 7.18 5.10 -6.65
CA ASP A 27 7.77 3.79 -6.50
C ASP A 27 9.27 3.90 -6.30
N GLU A 28 9.96 4.69 -7.13
CA GLU A 28 11.40 4.89 -7.00
C GLU A 28 11.72 5.44 -5.62
N THR A 29 10.84 6.26 -5.06
CA THR A 29 11.03 6.83 -3.73
C THR A 29 10.86 5.73 -2.67
N ILE A 30 9.69 5.11 -2.61
CA ILE A 30 9.37 4.07 -1.63
C ILE A 30 10.32 2.90 -1.73
N ARG A 31 10.65 2.45 -2.94
CA ARG A 31 11.54 1.32 -3.14
C ARG A 31 12.94 1.64 -2.62
N LYS A 32 13.49 2.83 -2.90
CA LYS A 32 14.84 3.12 -2.40
C LYS A 32 14.77 3.25 -0.88
N LYS A 33 13.77 3.97 -0.35
CA LYS A 33 13.60 4.18 1.08
C LYS A 33 13.52 2.86 1.81
N ALA A 34 12.68 1.96 1.30
CA ALA A 34 12.44 0.63 1.84
C ALA A 34 13.75 -0.17 1.85
N GLU A 35 14.42 -0.26 0.70
CA GLU A 35 15.66 -0.99 0.55
C GLU A 35 16.73 -0.45 1.52
N ASP A 36 16.82 0.87 1.67
CA ASP A 36 17.76 1.56 2.55
C ASP A 36 17.42 1.28 4.01
N SER A 37 16.13 1.26 4.34
CA SER A 37 15.63 0.97 5.67
C SER A 37 15.79 -0.53 5.97
N GLY A 38 16.03 -1.35 4.94
CA GLY A 38 16.16 -2.79 5.04
C GLY A 38 14.79 -3.43 5.24
N LEU A 39 13.71 -2.65 5.28
CA LEU A 39 12.33 -3.05 5.45
C LEU A 39 11.77 -3.14 4.05
N THR A 40 11.40 -4.33 3.59
CA THR A 40 10.84 -4.51 2.25
C THR A 40 9.67 -3.53 2.05
N VAL A 41 9.38 -3.16 0.80
CA VAL A 41 8.32 -2.23 0.43
C VAL A 41 7.01 -2.51 1.17
N SER A 42 6.61 -3.77 1.31
CA SER A 42 5.38 -4.10 2.01
C SER A 42 5.44 -3.69 3.50
N ALA A 43 6.55 -4.00 4.18
CA ALA A 43 6.75 -3.66 5.57
C ALA A 43 6.83 -2.14 5.71
N TYR A 44 7.59 -1.49 4.83
CA TYR A 44 7.78 -0.05 4.82
C TYR A 44 6.41 0.63 4.72
N ILE A 45 5.60 0.23 3.74
CA ILE A 45 4.26 0.76 3.50
C ILE A 45 3.41 0.66 4.76
N ARG A 46 3.15 -0.57 5.23
CA ARG A 46 2.31 -0.78 6.41
C ARG A 46 2.87 -0.04 7.62
N ASN A 47 4.17 -0.15 7.90
CA ASN A 47 4.77 0.52 9.05
C ASN A 47 4.51 2.01 8.98
N ALA A 48 4.88 2.66 7.87
CA ALA A 48 4.69 4.10 7.70
C ALA A 48 3.21 4.51 7.79
N ALA A 49 2.30 3.65 7.32
CA ALA A 49 0.87 3.91 7.33
C ALA A 49 0.26 3.85 8.73
N LEU A 50 0.68 2.87 9.53
CA LEU A 50 0.18 2.64 10.87
C LEU A 50 0.88 3.48 11.93
N ASN A 51 2.18 3.71 11.79
CA ASN A 51 2.97 4.45 12.76
C ASN A 51 3.31 5.84 12.33
N SER B 1 26.74 -25.34 -22.08
CA SER B 1 25.46 -25.46 -21.41
C SER B 1 24.39 -25.28 -22.47
N ASP B 2 23.54 -26.29 -22.64
CA ASP B 2 22.45 -26.35 -23.61
C ASP B 2 21.23 -25.66 -23.00
N SER B 3 21.48 -24.46 -22.48
CA SER B 3 20.54 -23.57 -21.83
C SER B 3 19.54 -23.04 -22.86
N ALA B 4 18.26 -23.05 -22.50
CA ALA B 4 17.18 -22.58 -23.36
C ALA B 4 16.17 -21.82 -22.51
N VAL B 5 16.03 -20.53 -22.75
CA VAL B 5 15.11 -19.64 -22.05
C VAL B 5 14.30 -18.88 -23.10
N ARG B 6 13.01 -18.66 -22.84
CA ARG B 6 12.08 -17.95 -23.72
C ARG B 6 11.23 -16.95 -22.93
N LYS B 7 11.89 -16.26 -22.00
CA LYS B 7 11.29 -15.24 -21.14
C LYS B 7 11.13 -13.94 -21.96
N LYS B 8 10.66 -12.88 -21.33
CA LYS B 8 10.45 -11.53 -21.86
C LYS B 8 10.65 -10.57 -20.69
N SER B 9 10.80 -9.27 -20.94
CA SER B 9 11.02 -8.29 -19.89
C SER B 9 10.34 -6.94 -20.12
N GLU B 10 9.84 -6.66 -21.32
CA GLU B 10 9.17 -5.43 -21.71
C GLU B 10 7.71 -5.44 -21.28
N VAL B 11 7.39 -4.87 -20.12
CA VAL B 11 6.00 -4.83 -19.63
C VAL B 11 5.27 -3.54 -20.01
N ARG B 12 5.98 -2.51 -20.51
CA ARG B 12 5.43 -1.20 -20.91
C ARG B 12 4.41 -0.68 -19.87
N GLN B 13 4.85 -0.52 -18.63
CA GLN B 13 4.04 -0.04 -17.52
C GLN B 13 4.87 0.90 -16.65
N LYS B 14 4.46 2.17 -16.58
CA LYS B 14 5.15 3.18 -15.78
C LYS B 14 4.72 3.04 -14.32
N THR B 15 3.42 2.82 -14.10
CA THR B 15 2.83 2.64 -12.79
C THR B 15 3.31 1.29 -12.22
N VAL B 16 2.89 0.96 -11.01
CA VAL B 16 3.24 -0.27 -10.32
C VAL B 16 1.94 -0.92 -9.92
N VAL B 17 1.86 -2.25 -9.93
CA VAL B 17 0.66 -2.99 -9.57
C VAL B 17 1.07 -4.18 -8.70
N ARG B 18 0.58 -4.23 -7.46
CA ARG B 18 0.89 -5.34 -6.57
C ARG B 18 -0.26 -5.60 -5.61
N THR B 19 -0.30 -6.82 -5.07
CA THR B 19 -1.30 -7.30 -4.13
C THR B 19 -0.74 -7.11 -2.72
N LEU B 20 -1.07 -5.98 -2.09
CA LEU B 20 -0.63 -5.64 -0.75
C LEU B 20 -1.71 -6.05 0.26
N ARG B 21 -1.57 -7.24 0.82
CA ARG B 21 -2.51 -7.77 1.81
C ARG B 21 -2.26 -7.08 3.16
N PHE B 22 -3.30 -6.89 3.96
CA PHE B 22 -3.22 -6.24 5.29
C PHE B 22 -4.06 -7.05 6.27
N SER B 23 -3.72 -7.00 7.56
CA SER B 23 -4.44 -7.72 8.62
C SER B 23 -5.69 -6.91 9.04
N PRO B 24 -6.62 -7.47 9.84
CA PRO B 24 -7.81 -6.74 10.25
C PRO B 24 -7.46 -5.52 11.12
N VAL B 25 -6.43 -5.65 11.97
CA VAL B 25 -6.01 -4.55 12.83
C VAL B 25 -5.43 -3.45 11.94
N GLU B 26 -4.59 -3.82 10.97
CA GLU B 26 -3.95 -2.89 10.05
C GLU B 26 -5.01 -2.13 9.24
N ASP B 27 -5.95 -2.85 8.65
CA ASP B 27 -7.00 -2.26 7.82
C ASP B 27 -7.84 -1.30 8.61
N GLU B 28 -8.40 -1.70 9.75
CA GLU B 28 -9.23 -0.82 10.55
C GLU B 28 -8.42 0.43 10.91
N THR B 29 -7.16 0.28 11.33
CA THR B 29 -6.34 1.42 11.69
C THR B 29 -6.22 2.39 10.50
N ILE B 30 -5.81 1.89 9.34
CA ILE B 30 -5.63 2.68 8.12
C ILE B 30 -6.96 3.30 7.67
N ARG B 31 -8.04 2.53 7.70
CA ARG B 31 -9.38 2.93 7.29
C ARG B 31 -9.91 4.04 8.17
N LYS B 32 -9.76 3.91 9.49
CA LYS B 32 -10.25 4.93 10.42
C LYS B 32 -9.44 6.19 10.24
N LYS B 33 -8.11 6.06 10.08
CA LYS B 33 -7.22 7.19 9.88
C LYS B 33 -7.56 7.90 8.57
N ALA B 34 -7.61 7.15 7.47
CA ALA B 34 -7.90 7.68 6.13
C ALA B 34 -9.20 8.50 6.13
N GLU B 35 -10.27 7.94 6.66
CA GLU B 35 -11.55 8.64 6.70
C GLU B 35 -11.48 9.91 7.54
N ASP B 36 -10.79 9.88 8.69
CA ASP B 36 -10.67 11.02 9.60
C ASP B 36 -9.73 12.10 9.10
N SER B 37 -8.70 11.71 8.35
CA SER B 37 -7.71 12.64 7.80
C SER B 37 -8.14 13.23 6.46
N GLY B 38 -9.25 12.80 5.86
CA GLY B 38 -9.71 13.34 4.58
C GLY B 38 -8.91 12.86 3.36
N LEU B 39 -8.12 11.80 3.52
CA LEU B 39 -7.30 11.20 2.48
C LEU B 39 -7.75 9.75 2.38
N THR B 40 -8.38 9.37 1.27
CA THR B 40 -8.86 8.02 1.01
C THR B 40 -7.73 7.01 1.23
N VAL B 41 -8.03 5.75 1.52
CA VAL B 41 -7.07 4.69 1.80
C VAL B 41 -5.90 4.68 0.80
N SER B 42 -6.16 4.77 -0.50
CA SER B 42 -5.08 4.75 -1.48
C SER B 42 -4.15 5.97 -1.31
N ALA B 43 -4.71 7.18 -1.18
CA ALA B 43 -3.97 8.42 -0.98
C ALA B 43 -3.24 8.39 0.37
N TYR B 44 -3.90 7.92 1.43
CA TYR B 44 -3.35 7.80 2.77
C TYR B 44 -2.05 7.00 2.70
N ILE B 45 -2.12 5.80 2.11
CA ILE B 45 -0.96 4.92 1.96
C ILE B 45 0.19 5.63 1.25
N ARG B 46 -0.01 6.09 0.01
CA ARG B 46 1.06 6.75 -0.74
C ARG B 46 1.60 7.97 0.01
N ASN B 47 0.71 8.80 0.54
CA ASN B 47 1.08 10.01 1.27
C ASN B 47 1.98 9.68 2.46
N ALA B 48 1.52 8.79 3.35
CA ALA B 48 2.26 8.38 4.55
C ALA B 48 3.58 7.68 4.21
N ALA B 49 3.62 6.97 3.08
CA ALA B 49 4.81 6.25 2.67
C ALA B 49 5.89 7.15 2.08
N LEU B 50 5.52 8.12 1.26
CA LEU B 50 6.48 9.03 0.62
C LEU B 50 7.05 10.04 1.61
N ASN B 51 6.16 10.60 2.44
CA ASN B 51 6.51 11.58 3.44
C ASN B 51 7.21 10.93 4.62
N SER A 1 -31.18 -20.92 22.17
CA SER A 1 -31.37 -21.77 20.99
C SER A 1 -31.21 -20.88 19.77
N ASP A 2 -30.43 -21.33 18.80
CA ASP A 2 -30.12 -20.65 17.54
C ASP A 2 -30.04 -21.75 16.47
N SER A 3 -29.22 -21.59 15.41
CA SER A 3 -29.09 -22.59 14.36
C SER A 3 -27.68 -22.64 13.75
N ALA A 4 -26.66 -22.08 14.41
CA ALA A 4 -25.28 -22.05 13.93
C ALA A 4 -24.69 -23.44 13.69
N VAL A 5 -25.26 -24.50 14.28
CA VAL A 5 -24.80 -25.89 14.13
C VAL A 5 -24.64 -26.28 12.65
N ARG A 6 -25.40 -25.65 11.74
CA ARG A 6 -25.35 -25.91 10.31
C ARG A 6 -24.06 -25.44 9.63
N LYS A 7 -23.10 -24.85 10.36
CA LYS A 7 -21.84 -24.37 9.80
C LYS A 7 -20.71 -24.60 10.81
N LYS A 8 -19.68 -25.36 10.44
CA LYS A 8 -18.53 -25.62 11.32
C LYS A 8 -17.41 -24.60 11.08
N SER A 9 -17.63 -23.63 10.18
CA SER A 9 -16.70 -22.57 9.79
C SER A 9 -17.49 -21.33 9.37
N GLU A 10 -16.82 -20.24 8.99
CA GLU A 10 -17.44 -18.99 8.59
C GLU A 10 -16.81 -18.45 7.29
N VAL A 11 -17.39 -17.38 6.75
CA VAL A 11 -16.96 -16.69 5.55
C VAL A 11 -16.73 -15.23 5.95
N ARG A 12 -15.47 -14.86 6.14
CA ARG A 12 -14.98 -13.54 6.51
C ARG A 12 -13.49 -13.56 6.20
N GLN A 13 -13.06 -12.62 5.38
CA GLN A 13 -11.70 -12.44 4.92
C GLN A 13 -11.17 -11.25 5.68
N LYS A 14 -10.63 -11.55 6.87
CA LYS A 14 -10.05 -10.57 7.77
C LYS A 14 -8.91 -9.77 7.14
N THR A 15 -8.26 -10.31 6.10
CA THR A 15 -7.19 -9.60 5.42
C THR A 15 -7.79 -8.66 4.38
N VAL A 16 -7.00 -7.68 3.95
CA VAL A 16 -7.43 -6.71 2.96
C VAL A 16 -6.69 -6.94 1.65
N VAL A 17 -7.18 -7.85 0.82
CA VAL A 17 -6.54 -8.07 -0.47
C VAL A 17 -7.09 -6.99 -1.39
N ARG A 18 -6.20 -6.16 -1.95
CA ARG A 18 -6.60 -5.11 -2.87
C ARG A 18 -5.38 -4.77 -3.73
N THR A 19 -5.62 -4.08 -4.84
CA THR A 19 -4.59 -3.65 -5.78
C THR A 19 -4.36 -2.18 -5.52
N LEU A 20 -3.09 -1.76 -5.38
CA LEU A 20 -2.70 -0.38 -5.14
C LEU A 20 -1.61 -0.06 -6.15
N ARG A 21 -1.78 1.01 -6.92
CA ARG A 21 -0.82 1.46 -7.92
C ARG A 21 -0.11 2.73 -7.47
N PHE A 22 1.08 2.94 -8.02
CA PHE A 22 1.96 4.08 -7.75
C PHE A 22 2.47 4.62 -9.09
N SER A 23 3.42 5.55 -9.07
CA SER A 23 4.01 6.15 -10.26
C SER A 23 5.51 5.82 -10.25
N PRO A 24 6.32 6.17 -11.27
CA PRO A 24 7.73 5.81 -11.27
C PRO A 24 8.49 6.50 -10.15
N VAL A 25 8.35 7.83 -10.02
CA VAL A 25 9.01 8.64 -9.00
C VAL A 25 8.62 8.18 -7.59
N GLU A 26 7.33 7.93 -7.38
CA GLU A 26 6.79 7.51 -6.09
C GLU A 26 7.32 6.13 -5.72
N ASP A 27 7.27 5.18 -6.65
CA ASP A 27 7.74 3.81 -6.46
C ASP A 27 9.22 3.80 -6.15
N GLU A 28 9.99 4.59 -6.89
CA GLU A 28 11.42 4.72 -6.76
C GLU A 28 11.73 5.25 -5.36
N THR A 29 11.05 6.32 -4.94
CA THR A 29 11.24 6.91 -3.63
C THR A 29 11.00 5.85 -2.54
N ILE A 30 9.85 5.16 -2.62
CA ILE A 30 9.47 4.13 -1.68
C ILE A 30 10.46 2.97 -1.72
N ARG A 31 10.91 2.55 -2.90
CA ARG A 31 11.87 1.46 -3.04
C ARG A 31 13.18 1.81 -2.35
N LYS A 32 13.75 2.97 -2.69
CA LYS A 32 15.00 3.41 -2.12
C LYS A 32 14.87 3.46 -0.60
N LYS A 33 13.82 4.07 -0.08
CA LYS A 33 13.61 4.19 1.36
C LYS A 33 13.32 2.84 2.00
N ALA A 34 12.61 1.93 1.34
CA ALA A 34 12.32 0.60 1.86
C ALA A 34 13.66 -0.09 2.08
N GLU A 35 14.49 -0.10 1.03
CA GLU A 35 15.80 -0.73 1.05
C GLU A 35 16.72 -0.07 2.08
N ASP A 36 16.67 1.26 2.23
CA ASP A 36 17.47 2.03 3.18
C ASP A 36 17.02 1.63 4.59
N SER A 37 15.70 1.52 4.80
CA SER A 37 15.08 1.14 6.05
C SER A 37 15.55 -0.27 6.41
N GLY A 38 15.77 -1.10 5.39
CA GLY A 38 16.20 -2.48 5.50
C GLY A 38 14.96 -3.36 5.54
N LEU A 39 13.93 -3.00 4.75
CA LEU A 39 12.66 -3.67 4.65
C LEU A 39 12.25 -3.72 3.19
N THR A 40 11.36 -4.63 2.85
CA THR A 40 10.84 -4.71 1.50
C THR A 40 9.73 -3.66 1.43
N VAL A 41 9.44 -3.16 0.24
CA VAL A 41 8.41 -2.17 -0.06
C VAL A 41 7.11 -2.51 0.66
N SER A 42 6.68 -3.77 0.69
CA SER A 42 5.45 -4.18 1.37
C SER A 42 5.48 -3.82 2.85
N ALA A 43 6.55 -4.23 3.55
CA ALA A 43 6.76 -3.98 4.97
C ALA A 43 6.83 -2.47 5.21
N TYR A 44 7.62 -1.76 4.41
CA TYR A 44 7.79 -0.31 4.50
C TYR A 44 6.42 0.37 4.42
N ILE A 45 5.58 -0.02 3.46
CA ILE A 45 4.22 0.51 3.24
C ILE A 45 3.39 0.33 4.49
N ARG A 46 3.10 -0.92 4.87
CA ARG A 46 2.27 -1.21 6.02
C ARG A 46 2.80 -0.56 7.29
N ASN A 47 4.11 -0.54 7.54
CA ASN A 47 4.66 0.05 8.74
C ASN A 47 4.51 1.57 8.76
N ALA A 48 4.82 2.25 7.66
CA ALA A 48 4.68 3.71 7.58
C ALA A 48 3.22 4.10 7.71
N ALA A 49 2.32 3.25 7.19
CA ALA A 49 0.89 3.46 7.20
C ALA A 49 0.27 3.26 8.59
N LEU A 50 0.99 2.67 9.55
CA LEU A 50 0.48 2.47 10.90
C LEU A 50 1.05 3.52 11.82
N ASN A 51 2.34 3.85 11.65
CA ASN A 51 3.00 4.86 12.48
C ASN A 51 2.71 6.25 11.94
N SER B 1 22.40 5.82 -36.74
CA SER B 1 21.67 4.74 -37.40
C SER B 1 21.41 3.67 -36.36
N ASP B 2 20.18 3.19 -36.27
CA ASP B 2 19.70 2.17 -35.34
C ASP B 2 18.58 1.40 -36.05
N SER B 3 17.61 0.81 -35.34
CA SER B 3 16.51 0.05 -35.93
C SER B 3 15.18 0.19 -35.15
N ALA B 4 15.07 1.14 -34.23
CA ALA B 4 13.88 1.39 -33.42
C ALA B 4 12.65 1.68 -34.28
N VAL B 5 12.86 2.14 -35.53
CA VAL B 5 11.82 2.47 -36.51
C VAL B 5 10.84 1.30 -36.74
N ARG B 6 11.22 0.06 -36.42
CA ARG B 6 10.37 -1.12 -36.58
C ARG B 6 9.06 -1.03 -35.78
N LYS B 7 8.95 -0.12 -34.81
CA LYS B 7 7.79 0.09 -33.95
C LYS B 7 7.68 1.59 -33.69
N LYS B 8 6.48 2.06 -33.32
CA LYS B 8 6.22 3.48 -33.05
C LYS B 8 5.93 3.76 -31.58
N SER B 9 6.03 2.76 -30.69
CA SER B 9 5.80 2.89 -29.26
C SER B 9 6.58 1.77 -28.55
N GLU B 10 6.77 1.91 -27.24
CA GLU B 10 7.46 0.96 -26.38
C GLU B 10 6.45 0.12 -25.59
N VAL B 11 6.95 -0.73 -24.70
CA VAL B 11 6.20 -1.64 -23.85
C VAL B 11 6.83 -1.59 -22.43
N ARG B 12 6.35 -0.72 -21.55
CA ARG B 12 6.81 -0.55 -20.18
C ARG B 12 5.61 -0.35 -19.25
N GLN B 13 5.84 -0.40 -17.94
CA GLN B 13 4.86 -0.23 -16.89
C GLN B 13 5.46 0.72 -15.87
N LYS B 14 5.23 2.02 -16.04
CA LYS B 14 5.71 3.06 -15.14
C LYS B 14 5.07 3.00 -13.75
N THR B 15 3.94 2.32 -13.62
CA THR B 15 3.21 2.13 -12.37
C THR B 15 3.70 0.83 -11.72
N VAL B 16 3.03 0.43 -10.64
CA VAL B 16 3.33 -0.76 -9.87
C VAL B 16 2.00 -1.43 -9.56
N VAL B 17 1.52 -2.31 -10.44
CA VAL B 17 0.27 -2.99 -10.18
C VAL B 17 0.65 -4.20 -9.33
N ARG B 18 0.39 -4.13 -8.03
CA ARG B 18 0.71 -5.19 -7.07
C ARG B 18 -0.47 -5.35 -6.13
N THR B 19 -0.50 -6.46 -5.39
CA THR B 19 -1.54 -6.78 -4.43
C THR B 19 -0.86 -6.72 -3.07
N LEU B 20 -1.34 -5.85 -2.18
CA LEU B 20 -0.76 -5.67 -0.85
C LEU B 20 -1.79 -6.01 0.21
N ARG B 21 -1.57 -7.10 0.95
CA ARG B 21 -2.48 -7.52 2.00
C ARG B 21 -2.11 -6.89 3.34
N PHE B 22 -3.12 -6.76 4.20
CA PHE B 22 -3.05 -6.19 5.54
C PHE B 22 -3.92 -7.05 6.44
N SER B 23 -3.75 -6.96 7.76
CA SER B 23 -4.55 -7.73 8.71
C SER B 23 -5.73 -6.85 9.18
N PRO B 24 -6.66 -7.34 10.03
CA PRO B 24 -7.81 -6.54 10.44
C PRO B 24 -7.48 -5.40 11.39
N VAL B 25 -6.37 -5.47 12.11
CA VAL B 25 -5.97 -4.42 13.03
C VAL B 25 -5.44 -3.26 12.21
N GLU B 26 -4.58 -3.55 11.23
CA GLU B 26 -4.00 -2.55 10.35
C GLU B 26 -5.10 -1.88 9.53
N ASP B 27 -6.07 -2.64 9.04
CA ASP B 27 -7.17 -2.13 8.24
C ASP B 27 -8.01 -1.15 9.01
N GLU B 28 -8.40 -1.51 10.23
CA GLU B 28 -9.19 -0.65 11.09
C GLU B 28 -8.43 0.64 11.35
N THR B 29 -7.15 0.52 11.74
CA THR B 29 -6.32 1.68 12.02
C THR B 29 -6.22 2.59 10.79
N ILE B 30 -5.77 2.03 9.65
CA ILE B 30 -5.60 2.76 8.41
C ILE B 30 -6.93 3.40 7.97
N ARG B 31 -8.03 2.66 8.00
CA ARG B 31 -9.33 3.16 7.58
C ARG B 31 -9.78 4.31 8.46
N LYS B 32 -9.63 4.21 9.79
CA LYS B 32 -10.03 5.29 10.69
C LYS B 32 -9.21 6.55 10.38
N LYS B 33 -7.88 6.43 10.32
CA LYS B 33 -6.99 7.56 10.04
C LYS B 33 -7.24 8.16 8.67
N ALA B 34 -7.43 7.33 7.65
CA ALA B 34 -7.70 7.75 6.29
C ALA B 34 -8.96 8.61 6.27
N GLU B 35 -10.05 8.08 6.83
CA GLU B 35 -11.33 8.78 6.83
C GLU B 35 -11.24 10.08 7.61
N ASP B 36 -10.52 10.09 8.74
CA ASP B 36 -10.30 11.22 9.62
C ASP B 36 -9.59 12.30 8.83
N SER B 37 -8.54 11.92 8.09
CA SER B 37 -7.78 12.89 7.31
C SER B 37 -8.59 13.34 6.09
N GLY B 38 -9.66 12.63 5.73
CA GLY B 38 -10.48 12.97 4.59
C GLY B 38 -9.88 12.44 3.28
N LEU B 39 -8.76 11.72 3.36
CA LEU B 39 -8.01 11.14 2.26
C LEU B 39 -8.39 9.68 2.21
N THR B 40 -8.89 9.22 1.08
CA THR B 40 -9.27 7.83 0.91
C THR B 40 -8.06 6.94 1.28
N VAL B 41 -8.32 5.71 1.71
CA VAL B 41 -7.29 4.74 2.12
C VAL B 41 -6.16 4.64 1.10
N SER B 42 -6.45 4.61 -0.20
CA SER B 42 -5.42 4.54 -1.21
C SER B 42 -4.49 5.77 -1.15
N ALA B 43 -5.06 6.97 -1.03
CA ALA B 43 -4.30 8.20 -0.93
C ALA B 43 -3.50 8.20 0.37
N TYR B 44 -4.12 7.79 1.48
CA TYR B 44 -3.50 7.72 2.79
C TYR B 44 -2.23 6.89 2.72
N ILE B 45 -2.29 5.69 2.14
CA ILE B 45 -1.14 4.79 2.00
C ILE B 45 0.02 5.47 1.27
N ARG B 46 -0.18 5.88 0.01
CA ARG B 46 0.87 6.52 -0.78
C ARG B 46 1.39 7.76 -0.07
N ASN B 47 0.51 8.56 0.54
CA ASN B 47 0.88 9.78 1.24
C ASN B 47 1.83 9.46 2.39
N ALA B 48 1.44 8.56 3.30
CA ALA B 48 2.25 8.19 4.46
C ALA B 48 3.58 7.54 4.05
N ALA B 49 3.61 6.85 2.91
CA ALA B 49 4.78 6.17 2.40
C ALA B 49 5.81 7.12 1.79
N LEU B 50 5.42 8.32 1.39
CA LEU B 50 6.33 9.31 0.79
C LEU B 50 6.74 10.35 1.82
N ASN B 51 5.79 10.71 2.69
CA ASN B 51 5.98 11.70 3.75
C ASN B 51 6.72 11.07 4.92
N SER A 1 -17.10 -25.12 28.28
CA SER A 1 -15.73 -24.55 28.21
C SER A 1 -15.19 -24.85 26.83
N ASP A 2 -15.90 -24.28 25.88
CA ASP A 2 -15.82 -24.34 24.44
C ASP A 2 -14.84 -23.30 23.92
N SER A 3 -14.54 -23.33 22.62
CA SER A 3 -13.63 -22.43 21.93
C SER A 3 -13.90 -22.54 20.42
N ALA A 4 -13.18 -21.76 19.62
CA ALA A 4 -13.31 -21.76 18.18
C ALA A 4 -12.95 -23.15 17.64
N VAL A 5 -13.96 -23.87 17.14
CA VAL A 5 -13.83 -25.22 16.56
C VAL A 5 -12.88 -25.25 15.35
N ARG A 6 -12.62 -24.08 14.75
CA ARG A 6 -11.77 -23.83 13.59
C ARG A 6 -11.92 -24.93 12.54
N LYS A 7 -13.13 -25.05 11.98
CA LYS A 7 -13.41 -26.06 10.97
C LYS A 7 -13.15 -25.57 9.55
N LYS A 8 -13.17 -24.26 9.29
CA LYS A 8 -12.94 -23.69 7.95
C LYS A 8 -12.32 -22.30 8.04
N SER A 9 -13.08 -21.32 8.52
CA SER A 9 -12.74 -19.89 8.68
C SER A 9 -12.53 -19.16 7.34
N GLU A 10 -12.45 -19.89 6.22
CA GLU A 10 -12.27 -19.38 4.87
C GLU A 10 -13.46 -18.53 4.36
N VAL A 11 -14.49 -18.44 5.18
CA VAL A 11 -15.72 -17.68 4.97
C VAL A 11 -15.68 -16.33 5.72
N ARG A 12 -14.49 -15.83 6.09
CA ARG A 12 -14.35 -14.56 6.77
C ARG A 12 -12.98 -13.98 6.41
N GLN A 13 -12.94 -13.16 5.36
CA GLN A 13 -11.69 -12.55 4.92
C GLN A 13 -11.27 -11.46 5.90
N LYS A 14 -10.43 -11.81 6.86
CA LYS A 14 -9.94 -10.85 7.85
C LYS A 14 -8.99 -9.82 7.22
N THR A 15 -8.38 -10.20 6.10
CA THR A 15 -7.46 -9.38 5.34
C THR A 15 -8.26 -8.41 4.46
N VAL A 16 -7.54 -7.74 3.59
CA VAL A 16 -8.00 -6.79 2.61
C VAL A 16 -7.13 -7.09 1.40
N VAL A 17 -7.67 -7.00 0.21
CA VAL A 17 -6.90 -7.25 -0.99
C VAL A 17 -7.32 -6.20 -1.99
N ARG A 18 -6.35 -5.40 -2.40
CA ARG A 18 -6.61 -4.35 -3.37
C ARG A 18 -5.47 -4.29 -4.36
N THR A 19 -5.75 -3.73 -5.53
CA THR A 19 -4.77 -3.55 -6.59
C THR A 19 -4.51 -2.06 -6.46
N LEU A 20 -3.43 -1.74 -5.76
CA LEU A 20 -2.98 -0.40 -5.45
C LEU A 20 -1.71 -0.05 -6.20
N ARG A 21 -1.86 0.54 -7.38
CA ARG A 21 -0.78 1.00 -8.21
C ARG A 21 -0.04 2.15 -7.52
N PHE A 22 1.23 2.35 -7.88
CA PHE A 22 2.09 3.43 -7.40
C PHE A 22 2.71 4.01 -8.66
N SER A 23 2.99 5.31 -8.69
CA SER A 23 3.55 5.96 -9.87
C SER A 23 5.06 5.62 -9.96
N PRO A 24 5.77 5.92 -11.06
CA PRO A 24 7.19 5.58 -11.18
C PRO A 24 8.09 6.35 -10.22
N VAL A 25 7.74 7.60 -9.89
CA VAL A 25 8.50 8.43 -8.97
C VAL A 25 8.25 7.91 -7.56
N GLU A 26 6.98 7.71 -7.22
CA GLU A 26 6.54 7.20 -5.93
C GLU A 26 7.22 5.86 -5.66
N ASP A 27 7.23 4.97 -6.66
CA ASP A 27 7.84 3.65 -6.55
C ASP A 27 9.33 3.73 -6.32
N GLU A 28 10.02 4.55 -7.11
CA GLU A 28 11.46 4.74 -6.99
C GLU A 28 11.79 5.24 -5.59
N THR A 29 11.08 6.26 -5.10
CA THR A 29 11.28 6.82 -3.77
C THR A 29 11.06 5.72 -2.72
N ILE A 30 9.91 5.06 -2.74
CA ILE A 30 9.57 4.02 -1.79
C ILE A 30 10.61 2.88 -1.86
N ARG A 31 11.06 2.48 -3.05
CA ARG A 31 12.06 1.43 -3.23
C ARG A 31 13.34 1.85 -2.54
N LYS A 32 13.82 3.07 -2.80
CA LYS A 32 15.04 3.59 -2.20
C LYS A 32 14.89 3.58 -0.68
N LYS A 33 13.83 4.16 -0.14
CA LYS A 33 13.60 4.23 1.30
C LYS A 33 13.49 2.86 1.93
N ALA A 34 12.79 1.93 1.29
CA ALA A 34 12.60 0.58 1.76
C ALA A 34 13.94 -0.16 1.81
N GLU A 35 14.72 -0.09 0.74
CA GLU A 35 16.01 -0.76 0.69
C GLU A 35 16.99 -0.12 1.68
N ASP A 36 16.89 1.19 1.90
CA ASP A 36 17.75 1.95 2.79
C ASP A 36 17.44 1.56 4.22
N SER A 37 16.15 1.47 4.55
CA SER A 37 15.65 1.09 5.87
C SER A 37 15.80 -0.43 6.07
N GLY A 38 16.14 -1.16 5.00
CA GLY A 38 16.28 -2.61 5.03
C GLY A 38 14.91 -3.30 5.09
N LEU A 39 13.80 -2.57 5.26
CA LEU A 39 12.45 -3.08 5.34
C LEU A 39 11.91 -3.17 3.93
N THR A 40 11.56 -4.36 3.48
CA THR A 40 10.99 -4.61 2.15
C THR A 40 9.85 -3.61 1.88
N VAL A 41 9.61 -3.26 0.61
CA VAL A 41 8.58 -2.30 0.18
C VAL A 41 7.24 -2.58 0.88
N SER A 42 6.81 -3.83 0.95
CA SER A 42 5.54 -4.16 1.60
C SER A 42 5.55 -3.78 3.09
N ALA A 43 6.61 -4.13 3.82
CA ALA A 43 6.77 -3.81 5.24
C ALA A 43 6.87 -2.30 5.41
N TYR A 44 7.66 -1.64 4.55
CA TYR A 44 7.87 -0.20 4.56
C TYR A 44 6.52 0.52 4.47
N ILE A 45 5.70 0.15 3.49
CA ILE A 45 4.37 0.71 3.25
C ILE A 45 3.51 0.60 4.51
N ARG A 46 3.17 -0.62 4.92
CA ARG A 46 2.32 -0.83 6.09
C ARG A 46 2.89 -0.15 7.34
N ASN A 47 4.20 -0.27 7.60
CA ASN A 47 4.81 0.35 8.76
C ASN A 47 4.60 1.87 8.73
N ALA A 48 4.94 2.51 7.61
CA ALA A 48 4.78 3.96 7.46
C ALA A 48 3.31 4.39 7.58
N ALA A 49 2.38 3.53 7.17
CA ALA A 49 0.96 3.82 7.21
C ALA A 49 0.28 3.60 8.56
N LEU A 50 0.74 2.64 9.34
CA LEU A 50 0.13 2.32 10.64
C LEU A 50 0.57 3.23 11.76
N ASN A 51 1.86 3.54 11.78
CA ASN A 51 2.42 4.39 12.84
C ASN A 51 1.93 5.80 12.63
N SER B 1 13.20 18.66 -34.36
CA SER B 1 12.57 19.15 -33.11
C SER B 1 11.40 18.25 -32.82
N ASP B 2 11.78 17.00 -32.60
CA ASP B 2 11.04 15.80 -32.34
C ASP B 2 10.75 15.67 -30.85
N SER B 3 9.92 14.70 -30.46
CA SER B 3 9.55 14.44 -29.08
C SER B 3 9.00 13.01 -28.99
N ALA B 4 8.69 12.57 -27.76
CA ALA B 4 8.15 11.26 -27.48
C ALA B 4 6.80 11.11 -28.18
N VAL B 5 6.76 10.32 -29.25
CA VAL B 5 5.56 10.07 -30.05
C VAL B 5 4.47 9.37 -29.23
N ARG B 6 4.82 8.60 -28.18
CA ARG B 6 3.84 7.88 -27.34
C ARG B 6 2.88 7.01 -28.16
N LYS B 7 3.33 6.46 -29.30
CA LYS B 7 2.59 5.62 -30.25
C LYS B 7 1.69 4.54 -29.63
N LYS B 8 1.96 4.10 -28.40
CA LYS B 8 1.17 3.10 -27.69
C LYS B 8 1.41 3.23 -26.19
N SER B 9 2.64 3.56 -25.76
CA SER B 9 3.10 3.75 -24.37
C SER B 9 2.96 2.54 -23.43
N GLU B 10 2.08 1.59 -23.72
CA GLU B 10 1.76 0.38 -22.98
C GLU B 10 2.92 -0.59 -22.80
N VAL B 11 3.93 -0.42 -23.63
CA VAL B 11 5.16 -1.19 -23.71
C VAL B 11 6.12 -1.00 -22.53
N ARG B 12 5.86 -0.08 -21.60
CA ARG B 12 6.71 0.16 -20.44
C ARG B 12 5.84 0.43 -19.24
N GLN B 13 5.90 -0.43 -18.23
CA GLN B 13 5.13 -0.29 -17.00
C GLN B 13 5.79 0.72 -16.09
N LYS B 14 5.33 1.97 -16.11
CA LYS B 14 5.89 2.98 -15.20
C LYS B 14 5.26 2.72 -13.83
N THR B 15 3.97 2.37 -13.80
CA THR B 15 3.26 2.06 -12.59
C THR B 15 3.72 0.69 -12.08
N VAL B 16 3.39 0.41 -10.83
CA VAL B 16 3.71 -0.83 -10.13
C VAL B 16 2.38 -1.50 -9.85
N VAL B 17 2.26 -2.81 -9.93
CA VAL B 17 1.00 -3.47 -9.64
C VAL B 17 1.35 -4.68 -8.78
N ARG B 18 0.98 -4.60 -7.50
CA ARG B 18 1.26 -5.69 -6.56
C ARG B 18 0.03 -5.98 -5.73
N THR B 19 -0.12 -7.24 -5.31
CA THR B 19 -1.21 -7.73 -4.50
C THR B 19 -0.84 -7.55 -3.04
N LEU B 20 -0.94 -6.30 -2.61
CA LEU B 20 -0.66 -5.91 -1.25
C LEU B 20 -1.96 -6.10 -0.47
N ARG B 21 -1.87 -6.66 0.72
CA ARG B 21 -2.94 -6.97 1.64
C ARG B 21 -2.60 -6.47 3.04
N PHE B 22 -3.56 -6.43 3.96
CA PHE B 22 -3.38 -5.97 5.34
C PHE B 22 -4.11 -6.91 6.31
N SER B 23 -4.09 -6.64 7.61
CA SER B 23 -4.75 -7.45 8.64
C SER B 23 -6.02 -6.73 9.14
N PRO B 24 -6.87 -7.33 9.99
CA PRO B 24 -8.10 -6.67 10.43
C PRO B 24 -7.88 -5.45 11.33
N VAL B 25 -6.90 -5.49 12.23
CA VAL B 25 -6.61 -4.37 13.12
C VAL B 25 -5.90 -3.27 12.32
N GLU B 26 -4.98 -3.69 11.46
CA GLU B 26 -4.16 -2.86 10.60
C GLU B 26 -5.05 -2.03 9.67
N ASP B 27 -5.96 -2.71 8.96
CA ASP B 27 -6.89 -2.12 8.03
C ASP B 27 -7.80 -1.13 8.73
N GLU B 28 -8.40 -1.54 9.84
CA GLU B 28 -9.29 -0.71 10.61
C GLU B 28 -8.53 0.55 11.06
N THR B 29 -7.31 0.41 11.56
CA THR B 29 -6.49 1.54 12.00
C THR B 29 -6.25 2.49 10.82
N ILE B 30 -5.70 1.97 9.71
CA ILE B 30 -5.42 2.76 8.53
C ILE B 30 -6.70 3.45 8.05
N ARG B 31 -7.83 2.75 8.05
CA ARG B 31 -9.10 3.27 7.60
C ARG B 31 -9.57 4.40 8.51
N LYS B 32 -9.47 4.25 9.82
CA LYS B 32 -9.90 5.30 10.73
C LYS B 32 -9.04 6.54 10.51
N LYS B 33 -7.71 6.41 10.42
CA LYS B 33 -6.84 7.56 10.20
C LYS B 33 -7.16 8.23 8.88
N ALA B 34 -7.27 7.42 7.82
CA ALA B 34 -7.58 7.86 6.47
C ALA B 34 -8.88 8.67 6.48
N GLU B 35 -9.97 8.06 6.95
CA GLU B 35 -11.30 8.66 7.01
C GLU B 35 -11.34 9.90 7.89
N ASP B 36 -10.68 9.86 9.06
CA ASP B 36 -10.61 10.96 10.01
C ASP B 36 -9.95 12.15 9.33
N SER B 37 -8.89 11.88 8.56
CA SER B 37 -8.15 12.86 7.81
C SER B 37 -8.89 13.26 6.53
N GLY B 38 -9.99 12.60 6.17
CA GLY B 38 -10.76 12.92 5.00
C GLY B 38 -10.19 12.47 3.66
N LEU B 39 -9.20 11.56 3.63
CA LEU B 39 -8.61 11.07 2.38
C LEU B 39 -8.83 9.57 2.36
N THR B 40 -9.10 9.02 1.18
CA THR B 40 -9.31 7.59 1.06
C THR B 40 -8.00 6.87 1.43
N VAL B 41 -8.10 5.64 1.92
CA VAL B 41 -6.97 4.80 2.33
C VAL B 41 -5.88 4.79 1.24
N SER B 42 -6.21 4.69 -0.05
CA SER B 42 -5.18 4.66 -1.08
C SER B 42 -4.29 5.92 -1.02
N ALA B 43 -4.91 7.09 -0.84
CA ALA B 43 -4.24 8.37 -0.73
C ALA B 43 -3.40 8.34 0.56
N TYR B 44 -4.02 7.96 1.68
CA TYR B 44 -3.36 7.89 2.97
C TYR B 44 -2.10 7.02 2.90
N ILE B 45 -2.18 5.84 2.28
CA ILE B 45 -1.08 4.89 2.11
C ILE B 45 0.07 5.56 1.36
N ARG B 46 -0.12 5.86 0.06
CA ARG B 46 0.91 6.46 -0.77
C ARG B 46 1.48 7.70 -0.09
N ASN B 47 0.63 8.56 0.45
CA ASN B 47 1.08 9.78 1.10
C ASN B 47 1.96 9.50 2.31
N ALA B 48 1.57 8.60 3.21
CA ALA B 48 2.35 8.26 4.40
C ALA B 48 3.68 7.61 4.01
N ALA B 49 3.72 6.92 2.86
CA ALA B 49 4.92 6.27 2.39
C ALA B 49 5.96 7.27 1.84
N LEU B 50 5.52 8.47 1.45
CA LEU B 50 6.36 9.52 0.90
C LEU B 50 6.67 10.57 1.97
N ASN B 51 5.72 10.82 2.88
CA ASN B 51 5.83 11.75 4.00
C ASN B 51 6.04 10.98 5.28
N SER A 1 -15.26 -5.39 36.17
CA SER A 1 -14.86 -4.75 34.89
C SER A 1 -13.38 -4.43 34.96
N ASP A 2 -12.64 -5.48 35.26
CA ASP A 2 -11.22 -5.67 35.50
C ASP A 2 -10.43 -5.79 34.18
N SER A 3 -11.14 -6.07 33.10
CA SER A 3 -10.71 -6.23 31.73
C SER A 3 -12.01 -6.46 30.92
N ALA A 4 -11.92 -6.48 29.59
CA ALA A 4 -13.04 -6.72 28.69
C ALA A 4 -12.55 -7.55 27.50
N VAL A 5 -13.49 -8.04 26.70
CA VAL A 5 -13.22 -8.88 25.52
C VAL A 5 -13.14 -8.01 24.25
N ARG A 6 -12.92 -8.63 23.08
CA ARG A 6 -12.81 -7.94 21.78
C ARG A 6 -13.63 -8.67 20.72
N LYS A 7 -14.42 -7.95 19.94
CA LYS A 7 -15.25 -8.48 18.86
C LYS A 7 -14.80 -7.78 17.59
N LYS A 8 -14.31 -8.57 16.63
CA LYS A 8 -13.80 -8.07 15.35
C LYS A 8 -14.92 -7.58 14.43
N SER A 9 -14.55 -6.75 13.48
CA SER A 9 -15.44 -6.17 12.49
C SER A 9 -15.77 -7.15 11.37
N GLU A 10 -14.89 -8.11 11.07
CA GLU A 10 -15.03 -9.13 10.02
C GLU A 10 -14.56 -10.50 10.50
N VAL A 11 -15.05 -11.54 9.82
CA VAL A 11 -14.76 -12.95 10.06
C VAL A 11 -14.45 -13.67 8.74
N ARG A 12 -15.20 -13.40 7.68
CA ARG A 12 -15.05 -14.00 6.36
C ARG A 12 -13.70 -13.67 5.76
N GLN A 13 -13.34 -12.39 5.62
CA GLN A 13 -12.05 -11.98 5.07
C GLN A 13 -11.35 -11.09 6.08
N LYS A 14 -10.54 -11.68 6.95
CA LYS A 14 -9.80 -10.93 7.95
C LYS A 14 -8.73 -10.07 7.26
N THR A 15 -8.17 -10.54 6.15
CA THR A 15 -7.17 -9.81 5.42
C THR A 15 -7.87 -8.87 4.44
N VAL A 16 -7.12 -7.88 3.98
CA VAL A 16 -7.57 -6.89 3.01
C VAL A 16 -6.80 -7.26 1.75
N VAL A 17 -7.42 -7.21 0.58
CA VAL A 17 -6.74 -7.52 -0.66
C VAL A 17 -7.26 -6.54 -1.69
N ARG A 18 -6.35 -5.71 -2.22
CA ARG A 18 -6.70 -4.72 -3.21
C ARG A 18 -5.47 -4.49 -4.10
N THR A 19 -5.65 -3.71 -5.15
CA THR A 19 -4.61 -3.36 -6.11
C THR A 19 -4.37 -1.88 -5.88
N LEU A 20 -3.15 -1.50 -5.53
CA LEU A 20 -2.75 -0.12 -5.30
C LEU A 20 -1.64 0.19 -6.27
N ARG A 21 -1.95 0.94 -7.33
CA ARG A 21 -0.93 1.30 -8.30
C ARG A 21 -0.18 2.53 -7.83
N PHE A 22 1.03 2.71 -8.32
CA PHE A 22 1.90 3.83 -8.00
C PHE A 22 2.57 4.32 -9.27
N SER A 23 3.13 5.52 -9.26
CA SER A 23 3.81 6.11 -10.43
C SER A 23 5.31 5.75 -10.34
N PRO A 24 6.13 5.96 -11.40
CA PRO A 24 7.54 5.58 -11.36
C PRO A 24 8.32 6.34 -10.30
N VAL A 25 8.09 7.64 -10.17
CA VAL A 25 8.76 8.50 -9.22
C VAL A 25 8.36 8.15 -7.78
N GLU A 26 7.16 7.58 -7.59
CA GLU A 26 6.63 7.20 -6.28
C GLU A 26 7.21 5.85 -5.87
N ASP A 27 7.36 4.95 -6.84
CA ASP A 27 7.91 3.61 -6.67
C ASP A 27 9.40 3.74 -6.38
N GLU A 28 10.08 4.61 -7.12
CA GLU A 28 11.49 4.90 -7.01
C GLU A 28 11.82 5.30 -5.57
N THR A 29 11.08 6.28 -5.02
CA THR A 29 11.29 6.75 -3.68
C THR A 29 10.98 5.66 -2.65
N ILE A 30 9.79 5.04 -2.73
CA ILE A 30 9.42 4.01 -1.77
C ILE A 30 10.43 2.87 -1.79
N ARG A 31 10.88 2.46 -2.97
CA ARG A 31 11.84 1.37 -3.11
C ARG A 31 13.17 1.75 -2.47
N LYS A 32 13.69 2.94 -2.79
CA LYS A 32 14.98 3.36 -2.23
C LYS A 32 14.89 3.51 -0.72
N LYS A 33 13.86 4.17 -0.20
CA LYS A 33 13.72 4.37 1.24
C LYS A 33 13.57 3.02 1.95
N ALA A 34 12.76 2.12 1.39
CA ALA A 34 12.52 0.80 1.93
C ALA A 34 13.84 0.02 2.02
N GLU A 35 14.57 -0.05 0.90
CA GLU A 35 15.84 -0.76 0.82
C GLU A 35 16.87 -0.21 1.81
N ASP A 36 16.93 1.11 2.00
CA ASP A 36 17.87 1.70 2.96
C ASP A 36 17.43 1.40 4.39
N SER A 37 16.12 1.47 4.65
CA SER A 37 15.55 1.20 5.95
C SER A 37 15.66 -0.28 6.28
N GLY A 38 16.06 -1.14 5.34
CA GLY A 38 16.17 -2.56 5.59
C GLY A 38 14.80 -3.19 5.81
N LEU A 39 13.73 -2.53 5.36
CA LEU A 39 12.34 -2.97 5.47
C LEU A 39 11.89 -3.13 4.04
N THR A 40 11.53 -4.34 3.61
CA THR A 40 11.07 -4.55 2.24
C THR A 40 9.91 -3.59 1.96
N VAL A 41 9.70 -3.17 0.70
CA VAL A 41 8.63 -2.26 0.32
C VAL A 41 7.30 -2.62 0.96
N SER A 42 6.93 -3.91 0.99
CA SER A 42 5.69 -4.35 1.58
C SER A 42 5.60 -3.95 3.06
N ALA A 43 6.66 -4.21 3.83
CA ALA A 43 6.76 -3.90 5.24
C ALA A 43 6.79 -2.38 5.44
N TYR A 44 7.56 -1.67 4.60
CA TYR A 44 7.71 -0.23 4.62
C TYR A 44 6.32 0.42 4.56
N ILE A 45 5.51 0.01 3.58
CA ILE A 45 4.15 0.51 3.37
C ILE A 45 3.33 0.38 4.65
N ARG A 46 3.12 -0.86 5.12
CA ARG A 46 2.33 -1.12 6.31
C ARG A 46 2.86 -0.39 7.54
N ASN A 47 4.17 -0.41 7.78
CA ASN A 47 4.82 0.24 8.92
C ASN A 47 4.54 1.75 8.90
N ALA A 48 4.82 2.41 7.78
CA ALA A 48 4.61 3.84 7.61
C ALA A 48 3.12 4.19 7.72
N ALA A 49 2.23 3.28 7.28
CA ALA A 49 0.79 3.48 7.32
C ALA A 49 0.17 3.32 8.71
N LEU A 50 0.87 2.74 9.68
CA LEU A 50 0.35 2.55 11.04
C LEU A 50 1.00 3.49 12.05
N ASN A 51 2.28 3.79 11.85
CA ASN A 51 3.05 4.67 12.73
C ASN A 51 2.98 6.12 12.28
N SER B 1 26.40 24.07 -18.47
CA SER B 1 25.71 23.20 -17.47
C SER B 1 24.76 24.06 -16.65
N ASP B 2 23.96 24.79 -17.39
CA ASP B 2 22.95 25.78 -17.09
C ASP B 2 21.67 25.13 -16.59
N SER B 3 21.36 23.94 -17.10
CA SER B 3 20.22 23.12 -16.77
C SER B 3 20.56 21.67 -17.18
N ALA B 4 19.66 20.72 -16.97
CA ALA B 4 19.84 19.31 -17.28
C ALA B 4 18.54 18.70 -17.84
N VAL B 5 18.57 17.40 -18.11
CA VAL B 5 17.46 16.60 -18.63
C VAL B 5 17.28 15.37 -17.73
N ARG B 6 16.08 14.77 -17.76
CA ARG B 6 15.76 13.59 -16.95
C ARG B 6 15.36 12.43 -17.85
N LYS B 7 15.38 11.22 -17.30
CA LYS B 7 15.03 9.97 -17.96
C LYS B 7 14.30 9.12 -16.93
N LYS B 8 13.15 8.53 -17.29
CA LYS B 8 12.41 7.73 -16.33
C LYS B 8 13.14 6.41 -16.08
N SER B 9 12.78 5.73 -14.99
CA SER B 9 13.34 4.47 -14.57
C SER B 9 12.86 3.37 -15.52
N GLU B 10 11.61 2.93 -15.36
CA GLU B 10 10.99 1.89 -16.17
C GLU B 10 10.59 2.40 -17.57
N VAL B 11 10.23 1.47 -18.45
CA VAL B 11 9.80 1.73 -19.82
C VAL B 11 8.52 0.94 -20.13
N ARG B 12 8.48 -0.37 -19.87
CA ARG B 12 7.32 -1.20 -20.18
C ARG B 12 6.12 -0.80 -19.33
N GLN B 13 6.26 -0.73 -18.01
CA GLN B 13 5.19 -0.34 -17.10
C GLN B 13 5.76 0.64 -16.08
N LYS B 14 5.52 1.93 -16.33
CA LYS B 14 5.95 3.00 -15.44
C LYS B 14 5.29 2.85 -14.07
N THR B 15 4.05 2.36 -14.06
CA THR B 15 3.27 2.15 -12.87
C THR B 15 3.53 0.76 -12.29
N VAL B 16 3.25 0.65 -11.01
CA VAL B 16 3.37 -0.57 -10.22
C VAL B 16 1.95 -1.10 -10.08
N VAL B 17 1.80 -2.41 -9.92
CA VAL B 17 0.53 -3.08 -9.74
C VAL B 17 0.88 -4.26 -8.83
N ARG B 18 0.42 -4.24 -7.58
CA ARG B 18 0.74 -5.32 -6.65
C ARG B 18 -0.40 -5.64 -5.68
N THR B 19 -0.35 -6.85 -5.15
CA THR B 19 -1.30 -7.41 -4.21
C THR B 19 -0.80 -7.12 -2.80
N LEU B 20 -1.04 -5.90 -2.32
CA LEU B 20 -0.61 -5.48 -1.00
C LEU B 20 -1.68 -5.89 0.03
N ARG B 21 -1.51 -7.06 0.63
CA ARG B 21 -2.42 -7.57 1.64
C ARG B 21 -2.15 -6.90 2.99
N PHE B 22 -3.17 -6.83 3.86
CA PHE B 22 -3.11 -6.23 5.20
C PHE B 22 -3.95 -7.10 6.14
N SER B 23 -3.94 -6.81 7.45
CA SER B 23 -4.70 -7.54 8.46
C SER B 23 -5.93 -6.72 8.90
N PRO B 24 -6.83 -7.22 9.78
CA PRO B 24 -8.02 -6.45 10.16
C PRO B 24 -7.70 -5.35 11.15
N VAL B 25 -6.68 -5.51 11.99
CA VAL B 25 -6.31 -4.48 12.96
C VAL B 25 -5.60 -3.37 12.19
N GLU B 26 -4.84 -3.74 11.16
CA GLU B 26 -4.12 -2.81 10.32
C GLU B 26 -5.17 -2.04 9.50
N ASP B 27 -6.16 -2.74 8.92
CA ASP B 27 -7.22 -2.11 8.14
C ASP B 27 -7.99 -1.15 9.02
N GLU B 28 -8.41 -1.60 10.21
CA GLU B 28 -9.16 -0.79 11.16
C GLU B 28 -8.36 0.43 11.61
N THR B 29 -7.03 0.41 11.51
CA THR B 29 -6.22 1.56 11.89
C THR B 29 -6.15 2.51 10.70
N ILE B 30 -5.73 1.98 9.54
CA ILE B 30 -5.58 2.74 8.30
C ILE B 30 -6.90 3.37 7.91
N ARG B 31 -8.00 2.62 7.95
CA ARG B 31 -9.33 3.07 7.59
C ARG B 31 -9.73 4.24 8.47
N LYS B 32 -9.64 4.07 9.80
CA LYS B 32 -10.02 5.13 10.72
C LYS B 32 -9.19 6.38 10.47
N LYS B 33 -7.87 6.25 10.36
CA LYS B 33 -7.01 7.41 10.16
C LYS B 33 -7.23 8.05 8.79
N ALA B 34 -7.44 7.24 7.75
CA ALA B 34 -7.68 7.72 6.40
C ALA B 34 -8.93 8.58 6.39
N GLU B 35 -10.04 8.05 6.94
CA GLU B 35 -11.29 8.80 6.97
C GLU B 35 -11.18 10.03 7.87
N ASP B 36 -10.35 9.97 8.92
CA ASP B 36 -10.11 11.07 9.84
C ASP B 36 -9.39 12.19 9.10
N SER B 37 -8.42 11.82 8.26
CA SER B 37 -7.64 12.75 7.45
C SER B 37 -8.48 13.25 6.26
N GLY B 38 -9.51 12.51 5.87
CA GLY B 38 -10.35 12.85 4.73
C GLY B 38 -9.73 12.30 3.44
N LEU B 39 -8.51 11.73 3.55
CA LEU B 39 -7.73 11.13 2.50
C LEU B 39 -8.14 9.66 2.46
N THR B 40 -8.83 9.23 1.41
CA THR B 40 -9.26 7.86 1.23
C THR B 40 -8.07 6.91 1.49
N VAL B 41 -8.33 5.65 1.88
CA VAL B 41 -7.30 4.65 2.18
C VAL B 41 -6.19 4.64 1.11
N SER B 42 -6.55 4.72 -0.18
CA SER B 42 -5.61 4.72 -1.28
C SER B 42 -4.69 5.96 -1.27
N ALA B 43 -5.21 7.13 -0.88
CA ALA B 43 -4.50 8.39 -0.77
C ALA B 43 -3.63 8.38 0.47
N TYR B 44 -4.19 7.90 1.59
CA TYR B 44 -3.53 7.79 2.87
C TYR B 44 -2.25 6.96 2.70
N ILE B 45 -2.33 5.77 2.10
CA ILE B 45 -1.18 4.89 1.88
C ILE B 45 -0.06 5.60 1.11
N ARG B 46 -0.33 6.06 -0.11
CA ARG B 46 0.67 6.75 -0.93
C ARG B 46 1.30 7.92 -0.19
N ASN B 47 0.49 8.74 0.47
CA ASN B 47 0.92 9.91 1.23
C ASN B 47 1.84 9.50 2.38
N ALA B 48 1.36 8.63 3.26
CA ALA B 48 2.11 8.16 4.43
C ALA B 48 3.43 7.50 4.08
N ALA B 49 3.51 6.86 2.90
CA ALA B 49 4.71 6.17 2.46
C ALA B 49 5.75 7.08 1.81
N LEU B 50 5.35 8.19 1.17
CA LEU B 50 6.28 9.10 0.51
C LEU B 50 6.85 10.11 1.49
N ASN B 51 6.00 10.55 2.41
CA ASN B 51 6.33 11.51 3.45
C ASN B 51 7.22 10.84 4.52
N SER A 1 -8.35 -22.45 36.94
CA SER A 1 -7.97 -21.97 35.61
C SER A 1 -6.54 -21.49 35.71
N ASP A 2 -5.67 -22.08 34.89
CA ASP A 2 -4.24 -21.84 34.77
C ASP A 2 -3.98 -20.39 34.42
N SER A 3 -4.66 -19.89 33.38
CA SER A 3 -4.56 -18.51 32.92
C SER A 3 -5.77 -18.23 32.02
N ALA A 4 -5.67 -18.59 30.74
CA ALA A 4 -6.71 -18.42 29.72
C ALA A 4 -6.71 -19.63 28.79
N VAL A 5 -7.63 -19.66 27.84
CA VAL A 5 -7.76 -20.72 26.86
C VAL A 5 -8.18 -20.10 25.53
N ARG A 6 -8.17 -20.90 24.45
CA ARG A 6 -8.55 -20.50 23.10
C ARG A 6 -9.30 -21.66 22.45
N LYS A 7 -10.03 -21.38 21.39
CA LYS A 7 -10.82 -22.33 20.60
C LYS A 7 -11.23 -21.63 19.31
N LYS A 8 -11.86 -22.36 18.40
CA LYS A 8 -12.37 -21.76 17.18
C LYS A 8 -13.41 -20.75 17.68
N SER A 9 -13.39 -19.49 17.22
CA SER A 9 -14.35 -18.47 17.65
C SER A 9 -15.12 -18.01 16.43
N GLU A 10 -14.44 -17.33 15.51
CA GLU A 10 -15.00 -16.81 14.27
C GLU A 10 -13.93 -16.94 13.18
N VAL A 11 -14.30 -16.66 11.93
CA VAL A 11 -13.43 -16.69 10.76
C VAL A 11 -14.13 -15.91 9.65
N ARG A 12 -13.41 -15.03 8.96
CA ARG A 12 -13.90 -14.21 7.86
C ARG A 12 -12.64 -13.64 7.19
N GLN A 13 -12.80 -12.74 6.23
CA GLN A 13 -11.67 -12.15 5.54
C GLN A 13 -11.10 -11.03 6.41
N LYS A 14 -10.39 -11.41 7.46
CA LYS A 14 -9.75 -10.49 8.39
C LYS A 14 -8.66 -9.68 7.66
N THR A 15 -8.01 -10.31 6.69
CA THR A 15 -6.99 -9.67 5.90
C THR A 15 -7.66 -8.84 4.81
N VAL A 16 -6.86 -7.98 4.23
CA VAL A 16 -7.25 -7.13 3.13
C VAL A 16 -6.50 -7.69 1.93
N VAL A 17 -7.11 -7.62 0.75
CA VAL A 17 -6.54 -8.06 -0.51
C VAL A 17 -7.03 -7.04 -1.53
N ARG A 18 -6.14 -6.16 -1.95
CA ARG A 18 -6.45 -5.11 -2.92
C ARG A 18 -5.22 -4.81 -3.76
N THR A 19 -5.47 -4.28 -4.95
CA THR A 19 -4.47 -3.87 -5.92
C THR A 19 -4.43 -2.35 -5.80
N LEU A 20 -3.25 -1.74 -5.64
CA LEU A 20 -3.11 -0.31 -5.49
C LEU A 20 -1.95 0.16 -6.37
N ARG A 21 -2.24 0.91 -7.43
CA ARG A 21 -1.23 1.40 -8.38
C ARG A 21 -0.60 2.71 -7.92
N PHE A 22 0.73 2.87 -8.07
CA PHE A 22 1.54 4.04 -7.67
C PHE A 22 2.28 4.61 -8.87
N SER A 23 2.72 5.86 -8.83
CA SER A 23 3.45 6.48 -9.94
C SER A 23 4.93 6.05 -9.91
N PRO A 24 5.73 6.28 -10.96
CA PRO A 24 7.13 5.89 -10.97
C PRO A 24 7.95 6.63 -9.93
N VAL A 25 7.73 7.94 -9.79
CA VAL A 25 8.43 8.78 -8.83
C VAL A 25 8.20 8.21 -7.43
N GLU A 26 6.93 8.02 -7.07
CA GLU A 26 6.51 7.47 -5.78
C GLU A 26 7.15 6.10 -5.54
N ASP A 27 7.12 5.23 -6.55
CA ASP A 27 7.68 3.88 -6.48
C ASP A 27 9.16 3.87 -6.19
N GLU A 28 9.94 4.66 -6.94
CA GLU A 28 11.37 4.72 -6.75
C GLU A 28 11.68 5.21 -5.34
N THR A 29 10.97 6.22 -4.86
CA THR A 29 11.18 6.76 -3.52
C THR A 29 10.95 5.65 -2.49
N ILE A 30 9.77 5.00 -2.56
CA ILE A 30 9.41 3.94 -1.64
C ILE A 30 10.45 2.80 -1.73
N ARG A 31 10.83 2.40 -2.95
CA ARG A 31 11.80 1.32 -3.17
C ARG A 31 13.16 1.64 -2.57
N LYS A 32 13.68 2.86 -2.73
CA LYS A 32 14.98 3.22 -2.18
C LYS A 32 14.91 3.27 -0.66
N LYS A 33 13.91 3.93 -0.08
CA LYS A 33 13.78 4.05 1.38
C LYS A 33 13.56 2.69 2.05
N ALA A 34 12.66 1.88 1.49
CA ALA A 34 12.35 0.58 2.03
C ALA A 34 13.61 -0.31 2.04
N GLU A 35 14.27 -0.41 0.89
CA GLU A 35 15.45 -1.25 0.78
C GLU A 35 16.57 -0.75 1.68
N ASP A 36 16.74 0.56 1.82
CA ASP A 36 17.76 1.17 2.67
C ASP A 36 17.49 0.76 4.12
N SER A 37 16.21 0.74 4.50
CA SER A 37 15.78 0.37 5.84
C SER A 37 15.88 -1.17 6.03
N GLY A 38 16.10 -1.94 4.96
CA GLY A 38 16.22 -3.38 5.02
C GLY A 38 14.87 -4.09 5.14
N LEU A 39 13.74 -3.37 5.09
CA LEU A 39 12.41 -3.95 5.18
C LEU A 39 11.79 -3.57 3.85
N THR A 40 11.48 -4.57 3.04
CA THR A 40 10.89 -4.44 1.72
C THR A 40 9.73 -3.47 1.69
N VAL A 41 9.42 -2.99 0.49
CA VAL A 41 8.38 -2.02 0.23
C VAL A 41 7.06 -2.32 0.92
N SER A 42 6.64 -3.59 1.01
CA SER A 42 5.39 -3.91 1.68
C SER A 42 5.51 -3.59 3.17
N ALA A 43 6.53 -4.10 3.85
CA ALA A 43 6.79 -3.84 5.27
C ALA A 43 6.91 -2.35 5.50
N TYR A 44 7.62 -1.64 4.62
CA TYR A 44 7.80 -0.19 4.69
C TYR A 44 6.43 0.49 4.65
N ILE A 45 5.60 0.15 3.65
CA ILE A 45 4.24 0.68 3.44
C ILE A 45 3.41 0.51 4.70
N ARG A 46 3.15 -0.74 5.12
CA ARG A 46 2.35 -1.01 6.30
C ARG A 46 2.90 -0.32 7.53
N ASN A 47 4.21 -0.32 7.76
CA ASN A 47 4.81 0.33 8.91
C ASN A 47 4.52 1.84 8.87
N ALA A 48 4.87 2.51 7.78
CA ALA A 48 4.67 3.95 7.62
C ALA A 48 3.19 4.34 7.73
N ALA A 49 2.29 3.48 7.28
CA ALA A 49 0.86 3.73 7.32
C ALA A 49 0.28 3.69 8.74
N LEU A 50 0.90 2.92 9.63
CA LEU A 50 0.46 2.79 11.02
C LEU A 50 1.16 3.80 11.89
N ASN A 51 2.42 4.08 11.58
CA ASN A 51 3.28 5.02 12.28
C ASN A 51 3.41 6.29 11.48
N SER B 1 13.42 29.65 -28.59
CA SER B 1 11.97 29.72 -28.46
C SER B 1 11.62 29.97 -27.01
N ASP B 2 10.46 30.58 -26.79
CA ASP B 2 9.87 30.96 -25.51
C ASP B 2 9.57 29.73 -24.65
N SER B 3 9.44 28.56 -25.27
CA SER B 3 9.16 27.29 -24.63
C SER B 3 9.73 26.15 -25.50
N ALA B 4 9.51 24.91 -25.09
CA ALA B 4 9.95 23.69 -25.76
C ALA B 4 8.72 22.77 -25.89
N VAL B 5 8.78 21.79 -26.79
CA VAL B 5 7.68 20.87 -27.05
C VAL B 5 8.13 19.41 -26.93
N ARG B 6 7.77 18.76 -25.83
CA ARG B 6 8.10 17.36 -25.55
C ARG B 6 6.93 16.49 -26.04
N LYS B 7 7.24 15.30 -26.59
CA LYS B 7 6.22 14.37 -27.09
C LYS B 7 6.82 12.96 -27.20
N LYS B 8 5.95 11.93 -27.25
CA LYS B 8 6.21 10.49 -27.37
C LYS B 8 7.53 10.04 -26.72
N SER B 9 7.76 10.44 -25.47
CA SER B 9 8.96 10.14 -24.72
C SER B 9 9.16 8.62 -24.55
N GLU B 10 8.34 7.94 -23.74
CA GLU B 10 8.47 6.50 -23.50
C GLU B 10 7.07 5.93 -23.21
N VAL B 11 6.92 4.62 -23.31
CA VAL B 11 5.70 3.86 -23.05
C VAL B 11 6.19 2.60 -22.33
N ARG B 12 6.18 2.63 -21.00
CA ARG B 12 6.61 1.52 -20.15
C ARG B 12 5.68 1.44 -18.95
N GLN B 13 5.72 0.34 -18.21
CA GLN B 13 4.90 0.12 -17.02
C GLN B 13 5.54 0.89 -15.87
N LYS B 14 5.53 2.22 -15.98
CA LYS B 14 6.08 3.13 -15.00
C LYS B 14 5.35 2.94 -13.67
N THR B 15 4.03 2.72 -13.71
CA THR B 15 3.27 2.49 -12.51
C THR B 15 3.64 1.15 -11.90
N VAL B 16 3.23 1.01 -10.66
CA VAL B 16 3.37 -0.20 -9.89
C VAL B 16 1.96 -0.78 -9.96
N VAL B 17 1.83 -2.10 -9.98
CA VAL B 17 0.57 -2.81 -9.99
C VAL B 17 0.92 -4.08 -9.23
N ARG B 18 0.54 -4.10 -7.96
CA ARG B 18 0.81 -5.22 -7.08
C ARG B 18 -0.38 -5.41 -6.15
N THR B 19 -0.47 -6.60 -5.58
CA THR B 19 -1.47 -7.03 -4.63
C THR B 19 -0.66 -7.10 -3.33
N LEU B 20 -1.06 -6.37 -2.29
CA LEU B 20 -0.36 -6.29 -1.01
C LEU B 20 -1.36 -6.43 0.12
N ARG B 21 -1.31 -7.52 0.90
CA ARG B 21 -2.25 -7.76 2.00
C ARG B 21 -1.91 -6.98 3.27
N PHE B 22 -2.90 -6.86 4.17
CA PHE B 22 -2.84 -6.18 5.47
C PHE B 22 -3.66 -6.99 6.45
N SER B 23 -3.47 -6.82 7.76
CA SER B 23 -4.20 -7.54 8.82
C SER B 23 -5.49 -6.76 9.19
N PRO B 24 -6.39 -7.28 10.05
CA PRO B 24 -7.62 -6.56 10.39
C PRO B 24 -7.35 -5.30 11.21
N VAL B 25 -6.52 -5.40 12.24
CA VAL B 25 -6.17 -4.29 13.11
C VAL B 25 -5.34 -3.25 12.35
N GLU B 26 -4.55 -3.68 11.37
CA GLU B 26 -3.74 -2.77 10.57
C GLU B 26 -4.67 -1.96 9.68
N ASP B 27 -5.59 -2.65 8.99
CA ASP B 27 -6.58 -2.08 8.10
C ASP B 27 -7.48 -1.12 8.86
N GLU B 28 -7.93 -1.48 10.06
CA GLU B 28 -8.80 -0.69 10.91
C GLU B 28 -8.17 0.68 11.17
N THR B 29 -6.92 0.72 11.64
CA THR B 29 -6.22 1.97 11.90
C THR B 29 -6.19 2.81 10.62
N ILE B 30 -5.67 2.24 9.53
CA ILE B 30 -5.56 2.94 8.25
C ILE B 30 -6.91 3.49 7.81
N ARG B 31 -7.95 2.65 7.83
CA ARG B 31 -9.29 3.00 7.42
C ARG B 31 -9.83 4.17 8.23
N LYS B 32 -9.70 4.13 9.56
CA LYS B 32 -10.18 5.20 10.42
C LYS B 32 -9.41 6.48 10.16
N LYS B 33 -8.07 6.43 10.07
CA LYS B 33 -7.27 7.63 9.86
C LYS B 33 -7.62 8.25 8.52
N ALA B 34 -7.75 7.45 7.47
CA ALA B 34 -8.08 7.87 6.12
C ALA B 34 -9.45 8.59 6.12
N GLU B 35 -10.48 7.92 6.66
CA GLU B 35 -11.85 8.43 6.73
C GLU B 35 -11.98 9.64 7.67
N ASP B 36 -11.01 9.88 8.54
CA ASP B 36 -10.96 10.97 9.50
C ASP B 36 -10.04 12.09 9.04
N SER B 37 -9.50 11.99 7.81
CA SER B 37 -8.61 12.98 7.22
C SER B 37 -9.08 13.41 5.83
N GLY B 38 -10.18 12.87 5.30
CA GLY B 38 -10.68 13.22 3.97
C GLY B 38 -9.72 12.72 2.89
N LEU B 39 -9.00 11.63 3.17
CA LEU B 39 -8.02 11.01 2.31
C LEU B 39 -8.50 9.60 2.06
N THR B 40 -8.64 9.19 0.81
CA THR B 40 -9.03 7.80 0.55
C THR B 40 -7.86 6.96 1.09
N VAL B 41 -8.11 5.72 1.49
CA VAL B 41 -7.08 4.81 2.01
C VAL B 41 -5.86 4.81 1.07
N SER B 42 -6.06 4.85 -0.25
CA SER B 42 -4.96 4.87 -1.20
C SER B 42 -4.08 6.12 -1.02
N ALA B 43 -4.69 7.30 -0.91
CA ALA B 43 -3.97 8.57 -0.72
C ALA B 43 -3.27 8.54 0.63
N TYR B 44 -3.94 8.01 1.66
CA TYR B 44 -3.40 7.89 3.00
C TYR B 44 -2.11 7.05 2.93
N ILE B 45 -2.16 5.88 2.29
CA ILE B 45 -1.04 4.95 2.11
C ILE B 45 0.09 5.71 1.39
N ARG B 46 -0.18 6.19 0.17
CA ARG B 46 0.75 6.94 -0.68
C ARG B 46 1.49 7.98 0.12
N ASN B 47 0.75 8.96 0.62
CA ASN B 47 1.26 10.07 1.37
C ASN B 47 2.10 9.66 2.57
N ALA B 48 1.63 8.74 3.42
CA ALA B 48 2.39 8.28 4.57
C ALA B 48 3.69 7.58 4.15
N ALA B 49 3.69 6.92 2.99
CA ALA B 49 4.84 6.20 2.45
C ALA B 49 5.87 7.12 1.79
N LEU B 50 5.51 8.36 1.47
CA LEU B 50 6.42 9.31 0.84
C LEU B 50 6.98 10.27 1.87
N ASN B 51 6.13 10.67 2.83
CA ASN B 51 6.47 11.57 3.93
C ASN B 51 7.19 10.81 5.03
N SER A 1 -6.48 -9.44 32.30
CA SER A 1 -6.88 -10.73 31.70
C SER A 1 -7.77 -10.38 30.52
N ASP A 2 -7.27 -10.48 29.28
CA ASP A 2 -8.04 -10.12 28.10
C ASP A 2 -7.75 -11.09 26.97
N SER A 3 -8.79 -11.49 26.23
CA SER A 3 -8.68 -12.40 25.11
C SER A 3 -8.04 -11.65 23.93
N ALA A 4 -7.54 -12.39 22.93
CA ALA A 4 -6.90 -11.82 21.75
C ALA A 4 -7.51 -12.34 20.44
N VAL A 5 -8.22 -13.45 20.48
CA VAL A 5 -8.90 -14.12 19.38
C VAL A 5 -10.01 -14.99 20.00
N ARG A 6 -10.90 -15.56 19.17
CA ARG A 6 -11.98 -16.43 19.63
C ARG A 6 -12.14 -17.58 18.67
N LYS A 7 -12.75 -17.33 17.50
CA LYS A 7 -12.99 -18.33 16.46
C LYS A 7 -12.32 -17.88 15.17
N LYS A 8 -12.01 -18.84 14.31
CA LYS A 8 -11.35 -18.63 13.02
C LYS A 8 -12.09 -19.39 11.93
N SER A 9 -11.79 -19.12 10.67
CA SER A 9 -12.41 -19.80 9.54
C SER A 9 -11.42 -19.79 8.36
N GLU A 10 -11.77 -20.50 7.29
CA GLU A 10 -10.97 -20.61 6.08
C GLU A 10 -11.76 -20.08 4.86
N VAL A 11 -12.93 -19.50 5.11
CA VAL A 11 -13.84 -18.92 4.12
C VAL A 11 -13.95 -17.40 4.31
N ARG A 12 -13.17 -16.81 5.22
CA ARG A 12 -13.15 -15.38 5.51
C ARG A 12 -11.71 -14.93 5.42
N GLN A 13 -11.35 -14.21 4.36
CA GLN A 13 -10.01 -13.70 4.21
C GLN A 13 -9.88 -12.57 5.23
N LYS A 14 -9.16 -12.81 6.32
CA LYS A 14 -8.96 -11.81 7.37
C LYS A 14 -8.29 -10.55 6.82
N THR A 15 -7.51 -10.72 5.77
CA THR A 15 -6.81 -9.67 5.08
C THR A 15 -7.76 -8.86 4.20
N VAL A 16 -7.13 -7.92 3.50
CA VAL A 16 -7.69 -7.03 2.52
C VAL A 16 -6.82 -7.36 1.33
N VAL A 17 -7.39 -7.35 0.14
CA VAL A 17 -6.64 -7.64 -1.06
C VAL A 17 -7.09 -6.58 -2.05
N ARG A 18 -6.25 -5.58 -2.23
CA ARG A 18 -6.52 -4.49 -3.13
C ARG A 18 -5.36 -4.30 -4.08
N THR A 19 -5.69 -3.65 -5.18
CA THR A 19 -4.80 -3.33 -6.26
C THR A 19 -4.33 -1.92 -5.95
N LEU A 20 -3.31 -1.85 -5.10
CA LEU A 20 -2.73 -0.61 -4.63
C LEU A 20 -1.69 -0.07 -5.62
N ARG A 21 -2.14 0.80 -6.53
CA ARG A 21 -1.30 1.41 -7.53
C ARG A 21 -0.40 2.50 -6.96
N PHE A 22 0.79 2.61 -7.54
CA PHE A 22 1.83 3.60 -7.24
C PHE A 22 2.37 4.07 -8.58
N SER A 23 2.88 5.30 -8.65
CA SER A 23 3.43 5.85 -9.90
C SER A 23 4.90 5.40 -9.95
N PRO A 24 5.63 5.52 -11.08
CA PRO A 24 7.02 5.09 -11.14
C PRO A 24 7.91 5.95 -10.25
N VAL A 25 7.56 7.23 -10.08
CA VAL A 25 8.32 8.15 -9.25
C VAL A 25 8.15 7.72 -7.78
N GLU A 26 6.92 7.42 -7.37
CA GLU A 26 6.62 7.01 -6.01
C GLU A 26 7.31 5.69 -5.71
N ASP A 27 7.20 4.74 -6.64
CA ASP A 27 7.78 3.41 -6.52
C ASP A 27 9.29 3.50 -6.33
N GLU A 28 9.96 4.35 -7.12
CA GLU A 28 11.39 4.53 -7.04
C GLU A 28 11.76 5.07 -5.65
N THR A 29 11.12 6.13 -5.19
CA THR A 29 11.39 6.71 -3.87
C THR A 29 11.13 5.66 -2.78
N ILE A 30 9.94 5.05 -2.77
CA ILE A 30 9.55 4.05 -1.79
C ILE A 30 10.53 2.89 -1.81
N ARG A 31 10.94 2.40 -2.98
CA ARG A 31 11.87 1.29 -3.10
C ARG A 31 13.21 1.65 -2.49
N LYS A 32 13.71 2.86 -2.73
CA LYS A 32 14.99 3.30 -2.19
C LYS A 32 14.90 3.45 -0.69
N LYS A 33 13.86 4.14 -0.20
CA LYS A 33 13.68 4.35 1.23
C LYS A 33 13.48 3.02 1.95
N ALA A 34 12.71 2.09 1.37
CA ALA A 34 12.45 0.78 1.92
C ALA A 34 13.76 0.01 2.05
N GLU A 35 14.51 -0.07 0.95
CA GLU A 35 15.78 -0.78 0.91
C GLU A 35 16.76 -0.22 1.95
N ASP A 36 16.85 1.10 2.05
CA ASP A 36 17.74 1.77 2.99
C ASP A 36 17.27 1.52 4.42
N SER A 37 15.96 1.53 4.65
CA SER A 37 15.35 1.30 5.95
C SER A 37 15.45 -0.17 6.35
N GLY A 38 15.88 -1.06 5.45
CA GLY A 38 15.99 -2.48 5.77
C GLY A 38 14.63 -3.11 6.04
N LEU A 39 13.58 -2.59 5.42
CA LEU A 39 12.19 -3.01 5.51
C LEU A 39 11.73 -3.06 4.07
N THR A 40 11.38 -4.23 3.53
CA THR A 40 10.94 -4.30 2.14
C THR A 40 9.73 -3.38 1.92
N VAL A 41 9.44 -3.04 0.66
CA VAL A 41 8.36 -2.16 0.24
C VAL A 41 7.05 -2.48 0.99
N SER A 42 6.65 -3.74 1.13
CA SER A 42 5.41 -4.02 1.83
C SER A 42 5.47 -3.62 3.32
N ALA A 43 6.56 -3.99 4.01
CA ALA A 43 6.80 -3.67 5.41
C ALA A 43 6.89 -2.16 5.56
N TYR A 44 7.61 -1.48 4.67
CA TYR A 44 7.79 -0.04 4.65
C TYR A 44 6.41 0.63 4.54
N ILE A 45 5.60 0.22 3.56
CA ILE A 45 4.26 0.74 3.31
C ILE A 45 3.41 0.63 4.58
N ARG A 46 3.21 -0.59 5.09
CA ARG A 46 2.39 -0.78 6.28
C ARG A 46 2.99 -0.02 7.47
N ASN A 47 4.30 -0.08 7.69
CA ASN A 47 4.98 0.60 8.77
C ASN A 47 4.65 2.08 8.76
N ALA A 48 4.91 2.75 7.64
CA ALA A 48 4.65 4.17 7.46
C ALA A 48 3.16 4.51 7.60
N ALA A 49 2.29 3.60 7.18
CA ALA A 49 0.84 3.79 7.24
C ALA A 49 0.28 3.65 8.66
N LEU A 50 0.96 2.92 9.55
CA LEU A 50 0.51 2.69 10.92
C LEU A 50 1.21 3.63 11.89
N ASN A 51 2.44 4.03 11.54
CA ASN A 51 3.31 4.92 12.29
C ASN A 51 3.39 6.24 11.55
N SER B 1 15.16 26.07 -16.66
CA SER B 1 14.93 25.39 -17.93
C SER B 1 15.07 23.93 -17.56
N ASP B 2 13.95 23.22 -17.44
CA ASP B 2 13.97 21.83 -17.01
C ASP B 2 12.95 21.02 -17.79
N SER B 3 13.12 19.69 -17.79
CA SER B 3 12.25 18.73 -18.46
C SER B 3 11.50 17.91 -17.40
N ALA B 4 10.34 17.38 -17.77
CA ALA B 4 9.47 16.56 -16.94
C ALA B 4 9.03 15.33 -17.73
N VAL B 5 8.64 15.54 -18.98
CA VAL B 5 8.18 14.54 -19.93
C VAL B 5 8.83 14.81 -21.29
N ARG B 6 9.00 13.76 -22.08
CA ARG B 6 9.58 13.79 -23.43
C ARG B 6 8.64 12.98 -24.31
N LYS B 7 8.59 11.66 -24.09
CA LYS B 7 7.73 10.75 -24.85
C LYS B 7 6.93 9.87 -23.89
N LYS B 8 6.04 9.03 -24.44
CA LYS B 8 5.17 8.11 -23.71
C LYS B 8 5.03 6.81 -24.52
N SER B 9 4.21 5.88 -24.01
CA SER B 9 3.95 4.56 -24.59
C SER B 9 2.65 3.98 -24.02
N GLU B 10 2.21 2.82 -24.52
CA GLU B 10 0.97 2.16 -24.07
C GLU B 10 1.04 0.64 -23.99
N VAL B 11 2.21 0.07 -24.27
CA VAL B 11 2.47 -1.37 -24.23
C VAL B 11 3.53 -1.68 -23.15
N ARG B 12 3.51 -0.86 -22.10
CA ARG B 12 4.37 -0.89 -20.93
C ARG B 12 3.52 -0.30 -19.78
N GLN B 13 3.70 -0.72 -18.53
CA GLN B 13 2.93 -0.23 -17.38
C GLN B 13 3.88 0.47 -16.41
N LYS B 14 3.87 1.81 -16.41
CA LYS B 14 4.71 2.62 -15.54
C LYS B 14 4.27 2.49 -14.09
N THR B 15 2.96 2.31 -13.86
CA THR B 15 2.45 2.15 -12.53
C THR B 15 2.86 0.78 -12.00
N VAL B 16 2.72 0.60 -10.70
CA VAL B 16 3.02 -0.64 -10.02
C VAL B 16 1.68 -1.24 -9.69
N VAL B 17 1.39 -2.44 -10.20
CA VAL B 17 0.15 -3.12 -9.92
C VAL B 17 0.50 -4.37 -9.14
N ARG B 18 0.50 -4.21 -7.83
CA ARG B 18 0.82 -5.29 -6.91
C ARG B 18 -0.39 -5.57 -6.04
N THR B 19 -0.39 -6.75 -5.43
CA THR B 19 -1.45 -7.21 -4.56
C THR B 19 -0.89 -7.09 -3.14
N LEU B 20 -1.09 -5.91 -2.57
CA LEU B 20 -0.64 -5.52 -1.24
C LEU B 20 -1.69 -5.86 -0.18
N ARG B 21 -1.46 -6.91 0.61
CA ARG B 21 -2.36 -7.31 1.68
C ARG B 21 -2.14 -6.50 2.95
N PHE B 22 -3.18 -6.39 3.77
CA PHE B 22 -3.18 -5.69 5.06
C PHE B 22 -3.96 -6.56 6.02
N SER B 23 -3.52 -6.64 7.27
CA SER B 23 -4.18 -7.42 8.30
C SER B 23 -5.50 -6.74 8.70
N PRO B 24 -6.42 -7.43 9.41
CA PRO B 24 -7.70 -6.81 9.80
C PRO B 24 -7.47 -5.59 10.71
N VAL B 25 -6.50 -5.70 11.62
CA VAL B 25 -6.12 -4.65 12.56
C VAL B 25 -5.56 -3.46 11.78
N GLU B 26 -4.62 -3.72 10.87
CA GLU B 26 -3.97 -2.69 10.06
C GLU B 26 -5.02 -1.95 9.23
N ASP B 27 -5.89 -2.70 8.56
CA ASP B 27 -6.96 -2.17 7.72
C ASP B 27 -7.91 -1.30 8.51
N GLU B 28 -8.23 -1.70 9.75
CA GLU B 28 -9.13 -0.95 10.61
C GLU B 28 -8.49 0.38 10.98
N THR B 29 -7.26 0.35 11.50
CA THR B 29 -6.51 1.54 11.88
C THR B 29 -6.35 2.46 10.69
N ILE B 30 -5.88 1.94 9.55
CA ILE B 30 -5.67 2.71 8.34
C ILE B 30 -7.00 3.31 7.88
N ARG B 31 -8.10 2.55 7.92
CA ARG B 31 -9.41 3.06 7.51
C ARG B 31 -9.81 4.23 8.39
N LYS B 32 -9.76 4.07 9.72
CA LYS B 32 -10.15 5.13 10.64
C LYS B 32 -9.27 6.35 10.44
N LYS B 33 -7.95 6.18 10.30
CA LYS B 33 -7.06 7.32 10.11
C LYS B 33 -7.29 7.98 8.75
N ALA B 34 -7.52 7.21 7.69
CA ALA B 34 -7.77 7.74 6.35
C ALA B 34 -9.09 8.52 6.35
N GLU B 35 -10.07 8.02 7.12
CA GLU B 35 -11.38 8.63 7.27
C GLU B 35 -11.31 9.87 8.17
N ASP B 36 -10.25 9.99 8.97
CA ASP B 36 -10.01 11.11 9.89
C ASP B 36 -9.28 12.23 9.15
N SER B 37 -8.26 11.88 8.37
CA SER B 37 -7.49 12.87 7.63
C SER B 37 -8.26 13.27 6.35
N GLY B 38 -9.34 12.54 6.00
CA GLY B 38 -10.18 12.82 4.85
C GLY B 38 -9.66 12.29 3.53
N LEU B 39 -8.44 11.77 3.45
CA LEU B 39 -7.89 11.26 2.19
C LEU B 39 -8.14 9.76 2.21
N THR B 40 -8.79 9.23 1.18
CA THR B 40 -9.11 7.82 1.02
C THR B 40 -7.89 6.95 1.34
N VAL B 41 -8.12 5.71 1.81
CA VAL B 41 -7.08 4.74 2.20
C VAL B 41 -5.97 4.66 1.15
N SER B 42 -6.31 4.57 -0.13
CA SER B 42 -5.33 4.48 -1.20
C SER B 42 -4.34 5.65 -1.17
N ALA B 43 -4.84 6.88 -1.00
CA ALA B 43 -4.05 8.09 -0.92
C ALA B 43 -3.28 8.10 0.39
N TYR B 44 -3.94 7.78 1.51
CA TYR B 44 -3.34 7.73 2.83
C TYR B 44 -2.06 6.89 2.77
N ILE B 45 -2.13 5.69 2.20
CA ILE B 45 -1.00 4.78 2.05
C ILE B 45 0.17 5.45 1.34
N ARG B 46 -0.01 5.90 0.10
CA ARG B 46 1.07 6.54 -0.67
C ARG B 46 1.58 7.79 0.02
N ASN B 47 0.69 8.64 0.54
CA ASN B 47 1.02 9.87 1.21
C ASN B 47 1.95 9.61 2.39
N ALA B 48 1.51 8.76 3.31
CA ALA B 48 2.26 8.40 4.51
C ALA B 48 3.57 7.71 4.16
N ALA B 49 3.60 6.94 3.07
CA ALA B 49 4.80 6.21 2.66
C ALA B 49 5.90 7.15 2.19
N LEU B 50 5.54 8.17 1.41
CA LEU B 50 6.50 9.13 0.86
C LEU B 50 6.89 10.19 1.89
N ASN B 51 5.92 10.61 2.71
CA ASN B 51 6.10 11.62 3.73
C ASN B 51 6.30 10.98 5.08
N SER A 1 -24.24 -33.53 14.86
CA SER A 1 -24.68 -33.21 13.49
C SER A 1 -24.32 -31.75 13.19
N ASP A 2 -24.93 -30.86 13.96
CA ASP A 2 -24.86 -29.42 14.10
C ASP A 2 -23.60 -28.79 13.47
N SER A 3 -22.43 -29.01 14.07
CA SER A 3 -21.08 -28.56 13.76
C SER A 3 -20.50 -29.03 12.42
N ALA A 4 -21.32 -29.34 11.42
CA ALA A 4 -20.91 -29.79 10.09
C ALA A 4 -19.80 -28.92 9.49
N VAL A 5 -19.73 -27.61 9.81
CA VAL A 5 -18.69 -26.72 9.30
C VAL A 5 -17.28 -27.30 9.49
N ARG A 6 -17.02 -27.94 10.64
CA ARG A 6 -15.72 -28.52 11.01
C ARG A 6 -15.21 -29.63 10.11
N LYS A 7 -15.96 -30.07 9.09
CA LYS A 7 -15.52 -31.12 8.16
C LYS A 7 -15.44 -30.62 6.72
N LYS A 8 -15.82 -29.37 6.42
CA LYS A 8 -15.82 -28.73 5.11
C LYS A 8 -16.46 -27.35 5.30
N SER A 9 -15.69 -26.28 5.25
CA SER A 9 -16.19 -24.92 5.40
C SER A 9 -15.29 -23.97 4.62
N GLU A 10 -15.70 -22.70 4.47
CA GLU A 10 -14.93 -21.68 3.80
C GLU A 10 -14.19 -20.91 4.89
N VAL A 11 -13.13 -20.20 4.51
CA VAL A 11 -12.33 -19.41 5.42
C VAL A 11 -12.52 -17.93 5.10
N ARG A 12 -13.21 -17.26 6.04
CA ARG A 12 -13.52 -15.84 6.03
C ARG A 12 -12.20 -15.09 5.96
N GLN A 13 -11.91 -14.43 4.84
CA GLN A 13 -10.68 -13.68 4.64
C GLN A 13 -10.75 -12.35 5.36
N LYS A 14 -10.40 -12.35 6.64
CA LYS A 14 -10.39 -11.14 7.47
C LYS A 14 -9.30 -10.16 7.01
N THR A 15 -8.37 -10.61 6.17
CA THR A 15 -7.32 -9.80 5.60
C THR A 15 -7.96 -8.92 4.51
N VAL A 16 -7.15 -8.09 3.88
CA VAL A 16 -7.56 -7.21 2.80
C VAL A 16 -6.73 -7.65 1.63
N VAL A 17 -7.34 -7.90 0.48
CA VAL A 17 -6.62 -8.28 -0.71
C VAL A 17 -7.00 -7.21 -1.71
N ARG A 18 -6.13 -6.24 -1.86
CA ARG A 18 -6.35 -5.12 -2.77
C ARG A 18 -5.07 -4.76 -3.49
N THR A 19 -5.22 -3.99 -4.54
CA THR A 19 -4.15 -3.49 -5.37
C THR A 19 -4.04 -2.00 -5.14
N LEU A 20 -2.82 -1.49 -5.27
CA LEU A 20 -2.49 -0.08 -5.11
C LEU A 20 -1.38 0.23 -6.09
N ARG A 21 -1.68 1.05 -7.10
CA ARG A 21 -0.68 1.46 -8.07
C ARG A 21 0.04 2.68 -7.50
N PHE A 22 1.29 2.87 -7.90
CA PHE A 22 2.15 3.99 -7.49
C PHE A 22 2.77 4.51 -8.78
N SER A 23 2.91 5.83 -8.94
CA SER A 23 3.49 6.42 -10.15
C SER A 23 5.00 6.05 -10.24
N PRO A 24 5.73 6.35 -11.33
CA PRO A 24 7.14 5.97 -11.45
C PRO A 24 8.03 6.63 -10.40
N VAL A 25 7.80 7.91 -10.14
CA VAL A 25 8.56 8.68 -9.17
C VAL A 25 8.27 8.16 -7.76
N GLU A 26 7.00 7.83 -7.49
CA GLU A 26 6.53 7.34 -6.21
C GLU A 26 7.12 5.97 -5.89
N ASP A 27 7.15 5.08 -6.88
CA ASP A 27 7.71 3.74 -6.70
C ASP A 27 9.16 3.89 -6.36
N GLU A 28 9.89 4.69 -7.13
CA GLU A 28 11.30 4.92 -6.93
C GLU A 28 11.58 5.37 -5.49
N THR A 29 10.78 6.27 -4.93
CA THR A 29 10.94 6.75 -3.56
C THR A 29 10.70 5.60 -2.59
N ILE A 30 9.54 4.94 -2.67
CA ILE A 30 9.17 3.85 -1.78
C ILE A 30 10.12 2.65 -1.94
N ARG A 31 10.74 2.49 -3.09
CA ARG A 31 11.68 1.41 -3.35
C ARG A 31 12.99 1.76 -2.67
N LYS A 32 13.47 3.00 -2.83
CA LYS A 32 14.73 3.45 -2.23
C LYS A 32 14.66 3.54 -0.71
N LYS A 33 13.62 4.13 -0.12
CA LYS A 33 13.56 4.27 1.33
C LYS A 33 13.38 2.93 2.02
N ALA A 34 12.66 2.00 1.40
CA ALA A 34 12.40 0.65 1.91
C ALA A 34 13.72 -0.11 1.93
N GLU A 35 14.37 -0.16 0.77
CA GLU A 35 15.63 -0.86 0.58
C GLU A 35 16.72 -0.30 1.49
N ASP A 36 16.77 1.03 1.66
CA ASP A 36 17.73 1.73 2.51
C ASP A 36 17.51 1.35 3.97
N SER A 37 16.25 1.27 4.37
CA SER A 37 15.84 0.94 5.73
C SER A 37 15.91 -0.56 6.00
N GLY A 38 16.13 -1.41 4.99
CA GLY A 38 16.20 -2.86 5.18
C GLY A 38 14.84 -3.51 5.41
N LEU A 39 13.74 -2.80 5.14
CA LEU A 39 12.37 -3.28 5.28
C LEU A 39 11.82 -3.28 3.88
N THR A 40 11.46 -4.43 3.33
CA THR A 40 10.91 -4.51 1.99
C THR A 40 9.71 -3.56 1.87
N VAL A 41 9.38 -3.16 0.64
CA VAL A 41 8.29 -2.26 0.32
C VAL A 41 7.00 -2.63 1.07
N SER A 42 6.64 -3.92 1.14
CA SER A 42 5.43 -4.31 1.84
C SER A 42 5.47 -3.88 3.33
N ALA A 43 6.56 -4.21 4.03
CA ALA A 43 6.76 -3.88 5.44
C ALA A 43 6.82 -2.36 5.60
N TYR A 44 7.52 -1.68 4.70
CA TYR A 44 7.65 -0.24 4.72
C TYR A 44 6.25 0.40 4.68
N ILE A 45 5.44 0.02 3.68
CA ILE A 45 4.08 0.55 3.49
C ILE A 45 3.24 0.38 4.76
N ARG A 46 3.13 -0.84 5.29
CA ARG A 46 2.33 -1.07 6.49
C ARG A 46 2.85 -0.27 7.67
N ASN A 47 4.16 -0.35 7.96
CA ASN A 47 4.78 0.36 9.07
C ASN A 47 4.49 1.85 8.96
N ALA A 48 4.90 2.48 7.85
CA ALA A 48 4.72 3.92 7.62
C ALA A 48 3.26 4.37 7.72
N ALA A 49 2.31 3.51 7.33
CA ALA A 49 0.90 3.86 7.36
C ALA A 49 0.25 3.77 8.75
N LEU A 50 0.69 2.84 9.59
CA LEU A 50 0.13 2.64 10.94
C LEU A 50 0.75 3.60 11.94
N ASN A 51 2.02 3.91 11.72
CA ASN A 51 2.81 4.83 12.54
C ASN A 51 2.26 6.24 12.35
N SER B 1 8.89 2.97 -43.84
CA SER B 1 8.15 1.84 -43.23
C SER B 1 8.10 1.89 -41.69
N ASP B 2 8.86 2.82 -41.14
CA ASP B 2 9.18 3.26 -39.80
C ASP B 2 7.97 3.83 -39.06
N SER B 3 8.21 4.31 -37.83
CA SER B 3 7.21 4.93 -36.95
C SER B 3 6.05 3.99 -36.56
N ALA B 4 6.14 2.69 -36.87
CA ALA B 4 5.12 1.68 -36.58
C ALA B 4 4.72 1.68 -35.10
N VAL B 5 5.62 2.08 -34.19
CA VAL B 5 5.40 2.17 -32.75
C VAL B 5 4.09 2.92 -32.38
N ARG B 6 3.66 3.90 -33.18
CA ARG B 6 2.41 4.63 -32.89
C ARG B 6 1.24 4.02 -33.67
N LYS B 7 1.47 3.44 -34.85
CA LYS B 7 0.39 2.82 -35.62
C LYS B 7 -0.25 1.71 -34.79
N LYS B 8 0.55 0.96 -34.03
CA LYS B 8 0.10 -0.10 -33.14
C LYS B 8 1.22 -0.34 -32.12
N SER B 9 0.87 -0.87 -30.96
CA SER B 9 1.63 -1.25 -29.78
C SER B 9 1.21 -0.39 -28.59
N GLU B 10 1.24 -0.98 -27.40
CA GLU B 10 0.85 -0.36 -26.14
C GLU B 10 1.71 -0.99 -25.03
N VAL B 11 2.93 -0.47 -24.81
CA VAL B 11 3.85 -0.99 -23.79
C VAL B 11 4.27 0.17 -22.89
N ARG B 12 3.42 0.51 -21.91
CA ARG B 12 3.66 1.59 -20.96
C ARG B 12 3.08 1.18 -19.61
N GLN B 13 3.90 0.70 -18.68
CA GLN B 13 3.46 0.29 -17.34
C GLN B 13 4.41 0.86 -16.27
N LYS B 14 4.91 2.09 -16.52
CA LYS B 14 5.82 2.88 -15.67
C LYS B 14 5.42 2.93 -14.20
N THR B 15 4.14 2.73 -13.91
CA THR B 15 3.57 2.70 -12.59
C THR B 15 3.94 1.36 -11.95
N VAL B 16 3.14 0.88 -11.00
CA VAL B 16 3.35 -0.36 -10.29
C VAL B 16 1.99 -1.03 -10.19
N VAL B 17 1.98 -2.35 -10.10
CA VAL B 17 0.78 -3.13 -9.94
C VAL B 17 1.17 -4.25 -8.98
N ARG B 18 0.74 -4.13 -7.71
CA ARG B 18 1.06 -5.12 -6.69
C ARG B 18 -0.05 -5.20 -5.66
N THR B 19 -0.19 -6.36 -5.03
CA THR B 19 -1.20 -6.66 -4.02
C THR B 19 -0.54 -6.55 -2.64
N LEU B 20 -1.27 -6.08 -1.62
CA LEU B 20 -0.76 -5.96 -0.26
C LEU B 20 -1.82 -6.49 0.69
N ARG B 21 -1.51 -7.61 1.33
CA ARG B 21 -2.37 -8.29 2.28
C ARG B 21 -2.24 -7.62 3.64
N PHE B 22 -3.30 -7.04 4.19
CA PHE B 22 -3.25 -6.37 5.51
C PHE B 22 -4.12 -7.17 6.48
N SER B 23 -3.87 -7.08 7.78
CA SER B 23 -4.69 -7.83 8.76
C SER B 23 -5.92 -6.96 9.08
N PRO B 24 -6.96 -7.49 9.76
CA PRO B 24 -8.15 -6.71 10.06
C PRO B 24 -7.86 -5.52 10.96
N VAL B 25 -6.90 -5.64 11.88
CA VAL B 25 -6.52 -4.58 12.81
C VAL B 25 -5.85 -3.45 12.02
N GLU B 26 -4.78 -3.75 11.28
CA GLU B 26 -4.06 -2.77 10.48
C GLU B 26 -4.99 -2.04 9.52
N ASP B 27 -5.89 -2.79 8.88
CA ASP B 27 -6.86 -2.24 7.95
C ASP B 27 -7.81 -1.29 8.67
N GLU B 28 -8.29 -1.68 9.85
CA GLU B 28 -9.19 -0.86 10.65
C GLU B 28 -8.51 0.48 10.96
N THR B 29 -7.26 0.43 11.44
CA THR B 29 -6.46 1.58 11.79
C THR B 29 -6.30 2.49 10.56
N ILE B 30 -5.80 1.95 9.43
CA ILE B 30 -5.59 2.72 8.21
C ILE B 30 -6.90 3.31 7.73
N ARG B 31 -7.98 2.53 7.72
CA ARG B 31 -9.29 2.97 7.26
C ARG B 31 -9.77 4.16 8.08
N LYS B 32 -9.68 4.07 9.40
CA LYS B 32 -10.10 5.15 10.28
C LYS B 32 -9.25 6.37 10.03
N LYS B 33 -7.92 6.22 10.02
CA LYS B 33 -7.02 7.34 9.84
C LYS B 33 -7.20 8.00 8.48
N ALA B 34 -7.42 7.23 7.43
CA ALA B 34 -7.64 7.76 6.10
C ALA B 34 -8.85 8.70 6.15
N GLU B 35 -9.96 8.19 6.68
CA GLU B 35 -11.19 8.98 6.75
C GLU B 35 -11.08 10.15 7.75
N ASP B 36 -10.34 9.98 8.84
CA ASP B 36 -10.13 10.98 9.88
C ASP B 36 -9.34 12.13 9.28
N SER B 37 -8.34 11.82 8.45
CA SER B 37 -7.53 12.81 7.78
C SER B 37 -8.26 13.38 6.56
N GLY B 38 -9.36 12.76 6.12
CA GLY B 38 -10.15 13.20 4.99
C GLY B 38 -9.57 12.85 3.62
N LEU B 39 -8.73 11.82 3.51
CA LEU B 39 -8.13 11.38 2.25
C LEU B 39 -8.53 9.92 2.08
N THR B 40 -8.72 9.47 0.85
CA THR B 40 -9.09 8.07 0.59
C THR B 40 -7.93 7.18 1.05
N VAL B 41 -8.20 5.94 1.44
CA VAL B 41 -7.18 4.98 1.89
C VAL B 41 -6.02 4.91 0.89
N SER B 42 -6.30 4.84 -0.42
CA SER B 42 -5.22 4.78 -1.41
C SER B 42 -4.30 6.01 -1.34
N ALA B 43 -4.86 7.19 -1.04
CA ALA B 43 -4.13 8.43 -0.91
C ALA B 43 -3.40 8.42 0.43
N TYR B 44 -4.05 7.98 1.51
CA TYR B 44 -3.45 7.90 2.85
C TYR B 44 -2.17 7.06 2.77
N ILE B 45 -2.26 5.88 2.13
CA ILE B 45 -1.12 4.98 1.96
C ILE B 45 0.01 5.62 1.18
N ARG B 46 -0.23 6.13 -0.04
CA ARG B 46 0.83 6.75 -0.83
C ARG B 46 1.43 7.92 -0.06
N ASN B 47 0.60 8.76 0.54
CA ASN B 47 1.00 9.92 1.31
C ASN B 47 1.95 9.51 2.43
N ALA B 48 1.50 8.65 3.34
CA ALA B 48 2.29 8.20 4.47
C ALA B 48 3.60 7.52 4.08
N ALA B 49 3.63 6.84 2.93
CA ALA B 49 4.81 6.15 2.45
C ALA B 49 5.85 7.07 1.82
N LEU B 50 5.43 8.12 1.12
CA LEU B 50 6.34 9.04 0.45
C LEU B 50 6.93 10.07 1.41
N ASN B 51 6.11 10.48 2.36
CA ASN B 51 6.44 11.48 3.39
C ASN B 51 7.44 11.01 4.43
N SER A 1 -0.85 -20.87 29.12
CA SER A 1 -0.63 -22.19 28.51
C SER A 1 -1.62 -22.25 27.37
N ASP A 2 -1.11 -21.88 26.20
CA ASP A 2 -1.76 -21.77 24.91
C ASP A 2 -0.63 -21.56 23.91
N SER A 3 -0.94 -21.29 22.64
CA SER A 3 0.07 -21.05 21.63
C SER A 3 -0.46 -19.99 20.66
N ALA A 4 0.22 -18.83 20.56
CA ALA A 4 -0.15 -17.75 19.67
C ALA A 4 -0.04 -18.17 18.19
N VAL A 5 0.63 -19.30 17.92
CA VAL A 5 0.81 -19.86 16.58
C VAL A 5 -0.49 -20.32 15.91
N ARG A 6 -1.57 -20.51 16.68
CA ARG A 6 -2.85 -20.98 16.15
C ARG A 6 -3.49 -19.97 15.19
N LYS A 7 -4.51 -20.44 14.47
CA LYS A 7 -5.30 -19.70 13.50
C LYS A 7 -6.76 -19.71 13.96
N LYS A 8 -7.08 -19.03 15.06
CA LYS A 8 -8.45 -18.98 15.58
C LYS A 8 -9.38 -18.24 14.62
N SER A 9 -9.01 -17.04 14.21
CA SER A 9 -9.82 -16.25 13.32
C SER A 9 -9.66 -16.73 11.88
N GLU A 10 -10.70 -16.48 11.08
CA GLU A 10 -10.78 -16.82 9.67
C GLU A 10 -11.63 -15.82 8.88
N VAL A 11 -12.27 -14.90 9.59
CA VAL A 11 -13.13 -13.84 9.08
C VAL A 11 -12.37 -13.02 8.03
N ARG A 12 -12.89 -12.93 6.79
CA ARG A 12 -12.27 -12.17 5.70
C ARG A 12 -10.78 -12.56 5.53
N GLN A 13 -10.41 -13.84 5.74
CA GLN A 13 -9.02 -14.29 5.64
C GLN A 13 -8.10 -13.56 6.63
N LYS A 14 -8.67 -12.95 7.68
CA LYS A 14 -8.02 -12.17 8.73
C LYS A 14 -7.00 -11.23 8.09
N THR A 15 -7.39 -10.69 6.94
CA THR A 15 -6.57 -9.81 6.15
C THR A 15 -7.48 -9.03 5.19
N VAL A 16 -6.86 -8.38 4.22
CA VAL A 16 -7.44 -7.59 3.15
C VAL A 16 -6.60 -7.92 1.93
N VAL A 17 -7.15 -7.87 0.73
CA VAL A 17 -6.41 -8.14 -0.49
C VAL A 17 -6.99 -7.22 -1.56
N ARG A 18 -6.18 -6.27 -2.02
CA ARG A 18 -6.56 -5.32 -3.05
C ARG A 18 -5.30 -5.00 -3.84
N THR A 19 -5.48 -4.45 -5.02
CA THR A 19 -4.42 -4.04 -5.91
C THR A 19 -4.19 -2.56 -5.58
N LEU A 20 -2.95 -2.14 -5.41
CA LEU A 20 -2.58 -0.76 -5.13
C LEU A 20 -1.77 -0.29 -6.34
N ARG A 21 -1.68 1.03 -6.54
CA ARG A 21 -0.95 1.63 -7.66
C ARG A 21 0.00 2.68 -7.12
N PHE A 22 1.11 2.87 -7.83
CA PHE A 22 2.13 3.86 -7.47
C PHE A 22 2.65 4.47 -8.76
N SER A 23 3.08 5.72 -8.75
CA SER A 23 3.59 6.45 -9.92
C SER A 23 5.10 6.17 -10.13
N PRO A 24 5.82 6.80 -11.10
CA PRO A 24 7.24 6.52 -11.28
C PRO A 24 8.05 6.97 -10.07
N VAL A 25 7.93 8.24 -9.69
CA VAL A 25 8.65 8.81 -8.56
C VAL A 25 8.25 8.10 -7.26
N GLU A 26 6.96 7.80 -7.08
CA GLU A 26 6.47 7.15 -5.87
C GLU A 26 7.16 5.79 -5.65
N ASP A 27 7.17 4.94 -6.67
CA ASP A 27 7.79 3.62 -6.59
C ASP A 27 9.29 3.73 -6.38
N GLU A 28 9.93 4.59 -7.16
CA GLU A 28 11.35 4.84 -7.12
C GLU A 28 11.77 5.18 -5.69
N THR A 29 11.09 6.16 -5.10
CA THR A 29 11.35 6.64 -3.76
C THR A 29 11.08 5.55 -2.73
N ILE A 30 9.87 4.95 -2.74
CA ILE A 30 9.50 3.90 -1.80
C ILE A 30 10.51 2.76 -1.85
N ARG A 31 10.91 2.33 -3.03
CA ARG A 31 11.86 1.24 -3.20
C ARG A 31 13.21 1.61 -2.59
N LYS A 32 13.69 2.83 -2.86
CA LYS A 32 14.98 3.31 -2.36
C LYS A 32 14.94 3.35 -0.84
N LYS A 33 13.90 3.95 -0.26
CA LYS A 33 13.76 4.07 1.17
C LYS A 33 13.67 2.69 1.81
N ALA A 34 12.78 1.84 1.29
CA ALA A 34 12.55 0.49 1.80
C ALA A 34 13.84 -0.35 1.80
N GLU A 35 14.59 -0.33 0.69
CA GLU A 35 15.82 -1.08 0.53
C GLU A 35 16.93 -0.51 1.43
N ASP A 36 16.82 0.75 1.84
CA ASP A 36 17.80 1.42 2.68
C ASP A 36 17.49 1.18 4.16
N SER A 37 16.21 1.13 4.53
CA SER A 37 15.83 0.88 5.92
C SER A 37 15.77 -0.62 6.20
N GLY A 38 15.84 -1.45 5.16
CA GLY A 38 15.78 -2.90 5.23
C GLY A 38 14.35 -3.44 5.23
N LEU A 39 13.35 -2.59 5.48
CA LEU A 39 11.96 -2.94 5.53
C LEU A 39 11.54 -3.13 4.09
N THR A 40 11.24 -4.36 3.69
CA THR A 40 10.80 -4.66 2.32
C THR A 40 9.68 -3.66 1.94
N VAL A 41 9.52 -3.36 0.65
CA VAL A 41 8.52 -2.43 0.13
C VAL A 41 7.13 -2.67 0.73
N SER A 42 6.77 -3.93 1.00
CA SER A 42 5.48 -4.25 1.62
C SER A 42 5.46 -3.81 3.09
N ALA A 43 6.51 -4.14 3.84
CA ALA A 43 6.68 -3.80 5.25
C ALA A 43 6.71 -2.29 5.41
N TYR A 44 7.45 -1.60 4.53
CA TYR A 44 7.60 -0.16 4.52
C TYR A 44 6.23 0.50 4.48
N ILE A 45 5.39 0.10 3.52
CA ILE A 45 4.04 0.63 3.36
C ILE A 45 3.19 0.46 4.63
N ARG A 46 2.97 -0.78 5.09
CA ARG A 46 2.15 -1.00 6.28
C ARG A 46 2.70 -0.24 7.49
N ASN A 47 4.02 -0.28 7.70
CA ASN A 47 4.67 0.38 8.81
C ASN A 47 4.42 1.88 8.82
N ALA A 48 4.69 2.57 7.70
CA ALA A 48 4.50 4.01 7.57
C ALA A 48 3.04 4.43 7.73
N ALA A 49 2.12 3.58 7.27
CA ALA A 49 0.70 3.88 7.33
C ALA A 49 0.17 3.83 8.75
N LEU A 50 0.59 2.83 9.54
CA LEU A 50 0.14 2.65 10.91
C LEU A 50 0.76 3.66 11.85
N ASN A 51 2.05 3.94 11.66
CA ASN A 51 2.79 4.89 12.48
C ASN A 51 2.58 6.29 11.91
N SER B 1 4.72 27.22 -22.82
CA SER B 1 3.53 27.37 -23.68
C SER B 1 3.33 25.95 -24.17
N ASP B 2 2.52 25.22 -23.40
CA ASP B 2 2.23 23.82 -23.57
C ASP B 2 1.09 23.51 -22.60
N SER B 3 0.81 22.24 -22.34
CA SER B 3 -0.25 21.79 -21.44
C SER B 3 0.27 20.61 -20.61
N ALA B 4 -0.51 20.16 -19.62
CA ALA B 4 -0.17 19.05 -18.73
C ALA B 4 -1.05 17.82 -19.00
N VAL B 5 -2.02 17.91 -19.91
CA VAL B 5 -2.93 16.82 -20.25
C VAL B 5 -2.26 15.74 -21.13
N ARG B 6 -1.25 16.09 -21.95
CA ARG B 6 -0.60 15.10 -22.80
C ARG B 6 0.25 14.16 -21.96
N LYS B 7 0.46 12.94 -22.46
CA LYS B 7 1.27 11.90 -21.82
C LYS B 7 2.53 11.71 -22.66
N LYS B 8 3.58 11.13 -22.08
CA LYS B 8 4.85 10.87 -22.75
C LYS B 8 5.35 9.49 -22.35
N SER B 9 5.78 9.31 -21.10
CA SER B 9 6.26 8.04 -20.59
C SER B 9 5.13 7.03 -20.53
N GLU B 10 5.30 5.92 -21.25
CA GLU B 10 4.38 4.78 -21.38
C GLU B 10 4.96 3.48 -20.81
N VAL B 11 6.24 3.53 -20.46
CA VAL B 11 6.99 2.43 -19.88
C VAL B 11 6.26 2.05 -18.60
N ARG B 12 6.04 0.76 -18.34
CA ARG B 12 5.34 0.23 -17.16
C ARG B 12 4.01 0.92 -16.87
N GLN B 13 3.34 1.55 -17.84
CA GLN B 13 2.09 2.27 -17.60
C GLN B 13 2.32 3.42 -16.61
N LYS B 14 3.56 3.94 -16.53
CA LYS B 14 4.01 5.01 -15.63
C LYS B 14 3.50 4.72 -14.22
N THR B 15 3.40 3.44 -13.87
CA THR B 15 2.89 3.01 -12.60
C THR B 15 3.45 1.65 -12.22
N VAL B 16 2.92 1.10 -11.13
CA VAL B 16 3.23 -0.20 -10.55
C VAL B 16 1.87 -0.79 -10.21
N VAL B 17 1.72 -2.10 -10.34
CA VAL B 17 0.50 -2.79 -10.03
C VAL B 17 0.92 -3.96 -9.14
N ARG B 18 0.51 -3.91 -7.88
CA ARG B 18 0.86 -4.97 -6.93
C ARG B 18 -0.28 -5.23 -5.98
N THR B 19 -0.42 -6.49 -5.57
CA THR B 19 -1.45 -6.91 -4.63
C THR B 19 -0.77 -6.84 -3.28
N LEU B 20 -1.32 -5.99 -2.41
CA LEU B 20 -0.82 -5.76 -1.07
C LEU B 20 -1.91 -6.09 -0.07
N ARG B 21 -1.53 -6.75 1.03
CA ARG B 21 -2.44 -7.17 2.08
C ARG B 21 -2.13 -6.48 3.40
N PHE B 22 -3.10 -6.48 4.31
CA PHE B 22 -3.03 -5.87 5.63
C PHE B 22 -3.80 -6.76 6.60
N SER B 23 -3.50 -6.67 7.89
CA SER B 23 -4.15 -7.42 8.97
C SER B 23 -5.48 -6.70 9.28
N PRO B 24 -6.41 -7.25 10.09
CA PRO B 24 -7.68 -6.59 10.37
C PRO B 24 -7.46 -5.34 11.23
N VAL B 25 -6.61 -5.44 12.24
CA VAL B 25 -6.28 -4.35 13.15
C VAL B 25 -5.67 -3.19 12.34
N GLU B 26 -4.83 -3.53 11.35
CA GLU B 26 -4.17 -2.57 10.49
C GLU B 26 -5.20 -1.91 9.57
N ASP B 27 -6.02 -2.70 8.89
CA ASP B 27 -7.07 -2.23 7.98
C ASP B 27 -8.02 -1.27 8.68
N GLU B 28 -8.41 -1.59 9.90
CA GLU B 28 -9.30 -0.78 10.69
C GLU B 28 -8.62 0.54 11.01
N THR B 29 -7.38 0.49 11.53
CA THR B 29 -6.62 1.67 11.87
C THR B 29 -6.44 2.56 10.62
N ILE B 30 -5.96 1.99 9.52
CA ILE B 30 -5.73 2.69 8.26
C ILE B 30 -7.03 3.30 7.78
N ARG B 31 -8.14 2.56 7.84
CA ARG B 31 -9.44 3.07 7.41
C ARG B 31 -9.85 4.26 8.26
N LYS B 32 -9.78 4.13 9.59
CA LYS B 32 -10.15 5.21 10.48
C LYS B 32 -9.25 6.42 10.27
N LYS B 33 -7.94 6.25 10.11
CA LYS B 33 -7.06 7.39 9.92
C LYS B 33 -7.27 8.03 8.55
N ALA B 34 -7.51 7.22 7.52
CA ALA B 34 -7.76 7.69 6.18
C ALA B 34 -9.03 8.54 6.22
N GLU B 35 -10.08 8.03 6.86
CA GLU B 35 -11.36 8.69 7.01
C GLU B 35 -11.20 10.00 7.79
N ASP B 36 -10.45 9.97 8.89
CA ASP B 36 -10.16 11.09 9.79
C ASP B 36 -9.43 12.20 9.04
N SER B 37 -8.48 11.82 8.20
CA SER B 37 -7.70 12.75 7.41
C SER B 37 -8.47 13.17 6.13
N GLY B 38 -9.57 12.50 5.80
CA GLY B 38 -10.39 12.77 4.62
C GLY B 38 -9.66 12.33 3.35
N LEU B 39 -8.56 11.57 3.46
CA LEU B 39 -7.75 11.05 2.38
C LEU B 39 -8.04 9.57 2.32
N THR B 40 -8.68 9.11 1.24
CA THR B 40 -9.04 7.72 0.98
C THR B 40 -7.84 6.80 1.29
N VAL B 41 -8.09 5.53 1.63
CA VAL B 41 -7.06 4.54 1.97
C VAL B 41 -5.90 4.58 0.98
N SER B 42 -6.14 4.63 -0.33
CA SER B 42 -5.06 4.67 -1.30
C SER B 42 -4.22 5.95 -1.17
N ALA B 43 -4.86 7.11 -0.99
CA ALA B 43 -4.22 8.41 -0.82
C ALA B 43 -3.42 8.41 0.47
N TYR B 44 -4.01 7.87 1.54
CA TYR B 44 -3.41 7.76 2.86
C TYR B 44 -2.11 6.97 2.74
N ILE B 45 -2.16 5.78 2.12
CA ILE B 45 -1.01 4.91 1.92
C ILE B 45 0.10 5.62 1.15
N ARG B 46 -0.17 6.02 -0.10
CA ARG B 46 0.82 6.69 -0.96
C ARG B 46 1.44 7.91 -0.29
N ASN B 47 0.65 8.73 0.41
CA ASN B 47 1.12 9.93 1.08
C ASN B 47 1.98 9.60 2.29
N ALA B 48 1.48 8.75 3.20
CA ALA B 48 2.21 8.36 4.40
C ALA B 48 3.57 7.72 4.08
N ALA B 49 3.65 7.03 2.94
CA ALA B 49 4.86 6.37 2.48
C ALA B 49 5.95 7.30 1.94
N LEU B 50 5.59 8.52 1.51
CA LEU B 50 6.57 9.46 0.93
C LEU B 50 6.95 10.59 1.87
N ASN B 51 5.99 11.05 2.67
CA ASN B 51 6.20 12.17 3.61
C ASN B 51 7.07 11.81 4.80
N SER A 1 -7.49 -24.36 36.18
CA SER A 1 -8.97 -24.32 36.18
C SER A 1 -9.31 -23.73 34.83
N ASP A 2 -9.39 -22.41 34.71
CA ASP A 2 -9.64 -21.78 33.43
C ASP A 2 -8.31 -21.89 32.66
N SER A 3 -8.36 -21.75 31.35
CA SER A 3 -7.25 -21.78 30.42
C SER A 3 -7.60 -20.74 29.37
N ALA A 4 -7.12 -19.50 29.54
CA ALA A 4 -7.35 -18.35 28.67
C ALA A 4 -7.02 -18.54 27.18
N VAL A 5 -6.40 -19.66 26.80
CA VAL A 5 -6.04 -20.00 25.44
C VAL A 5 -7.36 -20.12 24.66
N ARG A 6 -7.41 -19.67 23.41
CA ARG A 6 -8.63 -19.74 22.62
C ARG A 6 -8.32 -20.03 21.16
N LYS A 7 -9.34 -20.43 20.41
CA LYS A 7 -9.21 -20.72 18.99
C LYS A 7 -9.43 -19.41 18.24
N LYS A 8 -9.31 -19.47 16.93
CA LYS A 8 -9.50 -18.40 15.98
C LYS A 8 -9.94 -19.06 14.68
N SER A 9 -10.15 -18.26 13.65
CA SER A 9 -10.54 -18.72 12.35
C SER A 9 -9.61 -18.01 11.37
N GLU A 10 -9.08 -18.75 10.41
CA GLU A 10 -8.18 -18.26 9.37
C GLU A 10 -8.75 -18.54 7.98
N VAL A 11 -9.96 -19.08 7.93
CA VAL A 11 -10.71 -19.42 6.72
C VAL A 11 -11.20 -18.17 5.98
N ARG A 12 -11.85 -17.25 6.69
CA ARG A 12 -12.41 -16.03 6.12
C ARG A 12 -11.30 -15.06 5.69
N GLN A 13 -11.62 -14.17 4.75
CA GLN A 13 -10.67 -13.17 4.28
C GLN A 13 -10.78 -11.96 5.19
N LYS A 14 -10.38 -12.13 6.45
CA LYS A 14 -10.41 -11.06 7.45
C LYS A 14 -9.42 -9.98 7.01
N THR A 15 -8.24 -10.39 6.51
CA THR A 15 -7.22 -9.50 6.01
C THR A 15 -7.79 -8.81 4.79
N VAL A 16 -7.34 -7.59 4.62
CA VAL A 16 -7.71 -6.76 3.49
C VAL A 16 -6.86 -7.24 2.33
N VAL A 17 -7.38 -7.14 1.12
CA VAL A 17 -6.70 -7.49 -0.09
C VAL A 17 -7.15 -6.53 -1.17
N ARG A 18 -6.21 -5.71 -1.63
CA ARG A 18 -6.42 -4.72 -2.67
C ARG A 18 -5.11 -4.65 -3.47
N THR A 19 -5.11 -3.83 -4.51
CA THR A 19 -3.98 -3.59 -5.39
C THR A 19 -3.84 -2.07 -5.42
N LEU A 20 -2.62 -1.55 -5.40
CA LEU A 20 -2.38 -0.10 -5.43
C LEU A 20 -1.54 0.24 -6.65
N ARG A 21 -1.44 1.54 -6.93
CA ARG A 21 -0.71 2.14 -8.03
C ARG A 21 0.04 3.36 -7.53
N PHE A 22 1.29 3.50 -7.94
CA PHE A 22 2.15 4.64 -7.59
C PHE A 22 2.82 5.11 -8.88
N SER A 23 3.18 6.38 -8.97
CA SER A 23 3.87 6.91 -10.15
C SER A 23 5.28 6.30 -10.21
N PRO A 24 6.01 6.40 -11.32
CA PRO A 24 7.35 5.82 -11.41
C PRO A 24 8.29 6.33 -10.31
N VAL A 25 8.30 7.65 -10.17
CA VAL A 25 9.09 8.39 -9.20
C VAL A 25 8.73 7.97 -7.77
N GLU A 26 7.44 7.83 -7.48
CA GLU A 26 6.92 7.45 -6.17
C GLU A 26 7.30 6.02 -5.82
N ASP A 27 7.14 5.09 -6.76
CA ASP A 27 7.49 3.68 -6.56
C ASP A 27 8.98 3.56 -6.30
N GLU A 28 9.79 4.31 -7.05
CA GLU A 28 11.23 4.35 -6.93
C GLU A 28 11.61 4.96 -5.58
N THR A 29 10.89 5.98 -5.10
CA THR A 29 11.14 6.62 -3.81
C THR A 29 10.91 5.57 -2.73
N ILE A 30 9.72 4.95 -2.72
CA ILE A 30 9.34 3.92 -1.76
C ILE A 30 10.35 2.78 -1.81
N ARG A 31 10.74 2.32 -3.00
CA ARG A 31 11.70 1.24 -3.18
C ARG A 31 13.04 1.60 -2.55
N LYS A 32 13.57 2.79 -2.82
CA LYS A 32 14.86 3.21 -2.26
C LYS A 32 14.78 3.30 -0.74
N LYS A 33 13.76 3.96 -0.18
CA LYS A 33 13.63 4.09 1.28
C LYS A 33 13.50 2.71 1.91
N ALA A 34 12.65 1.85 1.35
CA ALA A 34 12.42 0.50 1.83
C ALA A 34 13.73 -0.28 1.88
N GLU A 35 14.43 -0.35 0.74
CA GLU A 35 15.68 -1.08 0.64
C GLU A 35 16.78 -0.47 1.52
N ASP A 36 16.82 0.85 1.69
CA ASP A 36 17.83 1.51 2.52
C ASP A 36 17.58 1.10 3.97
N SER A 37 16.31 1.01 4.36
CA SER A 37 15.86 0.60 5.68
C SER A 37 16.00 -0.93 5.85
N GLY A 38 16.27 -1.65 4.76
CA GLY A 38 16.43 -3.09 4.73
C GLY A 38 15.13 -3.88 4.89
N LEU A 39 13.97 -3.21 4.95
CA LEU A 39 12.68 -3.87 5.09
C LEU A 39 12.02 -3.76 3.74
N THR A 40 11.56 -4.88 3.20
CA THR A 40 10.89 -4.93 1.92
C THR A 40 9.76 -3.89 1.85
N VAL A 41 9.45 -3.43 0.65
CA VAL A 41 8.42 -2.43 0.35
C VAL A 41 7.11 -2.74 1.07
N SER A 42 6.68 -4.00 1.15
CA SER A 42 5.42 -4.33 1.82
C SER A 42 5.47 -3.94 3.30
N ALA A 43 6.60 -4.22 3.97
CA ALA A 43 6.81 -3.87 5.37
C ALA A 43 6.95 -2.36 5.49
N TYR A 44 7.68 -1.70 4.57
CA TYR A 44 7.88 -0.26 4.58
C TYR A 44 6.50 0.43 4.59
N ILE A 45 5.62 0.05 3.64
CA ILE A 45 4.27 0.57 3.49
C ILE A 45 3.48 0.39 4.79
N ARG A 46 3.29 -0.86 5.22
CA ARG A 46 2.54 -1.19 6.44
C ARG A 46 3.05 -0.39 7.62
N ASN A 47 4.37 -0.29 7.79
CA ASN A 47 4.99 0.46 8.87
C ASN A 47 4.62 1.93 8.76
N ALA A 48 4.90 2.57 7.64
CA ALA A 48 4.62 3.98 7.41
C ALA A 48 3.14 4.34 7.54
N ALA A 49 2.23 3.43 7.20
CA ALA A 49 0.79 3.67 7.28
C ALA A 49 0.23 3.61 8.71
N LEU A 50 0.91 2.89 9.61
CA LEU A 50 0.47 2.76 11.01
C LEU A 50 1.24 3.75 11.89
N ASN A 51 2.44 4.08 11.47
CA ASN A 51 3.34 5.02 12.15
C ASN A 51 3.39 6.30 11.33
N SER B 1 10.67 30.56 -30.58
CA SER B 1 11.72 29.82 -31.30
C SER B 1 11.53 28.39 -30.85
N ASP B 2 12.13 28.01 -29.72
CA ASP B 2 11.95 26.68 -29.17
C ASP B 2 10.54 26.68 -28.54
N SER B 3 10.00 25.48 -28.28
CA SER B 3 8.72 25.22 -27.68
C SER B 3 8.98 24.05 -26.74
N ALA B 4 9.42 24.36 -25.52
CA ALA B 4 9.76 23.42 -24.46
C ALA B 4 8.57 22.55 -24.00
N VAL B 5 8.20 21.55 -24.78
CA VAL B 5 7.13 20.60 -24.53
C VAL B 5 7.61 19.26 -25.09
N ARG B 6 7.22 18.13 -24.50
CA ARG B 6 7.66 16.82 -24.97
C ARG B 6 6.58 15.78 -24.70
N LYS B 7 6.34 14.89 -25.68
CA LYS B 7 5.35 13.84 -25.53
C LYS B 7 5.89 12.76 -24.59
N LYS B 8 5.00 11.90 -24.12
CA LYS B 8 5.30 10.80 -23.21
C LYS B 8 4.75 9.49 -23.77
N SER B 9 4.90 8.40 -23.02
CA SER B 9 4.43 7.07 -23.39
C SER B 9 3.44 6.59 -22.34
N GLU B 10 2.18 6.97 -22.51
CA GLU B 10 1.09 6.61 -21.61
C GLU B 10 0.69 5.14 -21.66
N VAL B 11 1.17 4.45 -22.67
CA VAL B 11 0.90 3.04 -22.91
C VAL B 11 1.78 2.22 -21.97
N ARG B 12 3.11 2.45 -21.95
CA ARG B 12 4.00 1.68 -21.09
C ARG B 12 3.58 1.90 -19.63
N GLN B 13 3.61 0.82 -18.86
CA GLN B 13 3.25 0.78 -17.46
C GLN B 13 4.33 1.44 -16.58
N LYS B 14 4.45 2.77 -16.66
CA LYS B 14 5.40 3.54 -15.86
C LYS B 14 5.17 3.34 -14.37
N THR B 15 3.91 3.11 -13.99
CA THR B 15 3.45 2.87 -12.64
C THR B 15 3.94 1.50 -12.13
N VAL B 16 3.34 1.11 -11.02
CA VAL B 16 3.49 -0.11 -10.27
C VAL B 16 2.06 -0.56 -10.08
N VAL B 17 1.85 -1.86 -10.03
CA VAL B 17 0.58 -2.49 -9.84
C VAL B 17 0.91 -3.75 -9.05
N ARG B 18 0.70 -3.67 -7.75
CA ARG B 18 0.97 -4.79 -6.85
C ARG B 18 -0.12 -4.93 -5.81
N THR B 19 -0.30 -6.16 -5.34
CA THR B 19 -1.29 -6.52 -4.33
C THR B 19 -0.62 -6.43 -2.96
N LEU B 20 -1.30 -5.85 -1.96
CA LEU B 20 -0.79 -5.72 -0.61
C LEU B 20 -1.92 -6.01 0.37
N ARG B 21 -1.63 -6.81 1.40
CA ARG B 21 -2.58 -7.18 2.44
C ARG B 21 -2.15 -6.64 3.79
N PHE B 22 -3.09 -6.53 4.71
CA PHE B 22 -2.91 -6.04 6.07
C PHE B 22 -3.84 -6.81 6.99
N SER B 23 -3.50 -6.92 8.27
CA SER B 23 -4.32 -7.61 9.26
C SER B 23 -5.61 -6.80 9.48
N PRO B 24 -6.64 -7.33 10.16
CA PRO B 24 -7.86 -6.57 10.38
C PRO B 24 -7.54 -5.34 11.24
N VAL B 25 -6.71 -5.50 12.28
CA VAL B 25 -6.30 -4.40 13.15
C VAL B 25 -5.65 -3.28 12.33
N GLU B 26 -4.76 -3.65 11.39
CA GLU B 26 -4.06 -2.72 10.53
C GLU B 26 -5.04 -2.02 9.57
N ASP B 27 -5.86 -2.79 8.86
CA ASP B 27 -6.82 -2.27 7.90
C ASP B 27 -7.83 -1.34 8.58
N GLU B 28 -8.28 -1.69 9.78
CA GLU B 28 -9.20 -0.90 10.57
C GLU B 28 -8.53 0.41 10.92
N THR B 29 -7.30 0.36 11.45
CA THR B 29 -6.54 1.55 11.81
C THR B 29 -6.42 2.46 10.59
N ILE B 30 -5.84 1.96 9.50
CA ILE B 30 -5.64 2.70 8.27
C ILE B 30 -6.97 3.26 7.76
N ARG B 31 -8.04 2.47 7.72
CA ARG B 31 -9.35 2.90 7.25
C ARG B 31 -9.85 4.07 8.09
N LYS B 32 -9.80 3.95 9.42
CA LYS B 32 -10.26 4.99 10.31
C LYS B 32 -9.45 6.25 10.09
N LYS B 33 -8.12 6.15 10.08
CA LYS B 33 -7.22 7.29 9.91
C LYS B 33 -7.55 8.02 8.62
N ALA B 34 -7.64 7.24 7.53
CA ALA B 34 -7.95 7.70 6.20
C ALA B 34 -9.27 8.47 6.17
N GLU B 35 -10.36 7.82 6.60
CA GLU B 35 -11.68 8.45 6.59
C GLU B 35 -11.82 9.61 7.58
N ASP B 36 -10.97 9.67 8.59
CA ASP B 36 -10.92 10.72 9.62
C ASP B 36 -9.96 11.84 9.21
N SER B 37 -9.38 11.76 8.01
CA SER B 37 -8.44 12.73 7.44
C SER B 37 -8.96 13.27 6.11
N GLY B 38 -10.06 12.74 5.56
CA GLY B 38 -10.64 13.17 4.30
C GLY B 38 -9.79 12.65 3.13
N LEU B 39 -9.15 11.48 3.30
CA LEU B 39 -8.27 10.85 2.34
C LEU B 39 -8.72 9.42 2.14
N THR B 40 -8.90 8.98 0.89
CA THR B 40 -9.26 7.58 0.68
C THR B 40 -8.01 6.79 1.13
N VAL B 41 -8.18 5.55 1.58
CA VAL B 41 -7.10 4.68 2.03
C VAL B 41 -5.95 4.67 1.03
N SER B 42 -6.20 4.64 -0.29
CA SER B 42 -5.11 4.64 -1.27
C SER B 42 -4.27 5.92 -1.15
N ALA B 43 -4.93 7.09 -1.03
CA ALA B 43 -4.27 8.38 -0.88
C ALA B 43 -3.52 8.41 0.44
N TYR B 44 -4.11 7.87 1.51
CA TYR B 44 -3.51 7.80 2.83
C TYR B 44 -2.21 6.99 2.72
N ILE B 45 -2.28 5.78 2.15
CA ILE B 45 -1.14 4.88 1.98
C ILE B 45 -0.01 5.58 1.24
N ARG B 46 -0.24 6.00 -0.01
CA ARG B 46 0.78 6.67 -0.82
C ARG B 46 1.37 7.88 -0.10
N ASN B 47 0.51 8.74 0.47
CA ASN B 47 0.98 9.94 1.15
C ASN B 47 1.85 9.59 2.33
N ALA B 48 1.39 8.71 3.22
CA ALA B 48 2.12 8.28 4.40
C ALA B 48 3.41 7.55 4.05
N ALA B 49 3.47 6.89 2.89
CA ALA B 49 4.66 6.15 2.44
C ALA B 49 5.73 7.09 1.90
N LEU B 50 5.33 8.18 1.25
CA LEU B 50 6.25 9.13 0.66
C LEU B 50 6.74 10.11 1.72
N ASN B 51 5.81 10.64 2.53
CA ASN B 51 6.09 11.61 3.60
C ASN B 51 6.79 10.93 4.75
N SER A 1 -23.08 -0.64 23.35
CA SER A 1 -23.38 -1.92 22.70
C SER A 1 -24.07 -1.73 21.35
N ASP A 2 -25.02 -0.81 21.37
CA ASP A 2 -26.01 -0.15 20.51
C ASP A 2 -25.52 0.28 19.12
N SER A 3 -24.46 -0.35 18.62
CA SER A 3 -23.77 -0.16 17.36
C SER A 3 -24.63 -0.55 16.14
N ALA A 4 -25.77 0.13 15.95
CA ALA A 4 -26.72 -0.11 14.87
C ALA A 4 -26.14 -0.03 13.44
N VAL A 5 -24.97 0.58 13.25
CA VAL A 5 -24.30 0.75 11.95
C VAL A 5 -24.15 -0.56 11.15
N ARG A 6 -23.98 -1.71 11.79
CA ARG A 6 -23.81 -2.99 11.09
C ARG A 6 -24.58 -4.08 11.82
N LYS A 7 -25.44 -4.82 11.10
CA LYS A 7 -26.22 -5.91 11.66
C LYS A 7 -25.31 -7.07 12.03
N LYS A 8 -24.69 -7.74 11.05
CA LYS A 8 -23.78 -8.87 11.25
C LYS A 8 -22.63 -8.75 10.25
N SER A 9 -21.68 -9.69 10.27
CA SER A 9 -20.53 -9.73 9.39
C SER A 9 -20.31 -11.21 9.05
N GLU A 10 -20.42 -11.59 7.77
CA GLU A 10 -20.25 -12.98 7.31
C GLU A 10 -19.07 -13.17 6.35
N VAL A 11 -18.34 -12.08 6.07
CA VAL A 11 -17.18 -12.09 5.17
C VAL A 11 -16.09 -12.99 5.74
N ARG A 12 -15.45 -13.81 4.91
CA ARG A 12 -14.40 -14.72 5.36
C ARG A 12 -13.02 -14.11 5.31
N GLN A 13 -12.75 -13.23 4.35
CA GLN A 13 -11.44 -12.59 4.21
C GLN A 13 -11.27 -11.50 5.27
N LYS A 14 -10.59 -11.84 6.38
CA LYS A 14 -10.34 -10.90 7.45
C LYS A 14 -9.38 -9.81 6.95
N THR A 15 -8.48 -10.17 6.06
CA THR A 15 -7.50 -9.30 5.46
C THR A 15 -8.18 -8.49 4.34
N VAL A 16 -7.48 -7.47 3.88
CA VAL A 16 -7.88 -6.55 2.82
C VAL A 16 -7.22 -7.06 1.57
N VAL A 17 -7.86 -6.92 0.42
CA VAL A 17 -7.26 -7.35 -0.81
C VAL A 17 -7.69 -6.41 -1.91
N ARG A 18 -6.81 -5.47 -2.24
CA ARG A 18 -7.06 -4.51 -3.30
C ARG A 18 -5.80 -4.22 -4.07
N THR A 19 -5.96 -3.74 -5.30
CA THR A 19 -4.84 -3.41 -6.17
C THR A 19 -4.45 -1.97 -5.84
N LEU A 20 -3.40 -1.86 -5.06
CA LEU A 20 -2.81 -0.63 -4.56
C LEU A 20 -1.67 -0.28 -5.50
N ARG A 21 -2.00 0.44 -6.57
CA ARG A 21 -1.03 0.89 -7.56
C ARG A 21 -0.24 2.09 -7.04
N PHE A 22 0.88 2.33 -7.69
CA PHE A 22 1.81 3.42 -7.42
C PHE A 22 2.30 3.97 -8.74
N SER A 23 3.01 5.08 -8.72
CA SER A 23 3.56 5.73 -9.90
C SER A 23 5.09 5.48 -9.92
N PRO A 24 5.86 5.84 -10.95
CA PRO A 24 7.29 5.54 -10.98
C PRO A 24 8.09 6.39 -9.98
N VAL A 25 7.71 7.65 -9.75
CA VAL A 25 8.42 8.50 -8.80
C VAL A 25 7.99 8.07 -7.39
N GLU A 26 6.72 7.68 -7.21
CA GLU A 26 6.22 7.22 -5.91
C GLU A 26 7.02 5.98 -5.51
N ASP A 27 7.03 4.99 -6.42
CA ASP A 27 7.72 3.72 -6.27
C ASP A 27 9.20 3.93 -6.01
N GLU A 28 9.87 4.79 -6.78
CA GLU A 28 11.28 5.06 -6.60
C GLU A 28 11.58 5.57 -5.19
N THR A 29 10.86 6.59 -4.72
CA THR A 29 11.07 7.14 -3.38
C THR A 29 10.89 6.02 -2.34
N ILE A 30 9.74 5.32 -2.41
CA ILE A 30 9.41 4.25 -1.48
C ILE A 30 10.49 3.18 -1.50
N ARG A 31 10.91 2.75 -2.69
CA ARG A 31 11.91 1.72 -2.88
C ARG A 31 13.25 2.14 -2.28
N LYS A 32 13.70 3.37 -2.52
CA LYS A 32 14.97 3.84 -1.98
C LYS A 32 14.94 3.76 -0.46
N LYS A 33 13.89 4.31 0.15
CA LYS A 33 13.73 4.34 1.60
C LYS A 33 13.61 2.92 2.14
N ALA A 34 12.78 2.08 1.53
CA ALA A 34 12.57 0.70 1.95
C ALA A 34 13.91 -0.03 1.95
N GLU A 35 14.62 -0.02 0.83
CA GLU A 35 15.90 -0.72 0.70
C GLU A 35 16.92 -0.20 1.70
N ASP A 36 16.95 1.11 1.94
CA ASP A 36 17.87 1.75 2.88
C ASP A 36 17.48 1.43 4.33
N SER A 37 16.20 1.12 4.57
CA SER A 37 15.62 0.75 5.86
C SER A 37 15.87 -0.74 6.11
N GLY A 38 16.36 -1.48 5.10
CA GLY A 38 16.63 -2.90 5.20
C GLY A 38 15.34 -3.71 5.05
N LEU A 39 14.20 -3.10 4.70
CA LEU A 39 12.91 -3.75 4.56
C LEU A 39 12.41 -3.68 3.13
N THR A 40 11.56 -4.64 2.79
CA THR A 40 10.91 -4.67 1.50
C THR A 40 9.86 -3.59 1.57
N VAL A 41 9.55 -3.02 0.41
CA VAL A 41 8.56 -1.99 0.25
C VAL A 41 7.24 -2.40 0.90
N SER A 42 6.88 -3.69 0.95
CA SER A 42 5.67 -4.17 1.58
C SER A 42 5.69 -3.80 3.06
N ALA A 43 6.70 -4.28 3.79
CA ALA A 43 6.88 -4.01 5.21
C ALA A 43 7.01 -2.50 5.41
N TYR A 44 7.70 -1.78 4.52
CA TYR A 44 7.86 -0.34 4.62
C TYR A 44 6.48 0.34 4.55
N ILE A 45 5.64 0.00 3.57
CA ILE A 45 4.31 0.55 3.37
C ILE A 45 3.47 0.35 4.63
N ARG A 46 3.22 -0.90 5.01
CA ARG A 46 2.42 -1.23 6.18
C ARG A 46 2.93 -0.51 7.41
N ASN A 47 4.25 -0.49 7.62
CA ASN A 47 4.87 0.16 8.75
C ASN A 47 4.62 1.67 8.75
N ALA A 48 4.99 2.35 7.66
CA ALA A 48 4.83 3.80 7.51
C ALA A 48 3.36 4.24 7.59
N ALA A 49 2.45 3.35 7.20
CA ALA A 49 1.02 3.67 7.22
C ALA A 49 0.43 3.64 8.62
N LEU A 50 1.01 2.86 9.53
CA LEU A 50 0.52 2.75 10.90
C LEU A 50 1.26 3.73 11.81
N ASN A 51 2.59 3.81 11.68
CA ASN A 51 3.46 4.66 12.50
C ASN A 51 3.68 6.00 11.84
N SER B 1 27.57 9.00 -14.99
CA SER B 1 26.95 8.45 -16.21
C SER B 1 26.98 6.92 -16.22
N ASP B 2 28.16 6.41 -15.87
CA ASP B 2 28.87 5.14 -15.68
C ASP B 2 28.09 4.10 -14.87
N SER B 3 26.76 4.10 -14.96
CA SER B 3 25.80 3.24 -14.30
C SER B 3 25.85 1.77 -14.74
N ALA B 4 26.97 1.09 -14.49
CA ALA B 4 27.18 -0.33 -14.83
C ALA B 4 26.12 -1.24 -14.18
N VAL B 5 25.44 -0.76 -13.14
CA VAL B 5 24.39 -1.44 -12.39
C VAL B 5 23.23 -1.96 -13.25
N ARG B 6 22.90 -1.36 -14.40
CA ARG B 6 21.80 -1.82 -15.25
C ARG B 6 22.08 -1.51 -16.71
N LYS B 7 21.92 -2.50 -17.60
CA LYS B 7 22.17 -2.33 -19.04
C LYS B 7 21.06 -1.51 -19.70
N LYS B 8 19.81 -1.98 -19.73
CA LYS B 8 18.68 -1.27 -20.34
C LYS B 8 17.41 -1.52 -19.52
N SER B 9 16.27 -0.97 -19.96
CA SER B 9 14.97 -1.12 -19.33
C SER B 9 13.96 -0.97 -20.47
N GLU B 10 13.24 -2.05 -20.79
CA GLU B 10 12.26 -2.10 -21.87
C GLU B 10 10.82 -2.25 -21.36
N VAL B 11 10.62 -1.93 -20.07
CA VAL B 11 9.34 -1.99 -19.39
C VAL B 11 8.35 -1.03 -20.06
N ARG B 12 7.05 -1.30 -19.94
CA ARG B 12 5.98 -0.47 -20.52
C ARG B 12 4.90 -0.11 -19.52
N GLN B 13 5.07 -0.48 -18.24
CA GLN B 13 4.13 -0.20 -17.18
C GLN B 13 4.88 0.61 -16.13
N LYS B 14 4.84 1.94 -16.24
CA LYS B 14 5.52 2.81 -15.27
C LYS B 14 4.92 2.64 -13.87
N THR B 15 3.66 2.23 -13.78
CA THR B 15 2.97 1.99 -12.52
C THR B 15 3.54 0.71 -11.89
N VAL B 16 3.08 0.39 -10.69
CA VAL B 16 3.49 -0.80 -9.95
C VAL B 16 2.20 -1.45 -9.57
N VAL B 17 1.91 -2.66 -10.08
CA VAL B 17 0.66 -3.33 -9.77
C VAL B 17 0.92 -4.63 -9.01
N ARG B 18 0.62 -4.63 -7.73
CA ARG B 18 0.78 -5.82 -6.89
C ARG B 18 -0.47 -6.01 -6.06
N THR B 19 -0.47 -7.00 -5.18
CA THR B 19 -1.56 -7.30 -4.28
C THR B 19 -0.91 -7.19 -2.92
N LEU B 20 -1.22 -6.11 -2.22
CA LEU B 20 -0.68 -5.78 -0.92
C LEU B 20 -1.76 -5.86 0.14
N ARG B 21 -1.92 -7.05 0.72
CA ARG B 21 -2.88 -7.34 1.79
C ARG B 21 -2.53 -6.51 3.03
N PHE B 22 -3.53 -6.29 3.88
CA PHE B 22 -3.45 -5.59 5.16
C PHE B 22 -4.31 -6.43 6.10
N SER B 23 -3.90 -6.54 7.35
CA SER B 23 -4.60 -7.33 8.37
C SER B 23 -5.87 -6.59 8.80
N PRO B 24 -6.79 -7.20 9.57
CA PRO B 24 -8.02 -6.52 9.97
C PRO B 24 -7.70 -5.31 10.86
N VAL B 25 -6.79 -5.47 11.80
CA VAL B 25 -6.36 -4.44 12.74
C VAL B 25 -5.64 -3.31 11.98
N GLU B 26 -4.80 -3.66 11.00
CA GLU B 26 -4.04 -2.70 10.21
C GLU B 26 -5.01 -1.88 9.35
N ASP B 27 -5.99 -2.55 8.72
CA ASP B 27 -6.99 -1.91 7.88
C ASP B 27 -7.79 -0.94 8.73
N GLU B 28 -8.20 -1.36 9.92
CA GLU B 28 -8.94 -0.56 10.87
C GLU B 28 -8.14 0.70 11.19
N THR B 29 -6.86 0.61 11.59
CA THR B 29 -6.06 1.79 11.90
C THR B 29 -5.94 2.69 10.66
N ILE B 30 -5.49 2.13 9.52
CA ILE B 30 -5.32 2.89 8.27
C ILE B 30 -6.63 3.57 7.91
N ARG B 31 -7.73 2.83 7.90
CA ARG B 31 -9.05 3.32 7.55
C ARG B 31 -9.49 4.40 8.52
N LYS B 32 -9.29 4.25 9.82
CA LYS B 32 -9.70 5.26 10.78
C LYS B 32 -8.96 6.55 10.48
N LYS B 33 -7.64 6.50 10.31
CA LYS B 33 -6.83 7.68 10.05
C LYS B 33 -7.24 8.30 8.71
N ALA B 34 -7.32 7.48 7.67
CA ALA B 34 -7.68 7.84 6.31
C ALA B 34 -9.05 8.51 6.27
N GLU B 35 -10.07 7.83 6.78
CA GLU B 35 -11.47 8.28 6.81
C GLU B 35 -11.60 9.58 7.61
N ASP B 36 -10.94 9.66 8.76
CA ASP B 36 -10.97 10.84 9.62
C ASP B 36 -10.33 12.01 8.89
N SER B 37 -9.23 11.75 8.19
CA SER B 37 -8.49 12.74 7.42
C SER B 37 -9.22 13.00 6.09
N GLY B 38 -10.30 12.28 5.76
CA GLY B 38 -11.06 12.44 4.54
C GLY B 38 -10.25 12.11 3.28
N LEU B 39 -9.22 11.26 3.39
CA LEU B 39 -8.37 10.86 2.29
C LEU B 39 -8.53 9.36 2.19
N THR B 40 -8.98 8.86 1.05
CA THR B 40 -9.13 7.42 0.86
C THR B 40 -7.80 6.75 1.20
N VAL B 41 -7.91 5.52 1.69
CA VAL B 41 -6.79 4.72 2.11
C VAL B 41 -5.68 4.68 1.04
N SER B 42 -6.02 4.71 -0.26
CA SER B 42 -5.02 4.71 -1.32
C SER B 42 -4.12 5.95 -1.21
N ALA B 43 -4.70 7.15 -1.08
CA ALA B 43 -3.97 8.40 -0.95
C ALA B 43 -3.26 8.40 0.41
N TYR B 44 -3.94 7.97 1.47
CA TYR B 44 -3.37 7.93 2.81
C TYR B 44 -2.06 7.11 2.79
N ILE B 45 -2.10 5.90 2.21
CA ILE B 45 -0.98 4.98 2.08
C ILE B 45 0.18 5.65 1.35
N ARG B 46 -0.02 6.01 0.07
CA ARG B 46 1.04 6.63 -0.73
C ARG B 46 1.63 7.85 -0.02
N ASN B 47 0.78 8.73 0.51
CA ASN B 47 1.23 9.93 1.20
C ASN B 47 2.14 9.59 2.37
N ALA B 48 1.70 8.69 3.26
CA ALA B 48 2.45 8.27 4.44
C ALA B 48 3.79 7.62 4.04
N ALA B 49 3.80 6.93 2.90
CA ALA B 49 4.97 6.25 2.37
C ALA B 49 5.99 7.17 1.70
N LEU B 50 5.60 8.40 1.34
CA LEU B 50 6.49 9.36 0.69
C LEU B 50 6.96 10.41 1.66
N ASN B 51 6.06 10.81 2.56
CA ASN B 51 6.29 11.82 3.61
C ASN B 51 6.71 11.09 4.88
N SER A 1 -17.98 -2.92 22.12
CA SER A 1 -18.34 -1.63 21.53
C SER A 1 -19.84 -1.40 21.73
N ASP A 2 -20.23 -0.17 22.09
CA ASP A 2 -21.63 0.23 22.30
C ASP A 2 -22.40 0.27 20.97
N SER A 3 -21.70 0.25 19.85
CA SER A 3 -22.25 0.28 18.51
C SER A 3 -21.67 -0.89 17.72
N ALA A 4 -22.53 -1.52 16.92
CA ALA A 4 -22.31 -2.64 16.03
C ALA A 4 -23.59 -2.81 15.19
N VAL A 5 -23.52 -3.50 14.06
CA VAL A 5 -24.65 -3.75 13.17
C VAL A 5 -24.44 -5.07 12.41
N ARG A 6 -25.47 -5.49 11.67
CA ARG A 6 -25.46 -6.69 10.84
C ARG A 6 -24.53 -6.37 9.67
N LYS A 7 -23.54 -7.21 9.39
CA LYS A 7 -22.59 -7.00 8.29
C LYS A 7 -22.18 -8.34 7.67
N LYS A 8 -21.40 -8.28 6.59
CA LYS A 8 -20.91 -9.42 5.83
C LYS A 8 -20.00 -10.27 6.71
N SER A 9 -20.13 -11.59 6.66
CA SER A 9 -19.33 -12.49 7.46
C SER A 9 -17.99 -12.76 6.75
N GLU A 10 -17.08 -11.78 6.79
CA GLU A 10 -15.75 -11.90 6.17
C GLU A 10 -14.80 -12.68 7.09
N VAL A 11 -15.34 -13.43 8.06
CA VAL A 11 -14.63 -14.24 9.05
C VAL A 11 -13.53 -15.10 8.40
N ARG A 12 -13.80 -15.66 7.22
CA ARG A 12 -12.87 -16.51 6.48
C ARG A 12 -11.62 -15.80 5.99
N GLN A 13 -11.64 -14.50 5.70
CA GLN A 13 -10.48 -13.75 5.23
C GLN A 13 -10.40 -12.43 5.99
N LYS A 14 -9.74 -12.46 7.15
CA LYS A 14 -9.57 -11.27 7.97
C LYS A 14 -8.62 -10.26 7.34
N THR A 15 -7.64 -10.72 6.56
CA THR A 15 -6.71 -9.82 5.89
C THR A 15 -7.41 -9.19 4.68
N VAL A 16 -6.92 -8.03 4.31
CA VAL A 16 -7.40 -7.27 3.17
C VAL A 16 -6.54 -7.71 1.99
N VAL A 17 -7.12 -7.68 0.81
CA VAL A 17 -6.45 -8.00 -0.42
C VAL A 17 -6.98 -6.98 -1.43
N ARG A 18 -6.27 -5.87 -1.50
CA ARG A 18 -6.60 -4.76 -2.39
C ARG A 18 -5.48 -4.60 -3.41
N THR A 19 -5.71 -3.77 -4.42
CA THR A 19 -4.72 -3.51 -5.46
C THR A 19 -4.36 -2.04 -5.37
N LEU A 20 -3.06 -1.73 -5.30
CA LEU A 20 -2.52 -0.39 -5.20
C LEU A 20 -1.52 -0.16 -6.32
N ARG A 21 -1.38 1.09 -6.76
CA ARG A 21 -0.47 1.52 -7.79
C ARG A 21 0.16 2.84 -7.35
N PHE A 22 1.32 3.17 -7.92
CA PHE A 22 2.06 4.38 -7.64
C PHE A 22 2.72 4.83 -8.93
N SER A 23 3.05 6.11 -9.04
CA SER A 23 3.71 6.64 -10.22
C SER A 23 5.15 6.08 -10.24
N PRO A 24 5.92 6.22 -11.33
CA PRO A 24 7.27 5.66 -11.36
C PRO A 24 8.16 6.28 -10.28
N VAL A 25 8.12 7.61 -10.11
CA VAL A 25 8.92 8.31 -9.11
C VAL A 25 8.44 7.91 -7.71
N GLU A 26 7.14 7.84 -7.48
CA GLU A 26 6.57 7.46 -6.18
C GLU A 26 7.04 6.07 -5.79
N ASP A 27 7.00 5.13 -6.74
CA ASP A 27 7.43 3.76 -6.51
C ASP A 27 8.93 3.71 -6.27
N GLU A 28 9.72 4.45 -7.07
CA GLU A 28 11.17 4.53 -6.96
C GLU A 28 11.54 5.03 -5.56
N THR A 29 10.83 6.05 -5.07
CA THR A 29 11.04 6.63 -3.75
C THR A 29 10.80 5.56 -2.69
N ILE A 30 9.65 4.86 -2.77
CA ILE A 30 9.31 3.80 -1.83
C ILE A 30 10.35 2.68 -1.91
N ARG A 31 10.81 2.31 -3.11
CA ARG A 31 11.80 1.26 -3.32
C ARG A 31 13.10 1.63 -2.61
N LYS A 32 13.53 2.88 -2.78
CA LYS A 32 14.73 3.43 -2.18
C LYS A 32 14.65 3.38 -0.68
N LYS A 33 13.65 4.02 -0.10
CA LYS A 33 13.48 4.11 1.35
C LYS A 33 13.32 2.72 1.97
N ALA A 34 12.56 1.83 1.32
CA ALA A 34 12.36 0.48 1.83
C ALA A 34 13.73 -0.20 1.94
N GLU A 35 14.52 -0.16 0.86
CA GLU A 35 15.84 -0.76 0.81
C GLU A 35 16.80 -0.15 1.82
N ASP A 36 16.76 1.18 1.95
CA ASP A 36 17.59 1.99 2.84
C ASP A 36 17.25 1.72 4.31
N SER A 37 16.04 1.20 4.55
CA SER A 37 15.48 0.85 5.85
C SER A 37 15.64 -0.65 6.12
N GLY A 38 16.07 -1.45 5.13
CA GLY A 38 16.25 -2.88 5.30
C GLY A 38 14.91 -3.58 5.56
N LEU A 39 13.81 -3.05 5.01
CA LEU A 39 12.46 -3.56 5.13
C LEU A 39 11.95 -3.69 3.72
N THR A 40 11.35 -4.82 3.36
CA THR A 40 10.81 -4.97 2.02
C THR A 40 9.73 -3.90 1.82
N VAL A 41 9.50 -3.48 0.57
CA VAL A 41 8.50 -2.46 0.23
C VAL A 41 7.14 -2.75 0.88
N SER A 42 6.69 -4.01 0.92
CA SER A 42 5.39 -4.30 1.54
C SER A 42 5.39 -3.97 3.04
N ALA A 43 6.50 -4.24 3.73
CA ALA A 43 6.65 -3.95 5.14
C ALA A 43 6.73 -2.44 5.30
N TYR A 44 7.54 -1.77 4.48
CA TYR A 44 7.71 -0.34 4.49
C TYR A 44 6.34 0.35 4.39
N ILE A 45 5.48 -0.09 3.47
CA ILE A 45 4.14 0.47 3.26
C ILE A 45 3.32 0.39 4.56
N ARG A 46 3.06 -0.82 5.07
CA ARG A 46 2.27 -1.03 6.27
C ARG A 46 2.86 -0.26 7.46
N ASN A 47 4.18 -0.33 7.64
CA ASN A 47 4.89 0.33 8.72
C ASN A 47 4.63 1.83 8.65
N ALA A 48 4.92 2.46 7.51
CA ALA A 48 4.71 3.89 7.32
C ALA A 48 3.24 4.28 7.44
N ALA A 49 2.30 3.36 7.19
CA ALA A 49 0.87 3.64 7.30
C ALA A 49 0.35 3.60 8.75
N LEU A 50 1.07 2.98 9.69
CA LEU A 50 0.63 2.86 11.08
C LEU A 50 1.53 3.59 12.08
N ASN A 51 2.82 3.71 11.74
CA ASN A 51 3.85 4.34 12.56
C ASN A 51 4.02 5.79 12.18
N SER B 1 21.97 9.68 -14.80
CA SER B 1 22.27 8.51 -13.96
C SER B 1 23.52 7.81 -14.44
N ASP B 2 24.55 7.79 -13.60
CA ASP B 2 25.85 7.14 -13.83
C ASP B 2 25.65 5.66 -14.16
N SER B 3 25.11 4.89 -13.22
CA SER B 3 24.81 3.49 -13.30
C SER B 3 23.61 3.35 -14.27
N ALA B 4 23.89 2.91 -15.50
CA ALA B 4 22.90 2.73 -16.56
C ALA B 4 23.02 1.34 -17.21
N VAL B 5 22.43 0.32 -16.58
CA VAL B 5 22.45 -1.05 -17.10
C VAL B 5 21.23 -1.24 -18.02
N ARG B 6 21.14 -2.38 -18.70
CA ARG B 6 20.00 -2.65 -19.57
C ARG B 6 18.77 -2.93 -18.73
N LYS B 7 17.62 -2.44 -19.16
CA LYS B 7 16.34 -2.66 -18.50
C LYS B 7 15.42 -3.25 -19.55
N LYS B 8 14.43 -4.02 -19.12
CA LYS B 8 13.49 -4.65 -20.02
C LYS B 8 12.54 -3.56 -20.56
N SER B 9 11.64 -3.90 -21.46
CA SER B 9 10.72 -2.92 -22.02
C SER B 9 9.43 -2.92 -21.19
N GLU B 10 9.31 -2.00 -20.24
CA GLU B 10 8.15 -1.84 -19.36
C GLU B 10 7.56 -0.44 -19.44
N VAL B 11 8.04 0.38 -20.38
CA VAL B 11 7.58 1.76 -20.61
C VAL B 11 6.05 1.81 -20.80
N ARG B 12 5.46 0.75 -21.36
CA ARG B 12 4.03 0.64 -21.60
C ARG B 12 3.21 0.82 -20.33
N GLN B 13 3.80 0.63 -19.14
CA GLN B 13 3.17 0.76 -17.85
C GLN B 13 4.25 1.18 -16.87
N LYS B 14 4.58 2.48 -16.88
CA LYS B 14 5.59 3.07 -16.00
C LYS B 14 5.21 3.00 -14.52
N THR B 15 3.91 3.04 -14.22
CA THR B 15 3.41 2.94 -12.86
C THR B 15 3.76 1.53 -12.38
N VAL B 16 3.57 1.29 -11.10
CA VAL B 16 3.80 -0.01 -10.48
C VAL B 16 2.41 -0.53 -10.13
N VAL B 17 2.23 -1.84 -10.02
CA VAL B 17 0.98 -2.44 -9.65
C VAL B 17 1.31 -3.56 -8.68
N ARG B 18 0.73 -3.49 -7.49
CA ARG B 18 0.98 -4.52 -6.49
C ARG B 18 -0.28 -4.86 -5.71
N THR B 19 -0.23 -6.05 -5.13
CA THR B 19 -1.26 -6.66 -4.32
C THR B 19 -0.64 -6.56 -2.94
N LEU B 20 -1.11 -5.61 -2.14
CA LEU B 20 -0.62 -5.34 -0.79
C LEU B 20 -1.68 -5.78 0.20
N ARG B 21 -1.35 -6.71 1.08
CA ARG B 21 -2.28 -7.19 2.08
C ARG B 21 -2.05 -6.45 3.38
N PHE B 22 -3.10 -6.35 4.18
CA PHE B 22 -3.10 -5.66 5.48
C PHE B 22 -3.82 -6.58 6.45
N SER B 23 -3.37 -6.62 7.70
CA SER B 23 -3.98 -7.46 8.73
C SER B 23 -5.32 -6.81 9.14
N PRO B 24 -6.18 -7.48 9.94
CA PRO B 24 -7.46 -6.91 10.32
C PRO B 24 -7.34 -5.68 11.21
N VAL B 25 -6.31 -5.59 12.05
CA VAL B 25 -6.10 -4.48 12.96
C VAL B 25 -5.58 -3.28 12.15
N GLU B 26 -4.67 -3.53 11.21
CA GLU B 26 -4.08 -2.51 10.35
C GLU B 26 -5.19 -1.88 9.52
N ASP B 27 -6.02 -2.72 8.91
CA ASP B 27 -7.14 -2.32 8.06
C ASP B 27 -8.09 -1.40 8.80
N GLU B 28 -8.46 -1.79 10.02
CA GLU B 28 -9.35 -1.03 10.88
C GLU B 28 -8.70 0.34 11.18
N THR B 29 -7.41 0.35 11.54
CA THR B 29 -6.66 1.57 11.85
C THR B 29 -6.61 2.49 10.62
N ILE B 30 -6.13 1.95 9.50
CA ILE B 30 -5.97 2.63 8.23
C ILE B 30 -7.32 3.11 7.69
N ARG B 31 -8.40 2.41 7.98
CA ARG B 31 -9.73 2.81 7.51
C ARG B 31 -10.14 4.11 8.19
N LYS B 32 -9.93 4.21 9.50
CA LYS B 32 -10.33 5.39 10.26
C LYS B 32 -9.39 6.58 10.10
N LYS B 33 -8.06 6.39 10.16
CA LYS B 33 -7.14 7.52 10.05
C LYS B 33 -7.28 8.19 8.69
N ALA B 34 -7.45 7.39 7.64
CA ALA B 34 -7.61 7.84 6.27
C ALA B 34 -8.83 8.75 6.19
N GLU B 35 -9.97 8.22 6.63
CA GLU B 35 -11.23 8.94 6.60
C GLU B 35 -11.25 10.16 7.50
N ASP B 36 -10.59 10.12 8.66
CA ASP B 36 -10.51 11.26 9.57
C ASP B 36 -9.75 12.38 8.88
N SER B 37 -8.69 12.03 8.16
CA SER B 37 -7.84 12.94 7.40
C SER B 37 -8.52 13.33 6.08
N GLY B 38 -9.66 12.70 5.73
CA GLY B 38 -10.40 12.94 4.51
C GLY B 38 -9.70 12.36 3.28
N LEU B 39 -8.55 11.69 3.44
CA LEU B 39 -7.76 11.10 2.39
C LEU B 39 -8.08 9.62 2.36
N THR B 40 -8.83 9.17 1.36
CA THR B 40 -9.22 7.77 1.16
C THR B 40 -8.00 6.86 1.38
N VAL B 41 -8.21 5.61 1.83
CA VAL B 41 -7.19 4.63 2.13
C VAL B 41 -6.09 4.58 1.07
N SER B 42 -6.42 4.59 -0.22
CA SER B 42 -5.39 4.54 -1.25
C SER B 42 -4.47 5.76 -1.17
N ALA B 43 -5.03 6.97 -1.04
CA ALA B 43 -4.27 8.21 -0.93
C ALA B 43 -3.49 8.21 0.39
N TYR B 44 -4.10 7.72 1.47
CA TYR B 44 -3.45 7.65 2.77
C TYR B 44 -2.18 6.82 2.63
N ILE B 45 -2.27 5.59 2.10
CA ILE B 45 -1.15 4.69 1.90
C ILE B 45 -0.05 5.40 1.12
N ARG B 46 -0.33 5.83 -0.11
CA ARG B 46 0.64 6.51 -0.97
C ARG B 46 1.31 7.70 -0.28
N ASN B 47 0.54 8.56 0.36
CA ASN B 47 1.00 9.75 1.07
C ASN B 47 1.86 9.42 2.28
N ALA B 48 1.36 8.57 3.17
CA ALA B 48 2.01 8.15 4.40
C ALA B 48 3.31 7.42 4.10
N ALA B 49 3.35 6.69 2.98
CA ALA B 49 4.53 5.94 2.60
C ALA B 49 5.68 6.88 2.25
N LEU B 50 5.45 7.79 1.31
CA LEU B 50 6.47 8.72 0.83
C LEU B 50 6.90 9.78 1.82
N ASN B 51 5.95 10.34 2.57
CA ASN B 51 6.22 11.41 3.50
C ASN B 51 6.40 10.89 4.91
N SER A 1 -17.61 0.30 21.97
CA SER A 1 -18.25 -1.01 22.20
C SER A 1 -19.13 -1.30 21.01
N ASP A 2 -18.86 -2.42 20.34
CA ASP A 2 -19.60 -2.83 19.14
C ASP A 2 -21.03 -3.30 19.48
N SER A 3 -21.84 -3.60 18.47
CA SER A 3 -23.22 -4.04 18.61
C SER A 3 -23.51 -5.20 17.66
N ALA A 4 -24.67 -5.84 17.81
CA ALA A 4 -25.12 -6.94 16.96
C ALA A 4 -25.43 -6.32 15.61
N VAL A 5 -24.53 -6.47 14.65
CA VAL A 5 -24.64 -5.94 13.30
C VAL A 5 -24.54 -7.06 12.27
N ARG A 6 -23.70 -8.06 12.54
CA ARG A 6 -23.48 -9.25 11.70
C ARG A 6 -24.54 -10.27 12.10
N LYS A 7 -24.83 -11.27 11.26
CA LYS A 7 -25.82 -12.29 11.54
C LYS A 7 -25.20 -13.67 11.31
N LYS A 8 -25.34 -14.23 10.11
CA LYS A 8 -24.81 -15.54 9.73
C LYS A 8 -24.16 -15.49 8.36
N SER A 9 -22.82 -15.51 8.29
CA SER A 9 -22.06 -15.49 7.04
C SER A 9 -20.82 -16.35 7.23
N GLU A 10 -20.56 -17.25 6.27
CA GLU A 10 -19.43 -18.16 6.31
C GLU A 10 -18.27 -17.53 5.53
N VAL A 11 -17.53 -16.63 6.17
CA VAL A 11 -16.39 -15.94 5.59
C VAL A 11 -15.32 -15.91 6.67
N ARG A 12 -14.09 -16.33 6.34
CA ARG A 12 -12.95 -16.36 7.26
C ARG A 12 -11.76 -15.70 6.57
N GLN A 13 -11.67 -14.37 6.71
CA GLN A 13 -10.62 -13.55 6.12
C GLN A 13 -9.99 -12.68 7.21
N LYS A 14 -8.79 -13.06 7.64
CA LYS A 14 -8.04 -12.31 8.64
C LYS A 14 -7.01 -11.42 7.95
N THR A 15 -7.28 -11.01 6.73
CA THR A 15 -6.42 -10.14 5.95
C THR A 15 -7.25 -9.53 4.84
N VAL A 16 -6.73 -8.42 4.34
CA VAL A 16 -7.27 -7.65 3.25
C VAL A 16 -6.49 -8.12 2.02
N VAL A 17 -7.10 -7.99 0.85
CA VAL A 17 -6.49 -8.37 -0.41
C VAL A 17 -6.96 -7.34 -1.43
N ARG A 18 -6.09 -6.38 -1.75
CA ARG A 18 -6.40 -5.32 -2.72
C ARG A 18 -5.12 -5.01 -3.50
N THR A 19 -5.25 -4.19 -4.51
CA THR A 19 -4.21 -3.74 -5.41
C THR A 19 -4.15 -2.23 -5.33
N LEU A 20 -2.96 -1.66 -5.28
CA LEU A 20 -2.74 -0.21 -5.23
C LEU A 20 -1.89 0.17 -6.44
N ARG A 21 -1.74 1.47 -6.67
CA ARG A 21 -0.97 2.02 -7.77
C ARG A 21 -0.02 3.06 -7.19
N PHE A 22 1.12 3.25 -7.84
CA PHE A 22 2.15 4.20 -7.43
C PHE A 22 2.79 4.69 -8.71
N SER A 23 3.12 5.99 -8.79
CA SER A 23 3.77 6.62 -9.94
C SER A 23 5.21 6.08 -10.05
N PRO A 24 5.98 6.37 -11.12
CA PRO A 24 7.33 5.84 -11.23
C PRO A 24 8.25 6.46 -10.18
N VAL A 25 8.09 7.75 -9.89
CA VAL A 25 8.89 8.45 -8.90
C VAL A 25 8.49 8.00 -7.48
N GLU A 26 7.20 7.73 -7.25
CA GLU A 26 6.70 7.29 -5.96
C GLU A 26 7.23 5.88 -5.68
N ASP A 27 7.21 5.02 -6.69
CA ASP A 27 7.71 3.64 -6.58
C ASP A 27 9.21 3.69 -6.33
N GLU A 28 9.92 4.51 -7.10
CA GLU A 28 11.36 4.71 -7.00
C GLU A 28 11.68 5.12 -5.56
N THR A 29 10.94 6.08 -5.00
CA THR A 29 11.13 6.58 -3.65
C THR A 29 10.77 5.52 -2.61
N ILE A 30 9.60 4.89 -2.68
CA ILE A 30 9.23 3.89 -1.70
C ILE A 30 10.22 2.73 -1.72
N ARG A 31 10.80 2.42 -2.88
CA ARG A 31 11.76 1.34 -3.02
C ARG A 31 13.09 1.77 -2.44
N LYS A 32 13.53 2.98 -2.78
CA LYS A 32 14.79 3.49 -2.30
C LYS A 32 14.74 3.69 -0.79
N LYS A 33 13.58 4.00 -0.22
CA LYS A 33 13.39 4.17 1.21
C LYS A 33 13.34 2.78 1.84
N ALA A 34 12.53 1.87 1.29
CA ALA A 34 12.38 0.50 1.79
C ALA A 34 13.75 -0.18 1.87
N GLU A 35 14.46 -0.24 0.75
CA GLU A 35 15.77 -0.89 0.70
C GLU A 35 16.79 -0.19 1.60
N ASP A 36 16.82 1.16 1.64
CA ASP A 36 17.77 1.88 2.49
C ASP A 36 17.48 1.64 3.97
N SER A 37 16.21 1.35 4.27
CA SER A 37 15.74 1.07 5.61
C SER A 37 15.86 -0.44 5.90
N GLY A 38 16.30 -1.26 4.94
CA GLY A 38 16.45 -2.69 5.10
C GLY A 38 15.12 -3.41 5.33
N LEU A 39 14.03 -2.93 4.71
CA LEU A 39 12.69 -3.48 4.81
C LEU A 39 12.16 -3.70 3.40
N THR A 40 11.25 -4.66 3.26
CA THR A 40 10.62 -4.93 1.99
C THR A 40 9.58 -3.81 1.84
N VAL A 41 9.32 -3.40 0.62
CA VAL A 41 8.32 -2.38 0.28
C VAL A 41 6.99 -2.72 0.96
N SER A 42 6.58 -3.99 1.01
CA SER A 42 5.34 -4.40 1.65
C SER A 42 5.31 -4.00 3.15
N ALA A 43 6.38 -4.29 3.88
CA ALA A 43 6.54 -3.98 5.29
C ALA A 43 6.64 -2.47 5.43
N TYR A 44 7.46 -1.81 4.60
CA TYR A 44 7.66 -0.38 4.62
C TYR A 44 6.31 0.34 4.55
N ILE A 45 5.49 0.01 3.55
CA ILE A 45 4.16 0.59 3.33
C ILE A 45 3.31 0.52 4.60
N ARG A 46 3.02 -0.69 5.10
CA ARG A 46 2.19 -0.83 6.28
C ARG A 46 2.83 -0.16 7.50
N ASN A 47 4.12 -0.37 7.74
CA ASN A 47 4.85 0.19 8.86
C ASN A 47 4.65 1.70 8.92
N ALA A 48 4.95 2.38 7.82
CA ALA A 48 4.82 3.82 7.67
C ALA A 48 3.37 4.31 7.71
N ALA A 49 2.42 3.49 7.27
CA ALA A 49 0.99 3.85 7.26
C ALA A 49 0.31 3.69 8.61
N LEU A 50 0.88 2.89 9.51
CA LEU A 50 0.32 2.62 10.82
C LEU A 50 1.04 3.32 11.96
N ASN A 51 2.36 3.42 11.86
CA ASN A 51 3.21 4.01 12.91
C ASN A 51 3.54 5.44 12.59
N SER B 1 23.60 11.13 -11.99
CA SER B 1 24.56 10.33 -12.75
C SER B 1 23.93 9.02 -13.21
N ASP B 2 22.93 9.08 -14.08
CA ASP B 2 22.23 7.91 -14.63
C ASP B 2 22.90 7.52 -15.94
N SER B 3 22.59 6.31 -16.42
CA SER B 3 23.12 5.75 -17.65
C SER B 3 22.03 5.11 -18.49
N ALA B 4 22.36 4.86 -19.77
CA ALA B 4 21.50 4.23 -20.75
C ALA B 4 21.49 2.72 -20.50
N VAL B 5 20.78 2.27 -19.47
CA VAL B 5 20.66 0.85 -19.11
C VAL B 5 19.62 0.20 -20.05
N ARG B 6 18.65 0.96 -20.56
CA ARG B 6 17.64 0.43 -21.47
C ARG B 6 18.31 0.13 -22.82
N LYS B 7 17.66 -0.67 -23.68
CA LYS B 7 18.21 -1.04 -24.99
C LYS B 7 17.13 -0.87 -26.06
N LYS B 8 16.19 -1.82 -26.15
CA LYS B 8 15.11 -1.81 -27.12
C LYS B 8 13.94 -2.60 -26.57
N SER B 9 13.05 -1.95 -25.83
CA SER B 9 11.87 -2.59 -25.25
C SER B 9 10.69 -1.65 -25.47
N GLU B 10 9.56 -2.21 -25.87
CA GLU B 10 8.33 -1.48 -26.16
C GLU B 10 7.27 -1.47 -25.06
N VAL B 11 7.57 -2.12 -23.93
CA VAL B 11 6.68 -2.21 -22.78
C VAL B 11 6.69 -0.85 -22.07
N ARG B 12 5.54 -0.34 -21.61
CA ARG B 12 5.46 0.96 -20.94
C ARG B 12 4.50 0.90 -19.75
N GLN B 13 4.92 1.38 -18.58
CA GLN B 13 4.11 1.41 -17.37
C GLN B 13 4.50 2.62 -16.51
N LYS B 14 3.75 3.72 -16.65
CA LYS B 14 3.98 4.96 -15.90
C LYS B 14 3.38 4.85 -14.50
N THR B 15 3.22 3.64 -13.98
CA THR B 15 2.67 3.33 -12.69
C THR B 15 2.99 1.86 -12.42
N VAL B 16 2.86 1.46 -11.16
CA VAL B 16 3.06 0.10 -10.69
C VAL B 16 1.69 -0.43 -10.30
N VAL B 17 1.52 -1.75 -10.29
CA VAL B 17 0.32 -2.45 -9.89
C VAL B 17 0.80 -3.63 -9.05
N ARG B 18 0.48 -3.61 -7.76
CA ARG B 18 0.87 -4.70 -6.87
C ARG B 18 -0.22 -4.93 -5.84
N THR B 19 -0.34 -6.17 -5.40
CA THR B 19 -1.31 -6.62 -4.43
C THR B 19 -0.63 -6.59 -3.06
N LEU B 20 -1.30 -6.02 -2.04
CA LEU B 20 -0.79 -5.93 -0.67
C LEU B 20 -1.87 -6.46 0.25
N ARG B 21 -1.41 -7.00 1.38
CA ARG B 21 -2.19 -7.58 2.45
C ARG B 21 -2.05 -6.69 3.68
N PHE B 22 -3.06 -6.68 4.54
CA PHE B 22 -3.10 -5.91 5.78
C PHE B 22 -3.94 -6.74 6.73
N SER B 23 -3.54 -6.82 8.00
CA SER B 23 -4.26 -7.57 9.00
C SER B 23 -5.59 -6.83 9.31
N PRO B 24 -6.57 -7.40 10.04
CA PRO B 24 -7.84 -6.74 10.29
C PRO B 24 -7.74 -5.50 11.17
N VAL B 25 -6.91 -5.56 12.20
CA VAL B 25 -6.70 -4.46 13.14
C VAL B 25 -6.02 -3.30 12.41
N GLU B 26 -4.98 -3.61 11.63
CA GLU B 26 -4.18 -2.65 10.89
C GLU B 26 -5.00 -2.01 9.77
N ASP B 27 -5.84 -2.80 9.10
CA ASP B 27 -6.71 -2.31 8.04
C ASP B 27 -7.71 -1.32 8.59
N GLU B 28 -8.30 -1.65 9.73
CA GLU B 28 -9.28 -0.82 10.42
C GLU B 28 -8.60 0.48 10.80
N THR B 29 -7.38 0.44 11.36
CA THR B 29 -6.63 1.64 11.74
C THR B 29 -6.49 2.53 10.51
N ILE B 30 -5.97 1.98 9.41
CA ILE B 30 -5.79 2.73 8.17
C ILE B 30 -7.12 3.32 7.71
N ARG B 31 -8.22 2.57 7.80
CA ARG B 31 -9.53 3.03 7.36
C ARG B 31 -9.96 4.25 8.17
N LYS B 32 -9.82 4.20 9.50
CA LYS B 32 -10.20 5.29 10.38
C LYS B 32 -9.32 6.50 10.13
N LYS B 33 -8.00 6.31 10.05
CA LYS B 33 -7.05 7.40 9.83
C LYS B 33 -7.38 8.09 8.51
N ALA B 34 -7.58 7.31 7.44
CA ALA B 34 -7.90 7.79 6.11
C ALA B 34 -9.20 8.61 6.08
N GLU B 35 -10.25 8.04 6.66
CA GLU B 35 -11.58 8.65 6.73
C GLU B 35 -11.50 10.03 7.38
N ASP B 36 -10.85 10.10 8.53
CA ASP B 36 -10.69 11.31 9.31
C ASP B 36 -9.79 12.33 8.61
N SER B 37 -8.69 11.85 8.05
CA SER B 37 -7.71 12.65 7.35
C SER B 37 -8.29 13.23 6.07
N GLY B 38 -9.40 12.66 5.56
CA GLY B 38 -10.01 13.13 4.34
C GLY B 38 -9.17 12.73 3.13
N LEU B 39 -8.32 11.73 3.29
CA LEU B 39 -7.43 11.15 2.31
C LEU B 39 -7.88 9.71 2.23
N THR B 40 -8.53 9.31 1.14
CA THR B 40 -9.02 7.94 0.96
C THR B 40 -7.88 6.94 1.23
N VAL B 41 -8.18 5.70 1.59
CA VAL B 41 -7.20 4.66 1.92
C VAL B 41 -6.03 4.61 0.93
N SER B 42 -6.29 4.68 -0.39
CA SER B 42 -5.21 4.64 -1.36
C SER B 42 -4.29 5.87 -1.26
N ALA B 43 -4.87 7.07 -1.09
CA ALA B 43 -4.16 8.34 -0.96
C ALA B 43 -3.38 8.33 0.35
N TYR B 44 -4.02 7.88 1.42
CA TYR B 44 -3.47 7.77 2.75
C TYR B 44 -2.20 6.92 2.71
N ILE B 45 -2.29 5.72 2.11
CA ILE B 45 -1.16 4.80 1.98
C ILE B 45 0.01 5.48 1.28
N ARG B 46 -0.19 5.96 0.05
CA ARG B 46 0.90 6.59 -0.70
C ARG B 46 1.47 7.77 0.07
N ASN B 47 0.64 8.68 0.58
CA ASN B 47 1.09 9.85 1.31
C ASN B 47 1.97 9.44 2.50
N ALA B 48 1.45 8.57 3.38
CA ALA B 48 2.17 8.10 4.56
C ALA B 48 3.47 7.37 4.21
N ALA B 49 3.55 6.76 3.02
CA ALA B 49 4.72 6.04 2.54
C ALA B 49 5.78 6.94 1.91
N LEU B 50 5.44 8.20 1.62
CA LEU B 50 6.38 9.15 1.01
C LEU B 50 6.79 10.24 2.00
N ASN B 51 5.89 10.57 2.93
CA ASN B 51 6.05 11.59 3.95
C ASN B 51 6.10 10.95 5.32
#